data_8ZE6
#
_entry.id   8ZE6
#
_cell.length_a   96.532
_cell.length_b   121.440
_cell.length_c   110.624
_cell.angle_alpha   90.00
_cell.angle_beta   105.13
_cell.angle_gamma   90.00
#
_symmetry.space_group_name_H-M   'P 1 21 1'
#
loop_
_entity.id
_entity.type
_entity.pdbx_description
1 polymer 'Dipeptidyl peptidase 4'
2 polymer 'Spike glycoprotein'
3 branched 2-acetamido-2-deoxy-beta-D-glucopyranose-(1-4)-2-acetamido-2-deoxy-beta-D-glucopyranose
4 non-polymer 2-acetamido-2-deoxy-beta-D-glucopyranose
5 non-polymer GLYCEROL
6 water water
#
loop_
_entity_poly.entity_id
_entity_poly.type
_entity_poly.pdbx_seq_one_letter_code
_entity_poly.pdbx_strand_id
1 'polypeptide(L)'
;RRTYTLTDYLKNTFRVKFYSLRWVSDHEYLYKQENNILLFNAEYGNSSIFLENSTFDEFGHSINDYSVSPDGQFILFEYN
YVKKWRHSYTASYDIYDLHKRQLITEERIPNNTQWITWSPVGHKLAYVWHNDIYIKKEPNLQSQRITWTGKEDVIYNGIT
DWVYEEEVFSAYSALWWSPNGTFLAYAQFNDTEVPLIEYSFYSDESLQYPKTMQVPYPKAGAANPTVKLFVVNTDSLNST
ANATSVQVVPPASVLIGDHYLCDVTWVNEERISLQWLRRIQNYSVLAICDYDKPTGRWASHVRQQHIESSTTGWVGRFKP
SEPHFTSDGNSFYKIISNKEGYKHICHFQVDRENCTFITKGVWEVIGIEALTSDDLYYISNEYKGMPGGRNLYKIQLNDH
TKVTCLSCELNTERCQYYSVSFSKEAKYYQLRCSGPGLPLYTLHSSSNDKELRVLEDNSALDKMLQDVQMPSKKLDFIIW
NGIKLWYQMILPPHFDKLKKYPLLIDVYAGPCSQKADTVFRLNWATYLASTEKIIVASFDGRGSGYQGDKILHAINRRLG
TLEVEDQIEAARQFTNMGFVDEKRIAIWGWSYGGYVTSMVLGAGSGVFKCGIAVAPVSRWEYYDSVYTERYMGLPTPEDN
LEHYRNSTVMSRAENFKQVEYLLIHGTADDNVHFQQSAQISKALVDAGVDFQAMWYTDEDHGIASSTAHQHIYTHMSHFI
KQCFSLPE
;
B,D
2 'polypeptide(L)'
;DKECDFTPMLVGVPPQVYNFKRLVFTNCNYNLTKLLSLFMVNEFSCNGISPDAIARGCYSSLTVDYFAYPLSMRSYIQPG
SAGDISLYNYKQSFANPTCRVLATAPANLTLTKPSAYGYFQKCSRVSGEHNSVETPLYINPGEYSICRSFSPYGFSEDGE
VFRRQLTQYEGGGILVGVGAKLAMTDKLEMGFIISVQYGTDTN
;
C,A
#
loop_
_chem_comp.id
_chem_comp.type
_chem_comp.name
_chem_comp.formula
GOL non-polymer GLYCEROL 'C3 H8 O3'
NAG D-saccharide, beta linking 2-acetamido-2-deoxy-beta-D-glucopyranose 'C8 H15 N O6'
#
# COMPACT_ATOMS: atom_id res chain seq x y z
N ARG A 2 2.91 27.70 9.56
CA ARG A 2 4.14 27.37 10.26
C ARG A 2 4.99 26.41 9.42
N THR A 3 6.17 26.86 9.00
CA THR A 3 7.08 26.06 8.22
C THR A 3 8.34 25.75 9.01
N TYR A 4 9.05 24.72 8.56
CA TYR A 4 10.31 24.31 9.21
C TYR A 4 11.38 25.33 8.87
N THR A 5 11.63 26.25 9.80
CA THR A 5 12.58 27.33 9.58
C THR A 5 14.02 26.86 9.81
N LEU A 6 14.97 27.73 9.43
CA LEU A 6 16.38 27.42 9.65
C LEU A 6 16.73 27.43 11.13
N THR A 7 16.04 28.26 11.91
CA THR A 7 16.27 28.29 13.36
C THR A 7 15.89 26.97 13.99
N ASP A 8 14.82 26.33 13.51
CA ASP A 8 14.41 25.04 14.06
C ASP A 8 15.43 23.95 13.77
N TYR A 9 16.17 24.07 12.67
CA TYR A 9 17.19 23.07 12.33
C TYR A 9 18.52 23.35 13.04
N LEU A 10 18.86 24.61 13.26
CA LEU A 10 20.12 24.96 13.91
C LEU A 10 20.02 25.07 15.42
N LYS A 11 18.81 25.23 15.97
CA LYS A 11 18.61 25.21 17.41
C LYS A 11 17.94 23.91 17.88
N ASN A 12 17.82 22.93 16.99
CA ASN A 12 17.28 21.60 17.29
C ASN A 12 15.96 21.69 18.06
N THR A 13 14.94 22.14 17.33
CA THR A 13 13.61 22.31 17.92
C THR A 13 12.84 21.00 17.92
N PHE A 14 12.66 20.40 16.74
CA PHE A 14 12.00 19.11 16.60
C PHE A 14 13.05 18.01 16.70
N ARG A 15 13.08 17.31 17.83
CA ARG A 15 14.13 16.34 18.11
C ARG A 15 13.59 14.93 17.94
N VAL A 16 14.36 14.09 17.26
CA VAL A 16 14.00 12.68 17.09
C VAL A 16 14.55 11.89 18.26
N LYS A 17 13.82 10.85 18.65
CA LYS A 17 14.15 10.04 19.81
C LYS A 17 14.57 8.64 19.39
N PHE A 18 15.48 8.05 20.17
CA PHE A 18 16.00 6.72 19.92
C PHE A 18 15.94 5.89 21.21
N TYR A 19 16.40 4.65 21.12
CA TYR A 19 16.40 3.71 22.25
C TYR A 19 17.67 2.87 22.14
N SER A 20 18.75 3.35 22.74
CA SER A 20 20.05 2.69 22.68
C SER A 20 20.20 1.77 23.89
N LEU A 21 20.33 0.47 23.63
CA LEU A 21 20.49 -0.53 24.67
C LEU A 21 21.82 -1.27 24.48
N ARG A 22 22.19 -2.04 25.49
CA ARG A 22 23.39 -2.88 25.45
C ARG A 22 23.03 -4.26 25.99
N TRP A 23 23.02 -5.26 25.12
CA TRP A 23 22.74 -6.62 25.54
C TRP A 23 23.87 -7.14 26.42
N VAL A 24 23.56 -7.46 27.68
CA VAL A 24 24.53 -8.03 28.60
C VAL A 24 24.35 -9.53 28.78
N SER A 25 23.39 -10.14 28.10
CA SER A 25 23.16 -11.57 28.18
C SER A 25 22.32 -11.98 26.97
N ASP A 26 21.81 -13.22 27.01
CA ASP A 26 20.92 -13.70 25.96
C ASP A 26 19.49 -13.19 26.12
N HIS A 27 19.14 -12.66 27.31
CA HIS A 27 17.78 -12.19 27.53
C HIS A 27 17.73 -10.92 28.39
N GLU A 28 18.84 -10.20 28.52
CA GLU A 28 18.89 -8.99 29.33
C GLU A 28 19.63 -7.90 28.57
N TYR A 29 19.26 -6.65 28.85
CA TYR A 29 19.97 -5.51 28.29
C TYR A 29 19.95 -4.36 29.29
N LEU A 30 20.83 -3.40 29.06
CA LEU A 30 20.95 -2.20 29.89
C LEU A 30 20.39 -0.99 29.13
N TYR A 31 19.85 -0.05 29.89
CA TYR A 31 19.22 1.13 29.30
C TYR A 31 19.46 2.33 30.20
N LYS A 32 20.05 3.38 29.63
CA LYS A 32 20.32 4.61 30.36
C LYS A 32 19.08 5.50 30.29
N GLN A 33 18.38 5.64 31.41
CA GLN A 33 17.13 6.37 31.46
C GLN A 33 17.20 7.38 32.61
N GLU A 34 17.21 8.67 32.28
CA GLU A 34 17.26 9.75 33.26
C GLU A 34 18.47 9.59 34.19
N ASN A 35 19.62 9.33 33.58
CA ASN A 35 20.89 9.11 34.30
C ASN A 35 20.79 7.98 35.31
N ASN A 36 20.00 6.95 34.98
CA ASN A 36 19.91 5.73 35.77
C ASN A 36 20.16 4.53 34.86
N ILE A 37 21.12 3.70 35.22
CA ILE A 37 21.39 2.48 34.46
C ILE A 37 20.37 1.42 34.90
N LEU A 38 19.56 0.96 33.95
CA LEU A 38 18.46 0.05 34.24
C LEU A 38 18.68 -1.27 33.51
N LEU A 39 18.37 -2.37 34.20
CA LEU A 39 18.45 -3.71 33.64
C LEU A 39 17.05 -4.20 33.30
N PHE A 40 16.92 -4.79 32.11
CA PHE A 40 15.63 -5.21 31.59
C PHE A 40 15.63 -6.69 31.26
N ASN A 41 14.54 -7.37 31.61
CA ASN A 41 14.30 -8.74 31.18
C ASN A 41 13.56 -8.71 29.84
N ALA A 42 14.15 -9.33 28.82
CA ALA A 42 13.62 -9.19 27.47
C ALA A 42 12.27 -9.85 27.32
N GLU A 43 12.03 -10.97 28.01
CA GLU A 43 10.79 -11.71 27.79
C GLU A 43 9.57 -10.92 28.24
N TYR A 44 9.64 -10.28 29.41
CA TYR A 44 8.47 -9.65 30.00
C TYR A 44 8.59 -8.13 30.16
N GLY A 45 9.78 -7.56 30.00
CA GLY A 45 9.93 -6.13 30.05
C GLY A 45 10.03 -5.52 31.42
N ASN A 46 10.12 -6.32 32.48
CA ASN A 46 10.28 -5.79 33.82
C ASN A 46 11.72 -5.30 34.03
N SER A 47 11.85 -4.16 34.71
CA SER A 47 13.12 -3.46 34.81
C SER A 47 13.68 -3.50 36.23
N SER A 48 14.99 -3.28 36.34
CA SER A 48 15.69 -3.25 37.62
C SER A 48 16.66 -2.08 37.64
N ILE A 49 16.95 -1.58 38.84
CA ILE A 49 17.87 -0.46 39.02
C ILE A 49 19.26 -1.08 39.16
N PHE A 50 19.96 -1.19 38.04
CA PHE A 50 21.34 -1.68 38.10
C PHE A 50 22.25 -0.66 38.78
N LEU A 51 22.07 0.62 38.45
CA LEU A 51 22.80 1.68 39.12
C LEU A 51 21.98 2.96 39.06
N GLU A 52 22.09 3.77 40.10
CA GLU A 52 21.17 4.89 40.31
C GLU A 52 21.84 6.21 40.00
N ASN A 53 20.98 7.22 39.81
CA ASN A 53 21.33 8.63 39.90
C ASN A 53 22.44 8.92 40.90
N SER A 54 22.15 8.67 42.18
CA SER A 54 23.05 9.06 43.26
C SER A 54 24.42 8.41 43.16
N THR A 55 24.58 7.39 42.33
CA THR A 55 25.90 6.78 42.17
C THR A 55 26.81 7.66 41.32
N PHE A 56 26.36 8.03 40.12
CA PHE A 56 27.13 8.93 39.28
C PHE A 56 26.91 10.37 39.73
N ASP A 57 27.59 11.31 39.06
CA ASP A 57 27.54 12.73 39.36
C ASP A 57 27.94 13.04 40.80
N GLU A 58 28.60 12.09 41.47
CA GLU A 58 29.14 12.29 42.81
C GLU A 58 30.64 12.04 42.84
N PHE A 59 31.28 11.92 41.67
CA PHE A 59 32.71 11.69 41.57
C PHE A 59 33.50 12.97 41.37
N GLY A 60 32.84 14.08 41.06
CA GLY A 60 33.52 15.34 40.83
C GLY A 60 33.81 15.68 39.38
N HIS A 61 33.11 15.05 38.43
CA HIS A 61 33.34 15.28 37.01
C HIS A 61 32.19 14.69 36.22
N SER A 62 31.94 15.27 35.05
CA SER A 62 30.89 14.78 34.18
C SER A 62 31.31 13.47 33.53
N ILE A 63 30.50 12.43 33.71
CA ILE A 63 30.79 11.12 33.15
C ILE A 63 30.35 11.08 31.69
N ASN A 64 31.24 10.59 30.82
CA ASN A 64 30.95 10.51 29.40
C ASN A 64 30.34 9.16 29.02
N ASP A 65 30.97 8.06 29.42
CA ASP A 65 30.49 6.73 29.06
C ASP A 65 30.88 5.75 30.14
N TYR A 66 30.32 4.54 30.05
CA TYR A 66 30.58 3.48 31.00
C TYR A 66 30.82 2.17 30.25
N SER A 67 31.38 1.19 30.95
CA SER A 67 31.64 -0.12 30.35
C SER A 67 31.55 -1.16 31.47
N VAL A 68 30.41 -1.82 31.55
CA VAL A 68 30.21 -2.86 32.55
C VAL A 68 31.02 -4.10 32.18
N SER A 69 31.74 -4.65 33.14
CA SER A 69 32.49 -5.87 32.89
C SER A 69 31.53 -7.03 32.62
N PRO A 70 31.96 -8.01 31.81
CA PRO A 70 31.04 -9.11 31.46
C PRO A 70 30.50 -9.88 32.65
N ASP A 71 31.24 -9.95 33.75
CA ASP A 71 30.77 -10.65 34.94
C ASP A 71 29.93 -9.76 35.85
N GLY A 72 29.63 -8.54 35.43
CA GLY A 72 28.76 -7.66 36.20
C GLY A 72 29.33 -7.25 37.54
N GLN A 73 30.66 -7.25 37.68
CA GLN A 73 31.30 -6.88 38.93
C GLN A 73 31.94 -5.51 38.93
N PHE A 74 32.24 -4.95 37.76
CA PHE A 74 32.93 -3.67 37.69
C PHE A 74 32.40 -2.86 36.52
N ILE A 75 32.56 -1.54 36.61
CA ILE A 75 32.19 -0.60 35.56
C ILE A 75 33.33 0.39 35.39
N LEU A 76 33.71 0.63 34.14
CA LEU A 76 34.63 1.72 33.83
C LEU A 76 33.85 3.03 33.72
N PHE A 77 34.49 4.12 34.12
CA PHE A 77 33.88 5.44 34.09
C PHE A 77 34.78 6.40 33.32
N GLU A 78 34.31 6.82 32.15
CA GLU A 78 35.10 7.64 31.25
C GLU A 78 34.82 9.13 31.49
N TYR A 79 35.88 9.91 31.59
CA TYR A 79 35.77 11.36 31.75
C TYR A 79 37.06 11.98 31.23
N ASN A 80 37.12 13.32 31.28
CA ASN A 80 38.21 14.09 30.68
C ASN A 80 38.34 13.76 29.20
N TYR A 81 37.20 13.69 28.51
CA TYR A 81 37.16 13.33 27.10
C TYR A 81 37.75 14.45 26.25
N VAL A 82 38.71 14.11 25.41
CA VAL A 82 39.31 15.05 24.45
C VAL A 82 39.30 14.38 23.08
N LYS A 83 38.65 15.01 22.11
CA LYS A 83 38.50 14.46 20.78
C LYS A 83 39.79 14.59 19.98
N LYS A 84 40.00 13.64 19.07
CA LYS A 84 41.15 13.63 18.18
C LYS A 84 40.78 12.83 16.94
N TRP A 85 40.66 13.51 15.81
CA TRP A 85 40.20 12.90 14.56
C TRP A 85 38.82 12.29 14.72
N ARG A 86 38.43 11.41 13.81
CA ARG A 86 37.06 10.91 13.77
C ARG A 86 36.77 9.96 14.93
N HIS A 87 37.55 8.88 15.06
CA HIS A 87 37.27 7.85 16.06
C HIS A 87 38.18 7.93 17.27
N SER A 88 39.36 8.55 17.17
CA SER A 88 40.30 8.55 18.27
C SER A 88 39.91 9.60 19.31
N TYR A 89 40.38 9.37 20.54
CA TYR A 89 40.20 10.30 21.65
C TYR A 89 40.98 9.77 22.84
N THR A 90 41.25 10.67 23.79
CA THR A 90 41.89 10.32 25.05
C THR A 90 40.98 10.73 26.20
N ALA A 91 41.09 10.01 27.31
CA ALA A 91 40.20 10.24 28.45
C ALA A 91 40.81 9.61 29.69
N SER A 92 40.15 9.81 30.82
CA SER A 92 40.52 9.21 32.09
C SER A 92 39.48 8.15 32.46
N TYR A 93 39.87 7.25 33.36
CA TYR A 93 39.02 6.13 33.74
C TYR A 93 39.17 5.81 35.21
N ASP A 94 38.03 5.65 35.88
CA ASP A 94 37.97 5.18 37.26
C ASP A 94 37.09 3.94 37.30
N ILE A 95 37.57 2.89 37.96
CA ILE A 95 36.85 1.63 38.06
C ILE A 95 35.96 1.67 39.29
N TYR A 96 34.80 1.02 39.19
CA TYR A 96 33.82 0.99 40.28
C TYR A 96 33.43 -0.45 40.57
N ASP A 97 33.62 -0.87 41.82
CA ASP A 97 33.30 -2.23 42.22
C ASP A 97 31.79 -2.35 42.49
N LEU A 98 31.17 -3.37 41.89
CA LEU A 98 29.73 -3.57 42.12
C LEU A 98 29.47 -4.14 43.50
N HIS A 99 30.24 -5.16 43.90
CA HIS A 99 29.97 -5.84 45.16
C HIS A 99 30.21 -4.92 46.35
N LYS A 100 31.43 -4.40 46.49
CA LYS A 100 31.74 -3.53 47.61
C LYS A 100 31.13 -2.14 47.47
N ARG A 101 30.64 -1.78 46.29
CA ARG A 101 30.07 -0.45 46.04
C ARG A 101 31.12 0.64 46.30
N GLN A 102 32.35 0.39 45.86
CA GLN A 102 33.47 1.30 46.11
C GLN A 102 34.16 1.65 44.80
N LEU A 103 34.77 2.83 44.77
CA LEU A 103 35.59 3.26 43.65
C LEU A 103 37.01 2.80 43.90
N ILE A 104 37.56 1.99 42.99
CA ILE A 104 38.90 1.44 43.19
C ILE A 104 39.92 2.57 43.07
N THR A 105 40.72 2.76 44.12
CA THR A 105 41.76 3.78 44.15
C THR A 105 43.17 3.19 44.18
N GLU A 106 43.30 1.86 44.22
CA GLU A 106 44.60 1.21 44.20
C GLU A 106 45.00 0.92 42.75
N GLU A 107 46.09 1.55 42.30
CA GLU A 107 46.60 1.39 40.94
C GLU A 107 45.54 1.81 39.92
N ARG A 108 45.31 3.11 39.87
CA ARG A 108 44.30 3.69 38.98
C ARG A 108 44.80 3.72 37.54
N ILE A 109 43.85 3.78 36.62
CA ILE A 109 44.19 3.95 35.20
C ILE A 109 44.79 5.34 35.00
N PRO A 110 45.90 5.47 34.29
CA PRO A 110 46.55 6.78 34.16
C PRO A 110 45.74 7.73 33.29
N ASN A 111 46.05 9.02 33.44
CA ASN A 111 45.43 10.03 32.61
C ASN A 111 45.93 9.92 31.17
N ASN A 112 45.16 10.51 30.25
CA ASN A 112 45.48 10.51 28.82
C ASN A 112 45.58 9.09 28.26
N THR A 113 44.76 8.18 28.79
CA THR A 113 44.70 6.84 28.23
C THR A 113 44.05 6.86 26.86
N GLN A 114 44.64 6.13 25.92
CA GLN A 114 44.22 6.17 24.52
C GLN A 114 43.13 5.16 24.20
N TRP A 115 43.16 3.99 24.82
CA TRP A 115 42.16 2.96 24.58
C TRP A 115 42.10 2.05 25.80
N ILE A 116 40.92 1.47 26.03
CA ILE A 116 40.73 0.53 27.13
C ILE A 116 39.56 -0.38 26.77
N THR A 117 39.63 -1.63 27.20
CA THR A 117 38.59 -2.60 26.90
C THR A 117 38.64 -3.74 27.92
N TRP A 118 37.48 -4.34 28.16
CA TRP A 118 37.42 -5.54 28.98
C TRP A 118 37.71 -6.77 28.11
N SER A 119 38.00 -7.88 28.79
CA SER A 119 38.02 -9.16 28.12
C SER A 119 36.58 -9.60 27.85
N PRO A 120 36.37 -10.51 26.89
CA PRO A 120 34.99 -10.96 26.61
C PRO A 120 34.35 -11.68 27.79
N VAL A 121 35.15 -12.23 28.70
CA VAL A 121 34.64 -12.83 29.93
C VAL A 121 35.46 -12.29 31.09
N GLY A 122 34.87 -12.37 32.28
CA GLY A 122 35.58 -11.97 33.49
C GLY A 122 35.67 -10.48 33.69
N HIS A 123 36.81 -10.02 34.20
CA HIS A 123 37.02 -8.62 34.54
C HIS A 123 38.47 -8.21 34.26
N LYS A 124 39.06 -8.76 33.20
CA LYS A 124 40.43 -8.43 32.82
C LYS A 124 40.45 -7.21 31.91
N LEU A 125 41.44 -6.35 32.12
CA LEU A 125 41.54 -5.07 31.43
C LEU A 125 42.83 -4.97 30.64
N ALA A 126 42.72 -4.44 29.42
CA ALA A 126 43.88 -4.14 28.58
C ALA A 126 43.71 -2.73 28.04
N TYR A 127 44.63 -1.85 28.38
CA TYR A 127 44.55 -0.46 27.96
C TYR A 127 45.87 -0.03 27.32
N VAL A 128 45.76 0.95 26.41
CA VAL A 128 46.91 1.48 25.68
C VAL A 128 47.17 2.90 26.19
N TRP A 129 48.38 3.13 26.71
CA TRP A 129 48.78 4.42 27.23
C TRP A 129 50.17 4.75 26.72
N HIS A 130 50.32 5.95 26.14
CA HIS A 130 51.57 6.39 25.53
C HIS A 130 52.05 5.40 24.47
N ASN A 131 51.11 4.93 23.64
CA ASN A 131 51.39 4.01 22.53
C ASN A 131 51.97 2.69 23.02
N ASP A 132 51.65 2.29 24.24
CA ASP A 132 52.11 1.02 24.80
C ASP A 132 50.94 0.31 25.47
N ILE A 133 50.95 -1.01 25.39
CA ILE A 133 49.87 -1.86 25.89
C ILE A 133 50.18 -2.29 27.32
N TYR A 134 49.17 -2.21 28.18
CA TYR A 134 49.28 -2.63 29.57
C TYR A 134 48.14 -3.58 29.90
N ILE A 135 48.46 -4.67 30.60
CA ILE A 135 47.50 -5.69 30.98
C ILE A 135 47.25 -5.58 32.48
N LYS A 136 46.00 -5.35 32.85
CA LYS A 136 45.58 -5.30 34.25
C LYS A 136 44.71 -6.53 34.51
N LYS A 137 45.28 -7.52 35.22
CA LYS A 137 44.56 -8.76 35.49
C LYS A 137 43.39 -8.50 36.43
N GLU A 138 43.66 -7.94 37.60
CA GLU A 138 42.62 -7.59 38.56
C GLU A 138 42.58 -6.08 38.75
N PRO A 139 41.39 -5.50 38.90
CA PRO A 139 41.29 -4.02 38.92
C PRO A 139 42.10 -3.36 40.02
N ASN A 140 42.42 -4.05 41.10
CA ASN A 140 43.14 -3.46 42.22
C ASN A 140 44.63 -3.82 42.22
N LEU A 141 45.14 -4.41 41.15
CA LEU A 141 46.53 -4.82 41.06
C LEU A 141 47.27 -3.99 40.02
N GLN A 142 48.60 -4.09 40.06
CA GLN A 142 49.44 -3.35 39.13
C GLN A 142 49.23 -3.84 37.71
N SER A 143 49.18 -2.90 36.77
CA SER A 143 49.16 -3.27 35.36
C SER A 143 50.53 -3.75 34.93
N GLN A 144 50.56 -4.57 33.89
CA GLN A 144 51.79 -5.19 33.40
C GLN A 144 52.07 -4.67 31.99
N ARG A 145 53.17 -3.94 31.84
CA ARG A 145 53.52 -3.37 30.54
C ARG A 145 53.89 -4.47 29.57
N ILE A 146 53.30 -4.44 28.38
CA ILE A 146 53.50 -5.47 27.37
C ILE A 146 54.49 -5.03 26.31
N THR A 147 54.44 -3.77 25.90
CA THR A 147 55.30 -3.25 24.84
C THR A 147 56.14 -2.10 25.38
N TRP A 148 57.30 -1.90 24.75
CA TRP A 148 58.21 -0.83 25.15
C TRP A 148 58.67 0.02 23.97
N THR A 149 58.22 -0.29 22.75
CA THR A 149 58.62 0.44 21.55
C THR A 149 57.68 1.60 21.22
N GLY A 150 56.74 1.91 22.10
CA GLY A 150 55.79 2.98 21.85
C GLY A 150 56.42 4.35 21.75
N LYS A 151 56.16 5.05 20.66
CA LYS A 151 56.68 6.40 20.44
C LYS A 151 55.64 7.20 19.67
N GLU A 152 55.45 8.46 20.07
CA GLU A 152 54.40 9.27 19.50
C GLU A 152 54.68 9.56 18.03
N ASP A 153 53.66 9.37 17.18
CA ASP A 153 53.72 9.64 15.75
C ASP A 153 54.77 8.80 15.03
N VAL A 154 55.20 7.69 15.63
CA VAL A 154 56.15 6.79 14.99
C VAL A 154 55.65 5.36 15.08
N ILE A 155 55.58 4.82 16.30
CA ILE A 155 55.16 3.45 16.54
C ILE A 155 53.85 3.47 17.31
N TYR A 156 52.88 2.69 16.84
CA TYR A 156 51.56 2.58 17.46
C TYR A 156 51.33 1.13 17.87
N ASN A 157 51.17 0.91 19.18
CA ASN A 157 50.91 -0.42 19.73
C ASN A 157 49.52 -0.45 20.33
N GLY A 158 48.68 -1.36 19.81
CA GLY A 158 47.30 -1.46 20.23
C GLY A 158 46.39 -0.39 19.68
N ILE A 159 46.93 0.64 19.03
CA ILE A 159 46.14 1.71 18.42
C ILE A 159 46.56 1.83 16.95
N THR A 160 45.75 2.55 16.19
CA THR A 160 45.99 2.79 14.78
C THR A 160 46.64 4.15 14.57
N ASP A 161 47.15 4.36 13.35
CA ASP A 161 47.60 5.70 12.97
C ASP A 161 46.42 6.46 12.37
N TRP A 162 46.71 7.42 11.49
CA TRP A 162 45.62 8.21 10.93
C TRP A 162 44.93 7.49 9.78
N VAL A 163 45.71 6.94 8.85
CA VAL A 163 45.13 6.34 7.64
C VAL A 163 44.47 4.99 7.93
N TYR A 164 44.89 4.28 8.98
CA TYR A 164 44.20 3.06 9.37
C TYR A 164 42.89 3.37 10.08
N GLU A 165 42.88 4.40 10.93
CA GLU A 165 41.67 4.75 11.67
C GLU A 165 40.58 5.27 10.73
N GLU A 166 40.96 6.05 9.71
CA GLU A 166 39.96 6.71 8.88
C GLU A 166 39.44 5.80 7.76
N GLU A 167 40.32 4.98 7.18
CA GLU A 167 39.99 4.29 5.93
C GLU A 167 39.98 2.78 6.02
N VAL A 168 40.79 2.18 6.90
CA VAL A 168 40.89 0.71 6.92
C VAL A 168 40.04 0.13 8.04
N PHE A 169 40.36 0.51 9.29
CA PHE A 169 39.67 -0.07 10.44
C PHE A 169 38.39 0.66 10.83
N SER A 170 38.25 1.93 10.44
CA SER A 170 37.11 2.76 10.86
C SER A 170 36.95 2.75 12.37
N ALA A 171 38.07 2.68 13.08
CA ALA A 171 38.10 2.61 14.54
C ALA A 171 39.52 2.86 15.01
N TYR A 172 39.63 3.48 16.20
CA TYR A 172 40.92 3.74 16.79
C TYR A 172 41.56 2.47 17.35
N SER A 173 40.78 1.41 17.54
CA SER A 173 41.24 0.24 18.26
C SER A 173 42.01 -0.71 17.35
N ALA A 174 43.02 -1.37 17.93
CA ALA A 174 43.76 -2.46 17.32
C ALA A 174 44.10 -3.51 18.36
N LEU A 175 43.14 -3.83 19.22
CA LEU A 175 43.27 -4.86 20.25
C LEU A 175 42.14 -5.86 20.08
N TRP A 176 42.47 -7.15 20.17
CA TRP A 176 41.48 -8.20 19.98
C TRP A 176 41.73 -9.31 21.00
N TRP A 177 40.86 -9.39 22.00
CA TRP A 177 40.95 -10.46 22.98
C TRP A 177 40.44 -11.77 22.38
N SER A 178 40.92 -12.88 22.94
CA SER A 178 40.42 -14.19 22.57
C SER A 178 39.01 -14.39 23.14
N PRO A 179 38.26 -15.38 22.64
CA PRO A 179 36.88 -15.58 23.11
C PRO A 179 36.70 -15.60 24.63
N ASN A 180 37.63 -16.17 25.39
CA ASN A 180 37.53 -16.11 26.85
C ASN A 180 38.83 -15.60 27.48
N GLY A 181 39.54 -14.72 26.79
CA GLY A 181 40.60 -13.96 27.41
C GLY A 181 41.91 -14.68 27.65
N THR A 182 42.19 -15.75 26.90
CA THR A 182 43.50 -16.39 27.03
C THR A 182 44.59 -15.59 26.36
N PHE A 183 44.31 -15.06 25.17
CA PHE A 183 45.27 -14.32 24.37
C PHE A 183 44.78 -12.90 24.13
N LEU A 184 45.67 -12.06 23.63
CA LEU A 184 45.34 -10.70 23.22
C LEU A 184 46.09 -10.41 21.92
N ALA A 185 45.38 -10.43 20.80
CA ALA A 185 45.98 -10.10 19.52
C ALA A 185 45.96 -8.60 19.31
N TYR A 186 47.10 -8.04 18.89
CA TYR A 186 47.18 -6.62 18.60
C TYR A 186 48.04 -6.40 17.37
N ALA A 187 47.92 -5.20 16.81
CA ALA A 187 48.71 -4.79 15.66
C ALA A 187 49.72 -3.73 16.07
N GLN A 188 50.75 -3.58 15.25
CA GLN A 188 51.79 -2.57 15.46
C GLN A 188 52.03 -1.85 14.14
N PHE A 189 51.97 -0.52 14.18
CA PHE A 189 52.11 0.31 12.99
C PHE A 189 53.35 1.19 13.12
N ASN A 190 54.05 1.37 12.01
CA ASN A 190 55.35 2.03 11.97
C ASN A 190 55.27 3.17 10.96
N ASP A 191 55.15 4.41 11.45
CA ASP A 191 55.05 5.58 10.59
C ASP A 191 56.34 6.38 10.61
N THR A 192 57.47 5.71 10.44
CA THR A 192 58.76 6.39 10.48
C THR A 192 59.09 7.07 9.15
N GLU A 193 58.86 6.38 8.03
CA GLU A 193 59.10 6.93 6.70
C GLU A 193 57.86 7.56 6.09
N VAL A 194 56.75 7.60 6.82
CA VAL A 194 55.51 8.22 6.34
C VAL A 194 55.65 9.73 6.46
N PRO A 195 55.46 10.49 5.38
CA PRO A 195 55.58 11.95 5.47
C PRO A 195 54.51 12.54 6.37
N LEU A 196 54.75 13.79 6.77
CA LEU A 196 53.88 14.49 7.72
C LEU A 196 53.18 15.66 7.04
N ILE A 197 51.87 15.73 7.21
CA ILE A 197 51.13 16.93 6.84
C ILE A 197 51.29 17.94 7.97
N GLU A 198 51.52 19.20 7.60
CA GLU A 198 51.76 20.25 8.58
C GLU A 198 50.83 21.42 8.29
N TYR A 199 50.02 21.79 9.27
CA TYR A 199 49.11 22.91 9.16
C TYR A 199 49.13 23.69 10.47
N SER A 200 48.55 24.88 10.43
CA SER A 200 48.59 25.79 11.58
C SER A 200 47.34 25.63 12.45
N PHE A 201 47.53 25.82 13.75
CA PHE A 201 46.43 25.87 14.71
C PHE A 201 46.59 27.15 15.52
N TYR A 202 45.54 27.97 15.54
CA TYR A 202 45.62 29.30 16.12
C TYR A 202 45.11 29.37 17.55
N SER A 203 44.31 28.40 17.98
CA SER A 203 43.87 28.23 19.37
C SER A 203 43.09 29.48 19.81
N ASP A 204 43.10 29.77 21.10
CA ASP A 204 42.38 30.90 21.65
C ASP A 204 43.11 32.21 21.34
N GLU A 205 42.44 33.32 21.66
CA GLU A 205 43.02 34.64 21.42
C GLU A 205 44.27 34.89 22.26
N SER A 206 44.47 34.12 23.34
CA SER A 206 45.59 34.36 24.23
C SER A 206 46.92 33.89 23.64
N LEU A 207 46.89 33.04 22.61
CA LEU A 207 48.10 32.48 22.05
C LEU A 207 48.76 33.49 21.10
N GLN A 208 50.00 33.89 21.41
CA GLN A 208 50.69 34.88 20.60
C GLN A 208 51.25 34.25 19.32
N TYR A 209 51.92 33.12 19.44
CA TYR A 209 52.46 32.40 18.29
C TYR A 209 51.64 31.14 18.05
N PRO A 210 51.02 30.98 16.89
CA PRO A 210 50.21 29.79 16.63
C PRO A 210 51.05 28.52 16.63
N LYS A 211 50.35 27.38 16.67
CA LYS A 211 50.98 26.08 16.73
C LYS A 211 50.93 25.40 15.36
N THR A 212 51.97 24.64 15.04
CA THR A 212 52.05 23.91 13.78
C THR A 212 51.77 22.44 14.05
N MET A 213 50.58 21.99 13.68
CA MET A 213 50.21 20.59 13.86
C MET A 213 50.94 19.71 12.84
N GLN A 214 51.36 18.53 13.29
CA GLN A 214 52.09 17.58 12.45
C GLN A 214 51.45 16.21 12.59
N VAL A 215 50.95 15.68 11.48
CA VAL A 215 50.31 14.37 11.47
C VAL A 215 50.95 13.52 10.38
N PRO A 216 51.40 12.29 10.68
CA PRO A 216 51.90 11.40 9.61
C PRO A 216 50.80 11.03 8.64
N TYR A 217 50.84 11.58 7.43
CA TYR A 217 49.77 11.46 6.46
C TYR A 217 50.30 10.82 5.19
N PRO A 218 49.83 9.64 4.80
CA PRO A 218 50.27 9.03 3.54
C PRO A 218 49.42 9.50 2.37
N LYS A 219 49.93 10.45 1.58
CA LYS A 219 49.22 10.87 0.39
C LYS A 219 49.44 9.85 -0.74
N ALA A 220 48.74 10.08 -1.84
CA ALA A 220 48.77 9.16 -2.97
C ALA A 220 50.19 8.93 -3.45
N GLY A 221 50.67 7.70 -3.31
CA GLY A 221 52.01 7.33 -3.70
C GLY A 221 53.06 7.43 -2.61
N ALA A 222 52.76 8.11 -1.52
CA ALA A 222 53.73 8.28 -0.45
C ALA A 222 53.96 6.95 0.28
N ALA A 223 54.92 6.97 1.20
CA ALA A 223 55.22 5.77 1.98
C ALA A 223 54.09 5.48 2.96
N ASN A 224 53.61 4.24 2.96
CA ASN A 224 52.54 3.78 3.83
C ASN A 224 53.11 3.16 5.11
N PRO A 225 52.36 3.18 6.20
CA PRO A 225 52.83 2.52 7.42
C PRO A 225 52.85 1.00 7.25
N THR A 226 53.89 0.38 7.79
CA THR A 226 54.00 -1.08 7.79
C THR A 226 53.25 -1.66 8.98
N VAL A 227 52.77 -2.89 8.81
CA VAL A 227 51.89 -3.52 9.79
C VAL A 227 52.49 -4.83 10.26
N LYS A 228 52.43 -5.07 11.57
CA LYS A 228 52.86 -6.32 12.18
C LYS A 228 51.85 -6.68 13.26
N LEU A 229 51.32 -7.90 13.21
CA LEU A 229 50.34 -8.37 14.18
C LEU A 229 51.01 -9.32 15.18
N PHE A 230 50.75 -9.09 16.46
CA PHE A 230 51.34 -9.86 17.53
C PHE A 230 50.26 -10.47 18.42
N VAL A 231 50.57 -11.62 19.01
CA VAL A 231 49.70 -12.31 19.95
C VAL A 231 50.50 -12.58 21.22
N VAL A 232 49.88 -12.30 22.37
CA VAL A 232 50.53 -12.46 23.67
C VAL A 232 49.63 -13.32 24.56
N ASN A 233 50.25 -14.20 25.34
CA ASN A 233 49.54 -15.07 26.27
C ASN A 233 49.39 -14.35 27.61
N THR A 234 48.16 -13.97 27.94
CA THR A 234 47.90 -13.23 29.17
C THR A 234 47.79 -14.13 30.40
N ASP A 235 47.45 -15.41 30.21
CA ASP A 235 47.34 -16.33 31.33
C ASP A 235 48.67 -16.94 31.73
N SER A 236 49.75 -16.64 31.01
CA SER A 236 51.10 -17.07 31.37
C SER A 236 51.97 -15.87 31.73
N LEU A 237 51.37 -14.89 32.42
CA LEU A 237 52.01 -13.60 32.68
C LEU A 237 52.65 -13.63 34.07
N ASN A 238 53.93 -13.96 34.11
CA ASN A 238 54.70 -13.86 35.35
C ASN A 238 54.96 -12.39 35.65
N SER A 239 54.50 -11.93 36.81
CA SER A 239 54.66 -10.52 37.19
C SER A 239 56.11 -10.12 37.40
N THR A 240 57.05 -11.06 37.38
CA THR A 240 58.47 -10.77 37.52
C THR A 240 59.23 -10.82 36.21
N ALA A 241 58.60 -11.26 35.13
CA ALA A 241 59.24 -11.39 33.82
C ALA A 241 58.57 -10.47 32.82
N ASN A 242 59.19 -10.37 31.64
CA ASN A 242 58.67 -9.55 30.55
C ASN A 242 57.67 -10.33 29.71
N ALA A 243 56.83 -9.59 28.99
CA ALA A 243 55.80 -10.20 28.16
C ALA A 243 56.36 -10.60 26.81
N THR A 244 55.93 -11.77 26.32
CA THR A 244 56.38 -12.31 25.05
C THR A 244 55.25 -12.22 24.02
N SER A 245 55.55 -11.58 22.89
CA SER A 245 54.58 -11.40 21.81
C SER A 245 55.07 -12.14 20.57
N VAL A 246 54.32 -13.14 20.14
CA VAL A 246 54.62 -13.88 18.92
C VAL A 246 53.93 -13.17 17.76
N GLN A 247 54.60 -13.12 16.61
CA GLN A 247 54.08 -12.46 15.43
C GLN A 247 53.48 -13.47 14.46
N VAL A 248 52.33 -13.13 13.90
CA VAL A 248 51.69 -13.96 12.88
C VAL A 248 52.12 -13.44 11.52
N VAL A 249 52.81 -14.29 10.76
CA VAL A 249 53.34 -13.90 9.46
C VAL A 249 52.24 -14.04 8.42
N PRO A 250 51.94 -12.99 7.64
CA PRO A 250 50.94 -13.11 6.58
C PRO A 250 51.41 -14.04 5.49
N PRO A 251 50.50 -14.55 4.66
CA PRO A 251 50.92 -15.42 3.56
C PRO A 251 51.80 -14.70 2.56
N ALA A 252 52.47 -15.49 1.71
CA ALA A 252 53.46 -14.94 0.78
C ALA A 252 52.82 -14.14 -0.34
N SER A 253 51.53 -14.34 -0.62
CA SER A 253 50.90 -13.63 -1.74
C SER A 253 50.81 -12.13 -1.49
N VAL A 254 50.78 -11.70 -0.22
CA VAL A 254 50.73 -10.28 0.10
C VAL A 254 52.08 -9.73 0.56
N LEU A 255 53.04 -10.61 0.84
CA LEU A 255 54.38 -10.17 1.26
C LEU A 255 55.27 -9.80 0.09
N ILE A 256 54.75 -9.80 -1.14
CA ILE A 256 55.54 -9.40 -2.30
C ILE A 256 55.66 -7.89 -2.44
N GLY A 257 54.90 -7.12 -1.67
CA GLY A 257 54.97 -5.68 -1.72
C GLY A 257 54.31 -5.09 -0.50
N ASP A 258 53.83 -3.85 -0.63
CA ASP A 258 53.11 -3.21 0.45
C ASP A 258 51.74 -3.87 0.63
N HIS A 259 51.38 -4.14 1.88
CA HIS A 259 50.14 -4.83 2.19
C HIS A 259 49.48 -4.15 3.39
N TYR A 260 48.17 -4.40 3.52
CA TYR A 260 47.39 -3.89 4.64
C TYR A 260 46.86 -5.06 5.47
N LEU A 261 46.50 -4.75 6.72
CA LEU A 261 45.74 -5.65 7.57
C LEU A 261 44.35 -5.05 7.75
N CYS A 262 43.33 -5.75 7.26
CA CYS A 262 41.99 -5.18 7.22
C CYS A 262 40.97 -5.92 8.08
N ASP A 263 41.34 -7.04 8.71
CA ASP A 263 40.39 -7.76 9.54
C ASP A 263 41.13 -8.70 10.48
N VAL A 264 40.69 -8.73 11.74
CA VAL A 264 41.17 -9.67 12.75
C VAL A 264 39.94 -10.21 13.47
N THR A 265 39.63 -11.48 13.22
CA THR A 265 38.46 -12.13 13.82
C THR A 265 38.90 -13.42 14.49
N TRP A 266 38.65 -13.52 15.79
CA TRP A 266 38.96 -14.74 16.53
C TRP A 266 37.92 -15.81 16.23
N VAL A 267 38.39 -16.99 15.84
CA VAL A 267 37.52 -18.13 15.57
C VAL A 267 37.26 -18.86 16.89
N ASN A 268 38.30 -19.46 17.44
CA ASN A 268 38.24 -20.02 18.79
C ASN A 268 39.53 -19.64 19.52
N GLU A 269 39.74 -20.21 20.70
CA GLU A 269 40.89 -19.85 21.52
C GLU A 269 42.22 -20.32 20.91
N GLU A 270 42.19 -21.21 19.92
CA GLU A 270 43.40 -21.71 19.27
C GLU A 270 43.31 -21.53 17.76
N ARG A 271 42.56 -20.54 17.30
CA ARG A 271 42.37 -20.30 15.88
C ARG A 271 41.98 -18.85 15.67
N ILE A 272 42.64 -18.18 14.74
CA ILE A 272 42.42 -16.76 14.47
C ILE A 272 42.33 -16.54 12.97
N SER A 273 41.54 -15.55 12.58
CA SER A 273 41.29 -15.23 11.18
C SER A 273 41.84 -13.85 10.87
N LEU A 274 42.69 -13.76 9.85
CA LEU A 274 43.30 -12.50 9.44
C LEU A 274 43.07 -12.29 7.95
N GLN A 275 42.60 -11.10 7.59
CA GLN A 275 42.42 -10.72 6.20
C GLN A 275 43.47 -9.69 5.82
N TRP A 276 44.22 -9.97 4.77
CA TRP A 276 45.26 -9.08 4.27
C TRP A 276 44.90 -8.55 2.89
N LEU A 277 45.38 -7.36 2.59
CA LEU A 277 45.06 -6.69 1.32
C LEU A 277 46.31 -6.04 0.78
N ARG A 278 46.56 -6.22 -0.52
CA ARG A 278 47.70 -5.60 -1.16
C ARG A 278 47.50 -4.09 -1.26
N ARG A 279 48.59 -3.37 -1.52
CA ARG A 279 48.48 -1.92 -1.70
C ARG A 279 47.61 -1.59 -2.91
N ILE A 280 47.77 -2.32 -4.00
CA ILE A 280 46.80 -2.33 -5.08
C ILE A 280 45.66 -3.23 -4.63
N GLN A 281 44.53 -2.63 -4.26
CA GLN A 281 43.48 -3.34 -3.56
C GLN A 281 42.62 -4.14 -4.54
N ASN A 282 43.27 -4.95 -5.37
CA ASN A 282 42.63 -5.85 -6.31
C ASN A 282 42.71 -7.31 -5.87
N TYR A 283 43.33 -7.59 -4.72
CA TYR A 283 43.68 -8.95 -4.33
C TYR A 283 43.71 -9.03 -2.81
N SER A 284 42.94 -9.98 -2.25
CA SER A 284 42.85 -10.17 -0.81
C SER A 284 43.10 -11.63 -0.47
N VAL A 285 43.39 -11.87 0.81
CA VAL A 285 43.60 -13.23 1.31
C VAL A 285 43.11 -13.30 2.75
N LEU A 286 42.38 -14.36 3.07
CA LEU A 286 41.95 -14.65 4.43
C LEU A 286 42.75 -15.84 4.93
N ALA A 287 43.48 -15.65 6.02
CA ALA A 287 44.37 -16.67 6.57
C ALA A 287 43.81 -17.16 7.89
N ILE A 288 43.50 -18.45 7.95
CA ILE A 288 43.00 -19.09 9.16
C ILE A 288 44.20 -19.72 9.86
N CYS A 289 44.68 -19.07 10.93
CA CYS A 289 45.89 -19.47 11.61
C CYS A 289 45.56 -20.30 12.85
N ASP A 290 46.16 -21.48 12.95
CA ASP A 290 45.96 -22.36 14.09
C ASP A 290 47.13 -22.23 15.06
N TYR A 291 46.87 -22.56 16.32
CA TYR A 291 47.87 -22.48 17.37
C TYR A 291 48.71 -23.75 17.40
N ASP A 292 49.94 -23.61 17.87
CA ASP A 292 50.87 -24.72 18.04
C ASP A 292 51.33 -24.72 19.49
N LYS A 293 50.81 -25.67 20.29
CA LYS A 293 51.06 -25.63 21.72
C LYS A 293 52.52 -25.92 22.07
N PRO A 294 53.17 -26.97 21.56
CA PRO A 294 54.57 -27.18 21.92
C PRO A 294 55.52 -26.16 21.31
N THR A 295 55.18 -25.60 20.15
CA THR A 295 56.02 -24.61 19.49
C THR A 295 55.72 -23.20 19.98
N GLY A 296 54.45 -22.85 20.15
CA GLY A 296 54.06 -21.54 20.63
C GLY A 296 53.76 -20.52 19.55
N ARG A 297 53.71 -20.92 18.28
CA ARG A 297 53.56 -20.01 17.17
C ARG A 297 52.17 -20.11 16.57
N TRP A 298 51.87 -19.16 15.68
CA TRP A 298 50.63 -19.14 14.90
C TRP A 298 51.01 -19.16 13.43
N ALA A 299 50.61 -20.22 12.73
CA ALA A 299 51.05 -20.47 11.37
C ALA A 299 49.88 -20.34 10.39
N SER A 300 50.16 -19.73 9.24
CA SER A 300 49.22 -19.64 8.14
C SER A 300 49.62 -20.67 7.08
N HIS A 301 48.80 -21.70 6.91
CA HIS A 301 49.05 -22.75 5.94
C HIS A 301 48.22 -22.52 4.69
N VAL A 302 48.76 -22.97 3.55
CA VAL A 302 48.19 -22.62 2.25
C VAL A 302 46.84 -23.29 2.01
N ARG A 303 46.53 -24.37 2.71
CA ARG A 303 45.25 -25.05 2.48
C ARG A 303 44.09 -24.33 3.16
N GLN A 304 44.35 -23.65 4.27
CA GLN A 304 43.34 -22.86 4.96
C GLN A 304 43.41 -21.38 4.61
N GLN A 305 43.92 -21.06 3.42
CA GLN A 305 43.92 -19.71 2.89
C GLN A 305 42.80 -19.56 1.86
N HIS A 306 42.33 -18.33 1.69
CA HIS A 306 41.21 -18.05 0.79
C HIS A 306 41.50 -16.78 0.02
N ILE A 307 41.46 -16.87 -1.31
CA ILE A 307 41.78 -15.76 -2.20
C ILE A 307 40.48 -15.19 -2.74
N GLU A 308 40.35 -13.87 -2.71
CA GLU A 308 39.24 -13.16 -3.36
C GLU A 308 39.79 -11.90 -4.01
N SER A 309 39.58 -11.77 -5.32
CA SER A 309 40.14 -10.68 -6.09
C SER A 309 39.07 -10.13 -7.03
N SER A 310 39.33 -8.95 -7.57
CA SER A 310 38.41 -8.27 -8.47
C SER A 310 39.09 -8.01 -9.81
N THR A 311 38.48 -8.49 -10.88
CA THR A 311 38.97 -8.23 -12.23
C THR A 311 38.45 -6.92 -12.81
N THR A 312 37.45 -6.31 -12.18
CA THR A 312 36.88 -5.05 -12.65
C THR A 312 37.05 -3.90 -11.68
N GLY A 313 37.66 -4.13 -10.51
CA GLY A 313 37.84 -3.05 -9.55
C GLY A 313 38.55 -3.45 -8.27
N TRP A 314 37.90 -3.18 -7.14
CA TRP A 314 38.48 -3.41 -5.83
C TRP A 314 37.69 -4.49 -5.09
N VAL A 315 38.38 -5.13 -4.14
CA VAL A 315 37.77 -6.19 -3.35
C VAL A 315 36.89 -5.56 -2.28
N GLY A 316 35.64 -6.05 -2.19
CA GLY A 316 34.70 -5.51 -1.24
C GLY A 316 34.19 -4.14 -1.65
N ARG A 317 33.26 -3.62 -0.84
CA ARG A 317 32.72 -2.29 -1.08
C ARG A 317 33.74 -1.21 -0.75
N PHE A 318 34.46 -1.40 0.36
CA PHE A 318 35.58 -0.52 0.72
C PHE A 318 36.78 -1.38 1.07
N LYS A 319 36.57 -2.35 1.96
CA LYS A 319 37.50 -3.42 2.29
C LYS A 319 36.79 -4.74 2.12
N PRO A 320 37.54 -5.85 2.07
CA PRO A 320 36.89 -7.15 2.04
C PRO A 320 35.99 -7.35 3.25
N SER A 321 34.88 -8.07 3.02
CA SER A 321 33.89 -8.27 4.06
C SER A 321 34.41 -9.25 5.11
N GLU A 322 34.02 -9.01 6.36
CA GLU A 322 34.48 -9.85 7.46
C GLU A 322 33.76 -11.20 7.43
N PRO A 323 34.42 -12.25 7.92
CA PRO A 323 33.78 -13.58 7.96
C PRO A 323 33.00 -13.81 9.25
N HIS A 324 32.14 -14.83 9.20
CA HIS A 324 31.34 -15.25 10.34
C HIS A 324 31.43 -16.77 10.41
N PHE A 325 32.16 -17.27 11.42
CA PHE A 325 32.43 -18.70 11.53
C PHE A 325 31.32 -19.42 12.28
N THR A 326 31.02 -20.63 11.83
CA THR A 326 30.11 -21.49 12.57
C THR A 326 30.74 -21.89 13.90
N SER A 327 29.89 -22.33 14.83
CA SER A 327 30.33 -22.56 16.20
C SER A 327 31.35 -23.68 16.33
N ASP A 328 31.55 -24.48 15.29
CA ASP A 328 32.57 -25.52 15.34
C ASP A 328 33.93 -25.06 14.83
N GLY A 329 33.97 -23.95 14.09
CA GLY A 329 35.22 -23.39 13.62
C GLY A 329 35.77 -23.99 12.34
N ASN A 330 35.03 -24.87 11.68
CA ASN A 330 35.49 -25.53 10.47
C ASN A 330 34.83 -24.98 9.21
N SER A 331 34.08 -23.89 9.32
CA SER A 331 33.45 -23.26 8.16
C SER A 331 33.02 -21.86 8.55
N PHE A 332 32.77 -21.04 7.53
CA PHE A 332 32.33 -19.67 7.77
C PHE A 332 31.54 -19.18 6.56
N TYR A 333 30.71 -18.17 6.80
CA TYR A 333 29.92 -17.52 5.76
C TYR A 333 30.48 -16.13 5.51
N LYS A 334 30.51 -15.73 4.25
CA LYS A 334 31.18 -14.50 3.85
C LYS A 334 30.44 -13.87 2.68
N ILE A 335 30.38 -12.54 2.69
CA ILE A 335 29.74 -11.79 1.61
C ILE A 335 30.80 -11.48 0.56
N ILE A 336 30.70 -12.13 -0.59
CA ILE A 336 31.55 -11.87 -1.73
C ILE A 336 30.67 -11.62 -2.95
N SER A 337 31.31 -11.36 -4.09
CA SER A 337 30.59 -11.02 -5.31
C SER A 337 30.39 -12.27 -6.16
N ASN A 338 29.17 -12.42 -6.70
CA ASN A 338 28.85 -13.56 -7.54
C ASN A 338 29.35 -13.33 -8.96
N LYS A 339 28.94 -14.19 -9.88
CA LYS A 339 29.45 -14.09 -11.25
C LYS A 339 28.84 -12.91 -12.00
N GLU A 340 27.66 -12.46 -11.60
CA GLU A 340 26.97 -11.36 -12.27
C GLU A 340 27.25 -10.01 -11.63
N GLY A 341 28.09 -9.95 -10.61
CA GLY A 341 28.50 -8.69 -10.01
C GLY A 341 27.81 -8.30 -8.73
N TYR A 342 26.85 -9.10 -8.26
CA TYR A 342 26.09 -8.79 -7.06
C TYR A 342 26.71 -9.48 -5.86
N LYS A 343 26.71 -8.79 -4.72
CA LYS A 343 27.36 -9.28 -3.51
C LYS A 343 26.36 -10.10 -2.70
N HIS A 344 26.66 -11.39 -2.52
CA HIS A 344 25.78 -12.32 -1.84
C HIS A 344 26.59 -13.17 -0.86
N ILE A 345 25.87 -13.93 -0.03
CA ILE A 345 26.48 -14.75 0.99
C ILE A 345 26.97 -16.05 0.38
N CYS A 346 28.23 -16.39 0.65
CA CYS A 346 28.82 -17.65 0.19
C CYS A 346 29.23 -18.48 1.40
N HIS A 347 29.06 -19.80 1.28
CA HIS A 347 29.35 -20.73 2.36
C HIS A 347 30.74 -21.32 2.11
N PHE A 348 31.69 -20.94 2.95
CA PHE A 348 33.08 -21.37 2.83
C PHE A 348 33.41 -22.48 3.81
N GLN A 349 34.29 -23.38 3.37
CA GLN A 349 34.94 -24.33 4.26
C GLN A 349 36.38 -23.91 4.48
N VAL A 350 36.96 -24.37 5.60
CA VAL A 350 38.29 -23.90 5.98
C VAL A 350 39.34 -24.37 4.98
N ASP A 351 39.41 -25.68 4.73
CA ASP A 351 40.43 -26.25 3.86
C ASP A 351 39.89 -26.58 2.47
N ARG A 352 38.74 -26.04 2.10
CA ARG A 352 38.22 -26.13 0.75
C ARG A 352 38.22 -24.75 0.11
N GLU A 353 38.74 -24.66 -1.12
CA GLU A 353 38.89 -23.37 -1.76
C GLU A 353 37.57 -22.83 -2.29
N ASN A 354 36.67 -23.71 -2.74
CA ASN A 354 35.41 -23.28 -3.32
C ASN A 354 34.43 -22.89 -2.23
N CYS A 355 33.42 -22.10 -2.63
CA CYS A 355 32.33 -21.74 -1.74
C CYS A 355 31.02 -21.86 -2.50
N THR A 356 29.93 -22.02 -1.75
CA THR A 356 28.60 -22.19 -2.30
C THR A 356 27.72 -21.02 -1.88
N PHE A 357 27.17 -20.30 -2.87
CA PHE A 357 26.26 -19.21 -2.59
C PHE A 357 24.93 -19.76 -2.08
N ILE A 358 24.43 -19.18 -1.00
CA ILE A 358 23.09 -19.51 -0.51
C ILE A 358 22.07 -18.44 -0.88
N THR A 359 22.51 -17.24 -1.21
CA THR A 359 21.65 -16.15 -1.64
C THR A 359 21.97 -15.77 -3.08
N LYS A 360 20.94 -15.47 -3.86
CA LYS A 360 21.09 -15.22 -5.28
C LYS A 360 19.96 -14.32 -5.77
N GLY A 361 20.30 -13.34 -6.60
CA GLY A 361 19.29 -12.50 -7.19
C GLY A 361 19.87 -11.19 -7.69
N VAL A 362 18.97 -10.38 -8.25
CA VAL A 362 19.30 -9.05 -8.77
C VAL A 362 19.20 -8.05 -7.62
N TRP A 363 19.75 -8.44 -6.47
CA TRP A 363 19.82 -7.61 -5.28
C TRP A 363 21.14 -7.91 -4.60
N GLU A 364 21.38 -7.33 -3.43
CA GLU A 364 22.64 -7.50 -2.72
C GLU A 364 22.43 -7.65 -1.23
N VAL A 365 23.31 -8.43 -0.61
CA VAL A 365 23.28 -8.63 0.84
C VAL A 365 24.14 -7.55 1.49
N ILE A 366 23.54 -6.80 2.40
CA ILE A 366 24.23 -5.67 3.02
C ILE A 366 25.16 -6.15 4.13
N GLY A 367 24.70 -7.08 4.97
CA GLY A 367 25.53 -7.56 6.06
C GLY A 367 24.98 -8.77 6.79
N ILE A 368 25.87 -9.63 7.27
CA ILE A 368 25.50 -10.77 8.09
C ILE A 368 25.41 -10.32 9.53
N GLU A 369 24.28 -10.64 10.19
CA GLU A 369 23.97 -10.09 11.50
C GLU A 369 24.13 -11.12 12.62
N ALA A 370 23.57 -12.31 12.46
CA ALA A 370 23.63 -13.32 13.50
C ALA A 370 23.67 -14.70 12.86
N LEU A 371 24.48 -15.59 13.45
CA LEU A 371 24.62 -16.96 12.96
C LEU A 371 24.36 -17.92 14.10
N THR A 372 23.32 -18.74 13.97
CA THR A 372 23.04 -19.81 14.91
C THR A 372 23.30 -21.15 14.23
N SER A 373 22.79 -22.22 14.83
CA SER A 373 23.01 -23.54 14.26
C SER A 373 22.00 -23.86 13.16
N ASP A 374 20.88 -23.16 13.11
CA ASP A 374 19.83 -23.42 12.14
C ASP A 374 19.42 -22.21 11.31
N ASP A 375 19.86 -21.01 11.66
CA ASP A 375 19.43 -19.80 10.96
C ASP A 375 20.59 -18.84 10.82
N LEU A 376 20.58 -18.12 9.69
CA LEU A 376 21.49 -17.01 9.44
C LEU A 376 20.66 -15.76 9.23
N TYR A 377 20.95 -14.72 10.01
CA TYR A 377 20.22 -13.46 9.95
C TYR A 377 21.05 -12.44 9.20
N TYR A 378 20.46 -11.81 8.18
CA TYR A 378 21.18 -10.86 7.36
C TYR A 378 20.25 -9.72 6.93
N ILE A 379 20.83 -8.53 6.79
CA ILE A 379 20.14 -7.36 6.28
C ILE A 379 20.36 -7.29 4.78
N SER A 380 19.30 -6.98 4.03
CA SER A 380 19.35 -6.97 2.58
C SER A 380 18.46 -5.85 2.04
N ASN A 381 18.60 -5.61 0.73
CA ASN A 381 17.79 -4.63 0.02
C ASN A 381 16.92 -5.28 -1.05
N GLU A 382 16.53 -6.54 -0.82
CA GLU A 382 15.79 -7.28 -1.82
C GLU A 382 14.34 -6.78 -1.94
N TYR A 383 13.78 -6.24 -0.86
CA TYR A 383 12.37 -5.92 -0.82
C TYR A 383 12.01 -4.82 -1.82
N LYS A 384 10.92 -5.04 -2.55
CA LYS A 384 10.36 -4.11 -3.52
C LYS A 384 11.33 -3.69 -4.61
N GLY A 385 12.46 -4.40 -4.76
CA GLY A 385 13.47 -4.01 -5.72
C GLY A 385 14.08 -2.64 -5.51
N MET A 386 13.89 -2.02 -4.34
CA MET A 386 14.41 -0.69 -4.09
C MET A 386 15.77 -0.79 -3.42
N PRO A 387 16.86 -0.40 -4.06
CA PRO A 387 18.18 -0.51 -3.43
C PRO A 387 18.34 0.36 -2.19
N GLY A 388 17.47 1.36 -2.02
CA GLY A 388 17.54 2.24 -0.87
C GLY A 388 16.86 1.73 0.38
N GLY A 389 16.51 0.44 0.44
CA GLY A 389 15.86 -0.11 1.61
C GLY A 389 16.70 -1.14 2.33
N ARG A 390 16.41 -1.37 3.61
CA ARG A 390 17.11 -2.36 4.42
C ARG A 390 16.09 -3.14 5.24
N ASN A 391 16.14 -4.46 5.14
CA ASN A 391 15.19 -5.31 5.85
C ASN A 391 15.92 -6.54 6.39
N LEU A 392 15.43 -7.04 7.52
CA LEU A 392 16.02 -8.19 8.18
C LEU A 392 15.45 -9.48 7.59
N TYR A 393 16.33 -10.41 7.25
CA TYR A 393 15.95 -11.70 6.69
C TYR A 393 16.57 -12.81 7.52
N LYS A 394 15.95 -13.99 7.45
CA LYS A 394 16.48 -15.18 8.11
C LYS A 394 16.39 -16.34 7.13
N ILE A 395 17.42 -17.19 7.11
CA ILE A 395 17.53 -18.28 6.15
C ILE A 395 17.93 -19.55 6.88
N GLN A 396 17.30 -20.66 6.54
CA GLN A 396 17.63 -21.95 7.12
C GLN A 396 18.92 -22.48 6.51
N LEU A 397 19.85 -22.92 7.38
CA LEU A 397 21.09 -23.50 6.90
C LEU A 397 20.88 -24.91 6.35
N ASN A 398 19.80 -25.58 6.73
CA ASN A 398 19.56 -26.94 6.26
C ASN A 398 18.85 -26.94 4.91
N ASP A 399 17.89 -26.05 4.72
CA ASP A 399 17.15 -25.91 3.47
C ASP A 399 17.21 -24.44 3.08
N HIS A 400 18.15 -24.10 2.18
CA HIS A 400 18.36 -22.72 1.79
C HIS A 400 17.13 -22.11 1.13
N THR A 401 16.24 -22.93 0.57
CA THR A 401 15.05 -22.40 -0.09
C THR A 401 14.19 -21.60 0.88
N LYS A 402 14.07 -22.09 2.12
CA LYS A 402 13.24 -21.43 3.14
C LYS A 402 13.94 -20.17 3.62
N VAL A 403 13.48 -19.02 3.14
CA VAL A 403 13.99 -17.71 3.54
C VAL A 403 12.81 -16.86 3.97
N THR A 404 12.92 -16.24 5.15
CA THR A 404 11.86 -15.44 5.74
C THR A 404 12.33 -14.02 5.97
N CYS A 405 11.54 -13.04 5.53
CA CYS A 405 11.79 -11.66 5.87
C CYS A 405 11.13 -11.35 7.20
N LEU A 406 11.91 -10.82 8.15
CA LEU A 406 11.44 -10.58 9.50
C LEU A 406 10.95 -9.16 9.74
N SER A 407 11.11 -8.26 8.77
CA SER A 407 10.77 -6.86 8.98
C SER A 407 10.02 -6.23 7.82
N CYS A 408 9.78 -6.96 6.72
CA CYS A 408 9.25 -6.33 5.52
C CYS A 408 7.87 -5.73 5.76
N GLU A 409 7.00 -6.44 6.49
CA GLU A 409 5.61 -5.99 6.61
C GLU A 409 5.19 -5.77 8.06
N LEU A 410 6.03 -5.09 8.85
CA LEU A 410 5.61 -4.65 10.17
C LEU A 410 4.81 -3.35 10.08
N ASN A 411 5.36 -2.36 9.36
CA ASN A 411 4.67 -1.11 9.04
C ASN A 411 5.29 -0.64 7.73
N THR A 412 4.86 -1.29 6.64
CA THR A 412 5.48 -1.06 5.33
C THR A 412 5.43 0.41 4.92
N GLU A 413 4.40 1.13 5.36
CA GLU A 413 4.31 2.55 5.03
C GLU A 413 5.27 3.39 5.86
N ARG A 414 5.56 2.98 7.10
CA ARG A 414 6.40 3.75 8.01
C ARG A 414 7.81 3.22 8.11
N CYS A 415 8.05 1.94 7.80
CA CYS A 415 9.32 1.27 8.05
C CYS A 415 9.79 0.57 6.79
N GLN A 416 10.84 1.09 6.17
CA GLN A 416 11.46 0.48 5.00
C GLN A 416 12.97 0.41 5.08
N TYR A 417 13.58 0.94 6.15
CA TYR A 417 15.03 0.98 6.31
C TYR A 417 15.35 0.49 7.72
N TYR A 418 15.82 -0.74 7.84
CA TYR A 418 15.99 -1.39 9.13
C TYR A 418 17.46 -1.62 9.47
N SER A 419 17.75 -1.57 10.78
CA SER A 419 18.99 -2.08 11.34
C SER A 419 18.64 -2.88 12.59
N VAL A 420 19.43 -3.91 12.86
CA VAL A 420 19.10 -4.87 13.90
C VAL A 420 20.24 -5.00 14.89
N SER A 421 19.89 -5.32 16.14
CA SER A 421 20.86 -5.57 17.20
C SER A 421 20.41 -6.81 17.96
N PHE A 422 21.11 -7.92 17.76
CA PHE A 422 20.77 -9.18 18.40
C PHE A 422 21.39 -9.27 19.79
N SER A 423 20.83 -10.17 20.60
CA SER A 423 21.37 -10.48 21.91
C SER A 423 22.40 -11.61 21.78
N LYS A 424 22.97 -12.02 22.90
CA LYS A 424 23.86 -13.17 22.90
C LYS A 424 23.08 -14.43 22.54
N GLU A 425 23.73 -15.32 21.77
CA GLU A 425 23.14 -16.54 21.25
C GLU A 425 21.94 -16.28 20.34
N ALA A 426 21.70 -15.03 19.96
CA ALA A 426 20.65 -14.64 19.02
C ALA A 426 19.28 -15.10 19.50
N LYS A 427 18.96 -14.77 20.76
CA LYS A 427 17.64 -15.09 21.31
C LYS A 427 16.63 -13.98 21.03
N TYR A 428 17.00 -12.73 21.30
CA TYR A 428 16.14 -11.59 21.06
C TYR A 428 16.88 -10.56 20.23
N TYR A 429 16.14 -9.78 19.47
CA TYR A 429 16.73 -8.75 18.62
C TYR A 429 15.87 -7.49 18.64
N GLN A 430 16.55 -6.34 18.60
CA GLN A 430 15.89 -5.04 18.53
C GLN A 430 15.96 -4.53 17.11
N LEU A 431 14.80 -4.16 16.55
CA LEU A 431 14.73 -3.61 15.20
C LEU A 431 14.69 -2.09 15.27
N ARG A 432 15.62 -1.45 14.57
CA ARG A 432 15.77 0.00 14.59
C ARG A 432 15.41 0.52 13.20
N CYS A 433 14.15 0.89 13.02
CA CYS A 433 13.70 1.52 11.79
C CYS A 433 14.05 3.01 11.81
N SER A 434 14.48 3.52 10.65
CA SER A 434 14.90 4.92 10.55
C SER A 434 14.23 5.65 9.39
N GLY A 435 13.21 5.06 8.77
CA GLY A 435 12.51 5.71 7.69
C GLY A 435 11.66 4.75 6.88
N PRO A 436 10.83 5.30 5.98
CA PRO A 436 10.68 6.73 5.65
C PRO A 436 9.77 7.47 6.64
N GLY A 437 9.16 6.74 7.58
CA GLY A 437 8.39 7.36 8.64
C GLY A 437 9.26 7.69 9.84
N LEU A 438 8.59 8.05 10.93
CA LEU A 438 9.30 8.35 12.16
C LEU A 438 9.97 7.09 12.71
N PRO A 439 11.17 7.20 13.27
CA PRO A 439 11.90 6.01 13.72
C PRO A 439 11.13 5.22 14.76
N LEU A 440 11.03 3.91 14.53
CA LEU A 440 10.30 2.99 15.40
C LEU A 440 11.25 1.92 15.91
N TYR A 441 11.37 1.81 17.22
CA TYR A 441 12.25 0.83 17.85
C TYR A 441 11.40 -0.21 18.56
N THR A 442 11.56 -1.47 18.18
CA THR A 442 10.76 -2.57 18.71
C THR A 442 11.67 -3.69 19.17
N LEU A 443 11.18 -4.47 20.14
CA LEU A 443 11.87 -5.63 20.66
C LEU A 443 11.15 -6.89 20.22
N HIS A 444 11.92 -7.92 19.87
CA HIS A 444 11.37 -9.14 19.30
C HIS A 444 11.98 -10.36 19.98
N SER A 445 11.54 -11.53 19.52
CA SER A 445 12.02 -12.82 19.99
C SER A 445 12.24 -13.72 18.79
N SER A 446 13.36 -14.44 18.78
CA SER A 446 13.76 -15.19 17.59
C SER A 446 13.02 -16.53 17.45
N SER A 447 12.43 -17.04 18.53
CA SER A 447 11.72 -18.31 18.46
C SER A 447 10.49 -18.20 17.58
N ASN A 448 9.47 -17.49 18.08
CA ASN A 448 8.24 -17.28 17.34
C ASN A 448 8.34 -16.14 16.33
N ASP A 449 9.44 -15.37 16.36
CA ASP A 449 9.61 -14.19 15.50
C ASP A 449 8.47 -13.20 15.69
N LYS A 450 8.14 -12.94 16.96
CA LYS A 450 7.04 -12.07 17.33
C LYS A 450 7.55 -10.79 17.97
N GLU A 451 6.80 -9.71 17.78
CA GLU A 451 7.12 -8.43 18.40
C GLU A 451 6.63 -8.41 19.83
N LEU A 452 7.56 -8.30 20.77
CA LEU A 452 7.21 -8.32 22.20
C LEU A 452 6.59 -7.00 22.63
N ARG A 453 7.22 -5.88 22.28
CA ARG A 453 6.72 -4.56 22.66
C ARG A 453 7.44 -3.51 21.84
N VAL A 454 6.83 -2.32 21.78
CA VAL A 454 7.42 -1.18 21.08
C VAL A 454 8.25 -0.39 22.07
N LEU A 455 9.54 -0.22 21.77
CA LEU A 455 10.42 0.47 22.70
C LEU A 455 10.40 1.99 22.47
N GLU A 456 10.16 2.43 21.25
CA GLU A 456 10.13 3.86 20.95
C GLU A 456 9.36 4.07 19.65
N ASP A 457 8.39 4.99 19.68
CA ASP A 457 7.60 5.30 18.51
C ASP A 457 7.59 6.78 18.14
N ASN A 458 8.26 7.63 18.92
CA ASN A 458 8.32 9.07 18.67
C ASN A 458 6.93 9.69 18.62
N SER A 459 6.13 9.40 19.66
CA SER A 459 4.80 9.98 19.74
C SER A 459 4.85 11.48 19.99
N ALA A 460 5.90 11.97 20.64
CA ALA A 460 6.04 13.41 20.86
C ALA A 460 6.42 14.13 19.57
N LEU A 461 7.35 13.57 18.80
CA LEU A 461 7.75 14.18 17.54
C LEU A 461 6.60 14.19 16.54
N ASP A 462 5.74 13.17 16.59
CA ASP A 462 4.59 13.13 15.69
C ASP A 462 3.62 14.28 15.98
N LYS A 463 3.27 14.47 17.25
CA LYS A 463 2.36 15.55 17.62
C LYS A 463 2.93 16.91 17.27
N MET A 464 4.24 17.10 17.49
CA MET A 464 4.87 18.38 17.18
C MET A 464 4.86 18.67 15.68
N LEU A 465 4.91 17.63 14.85
CA LEU A 465 4.97 17.79 13.40
C LEU A 465 3.62 17.86 12.73
N GLN A 466 2.52 17.96 13.50
CA GLN A 466 1.20 18.07 12.90
C GLN A 466 0.79 19.50 12.59
N ASP A 467 1.42 20.48 13.25
CA ASP A 467 1.13 21.88 13.03
C ASP A 467 2.28 22.61 12.34
N VAL A 468 2.99 21.91 11.46
CA VAL A 468 4.06 22.49 10.66
C VAL A 468 3.94 21.93 9.25
N GLN A 469 4.12 22.81 8.25
CA GLN A 469 4.00 22.44 6.84
C GLN A 469 5.28 21.74 6.41
N MET A 470 5.36 20.45 6.76
CA MET A 470 6.51 19.62 6.47
C MET A 470 6.54 19.21 5.00
N PRO A 471 7.73 19.02 4.42
CA PRO A 471 7.83 18.60 3.03
C PRO A 471 7.70 17.08 2.89
N SER A 472 7.56 16.64 1.65
CA SER A 472 7.44 15.24 1.30
C SER A 472 8.69 14.77 0.58
N LYS A 473 8.75 13.47 0.28
CA LYS A 473 9.93 12.88 -0.32
C LYS A 473 9.52 11.78 -1.28
N LYS A 474 9.84 11.96 -2.56
CA LYS A 474 9.56 10.97 -3.60
C LYS A 474 10.83 10.17 -3.88
N LEU A 475 10.69 8.85 -3.92
CA LEU A 475 11.81 7.94 -4.20
C LEU A 475 11.42 7.11 -5.42
N ASP A 476 11.98 7.46 -6.57
CA ASP A 476 11.68 6.78 -7.82
C ASP A 476 13.00 6.51 -8.56
N PHE A 477 12.88 6.06 -9.81
CA PHE A 477 14.04 5.75 -10.62
C PHE A 477 13.82 6.24 -12.04
N ILE A 478 14.88 6.23 -12.83
CA ILE A 478 14.85 6.56 -14.25
C ILE A 478 15.82 5.65 -14.97
N ILE A 479 15.34 4.95 -16.00
CA ILE A 479 16.16 4.04 -16.78
C ILE A 479 16.86 4.84 -17.88
N TRP A 480 18.16 4.63 -18.02
CA TRP A 480 18.99 5.42 -18.92
C TRP A 480 20.04 4.51 -19.54
N ASN A 481 20.01 4.40 -20.87
CA ASN A 481 20.87 3.47 -21.60
C ASN A 481 20.69 2.03 -21.14
N GLY A 482 19.47 1.68 -20.72
CA GLY A 482 19.14 0.33 -20.34
C GLY A 482 19.44 -0.03 -18.90
N ILE A 483 20.01 0.88 -18.11
CA ILE A 483 20.35 0.61 -16.72
C ILE A 483 19.47 1.48 -15.84
N LYS A 484 19.00 0.89 -14.73
CA LYS A 484 18.07 1.55 -13.83
C LYS A 484 18.86 2.27 -12.73
N LEU A 485 18.84 3.61 -12.76
CA LEU A 485 19.41 4.42 -11.70
C LEU A 485 18.29 5.11 -10.92
N TRP A 486 18.55 5.34 -9.64
CA TRP A 486 17.56 5.87 -8.72
C TRP A 486 17.91 7.30 -8.31
N TYR A 487 16.88 8.03 -7.90
CA TYR A 487 17.03 9.40 -7.40
C TYR A 487 15.98 9.62 -6.33
N GLN A 488 16.13 10.72 -5.60
CA GLN A 488 15.14 11.12 -4.61
C GLN A 488 14.96 12.64 -4.66
N MET A 489 13.73 13.08 -4.49
CA MET A 489 13.39 14.49 -4.42
C MET A 489 12.71 14.79 -3.09
N ILE A 490 13.10 15.90 -2.47
CA ILE A 490 12.38 16.39 -1.30
C ILE A 490 11.47 17.53 -1.73
N LEU A 491 10.20 17.19 -2.03
CA LEU A 491 9.26 18.14 -2.62
C LEU A 491 8.75 19.11 -1.56
N PRO A 492 8.64 20.39 -1.89
CA PRO A 492 8.10 21.37 -0.93
C PRO A 492 6.65 21.06 -0.60
N PRO A 493 6.13 21.58 0.51
CA PRO A 493 4.73 21.35 0.85
C PRO A 493 3.79 22.00 -0.17
N HIS A 494 2.61 21.40 -0.31
CA HIS A 494 1.63 21.81 -1.30
C HIS A 494 2.25 21.82 -2.70
N PHE A 495 2.92 20.71 -3.02
CA PHE A 495 3.68 20.60 -4.27
C PHE A 495 2.76 20.67 -5.47
N ASP A 496 2.95 21.69 -6.31
CA ASP A 496 2.19 21.87 -7.54
C ASP A 496 3.06 21.43 -8.70
N LYS A 497 2.65 20.35 -9.37
CA LYS A 497 3.40 19.82 -10.50
C LYS A 497 3.40 20.75 -11.70
N LEU A 498 2.57 21.79 -11.69
CA LEU A 498 2.46 22.71 -12.82
C LEU A 498 3.43 23.88 -12.71
N LYS A 499 3.66 24.40 -11.51
CA LYS A 499 4.53 25.55 -11.34
C LYS A 499 5.99 25.12 -11.41
N LYS A 500 6.84 26.05 -11.87
CA LYS A 500 8.27 25.81 -12.01
C LYS A 500 8.98 26.19 -10.71
N TYR A 501 9.68 25.23 -10.10
CA TYR A 501 10.41 25.44 -8.87
C TYR A 501 11.92 25.48 -9.11
N PRO A 502 12.66 26.23 -8.30
CA PRO A 502 14.12 26.12 -8.36
C PRO A 502 14.59 24.78 -7.82
N LEU A 503 15.74 24.35 -8.32
CA LEU A 503 16.27 23.02 -8.03
C LEU A 503 17.66 23.12 -7.43
N LEU A 504 17.86 22.47 -6.29
CA LEU A 504 19.17 22.32 -5.67
C LEU A 504 19.52 20.83 -5.65
N ILE A 505 20.65 20.48 -6.24
CA ILE A 505 21.06 19.08 -6.36
C ILE A 505 22.11 18.80 -5.29
N ASP A 506 21.71 18.03 -4.27
CA ASP A 506 22.63 17.55 -3.26
C ASP A 506 23.41 16.37 -3.81
N VAL A 507 24.73 16.36 -3.57
CA VAL A 507 25.60 15.40 -4.22
C VAL A 507 26.70 14.95 -3.26
N TYR A 508 27.03 13.67 -3.32
CA TYR A 508 28.23 13.11 -2.71
C TYR A 508 29.00 12.36 -3.79
N ALA A 509 28.36 11.33 -4.36
CA ALA A 509 28.79 10.61 -5.56
C ALA A 509 30.08 9.82 -5.38
N GLY A 510 30.56 9.68 -4.15
CA GLY A 510 31.72 8.86 -3.89
C GLY A 510 31.44 7.39 -4.20
N PRO A 511 32.50 6.60 -4.32
CA PRO A 511 32.31 5.17 -4.61
C PRO A 511 31.48 4.48 -3.54
N CYS A 512 30.52 3.68 -4.00
CA CYS A 512 29.63 2.89 -3.15
C CYS A 512 28.80 3.76 -2.21
N SER A 513 28.45 4.96 -2.65
CA SER A 513 27.59 5.86 -1.89
C SER A 513 26.15 5.69 -2.32
N GLN A 514 25.23 6.18 -1.50
CA GLN A 514 23.80 6.09 -1.79
C GLN A 514 23.11 7.31 -1.19
N LYS A 515 22.84 8.30 -2.02
CA LYS A 515 22.09 9.48 -1.62
C LYS A 515 20.60 9.35 -1.90
N ALA A 516 20.14 8.19 -2.34
CA ALA A 516 18.73 7.92 -2.63
C ALA A 516 18.30 6.76 -1.75
N ASP A 517 17.76 7.09 -0.57
CA ASP A 517 17.37 6.08 0.41
C ASP A 517 15.96 6.32 0.93
N THR A 518 15.54 5.53 1.92
CA THR A 518 14.25 5.69 2.56
C THR A 518 14.43 6.00 4.04
N VAL A 519 15.20 7.04 4.35
CA VAL A 519 15.55 7.38 5.72
C VAL A 519 14.93 8.73 6.07
N PHE A 520 14.23 8.79 7.20
CA PHE A 520 13.68 10.05 7.67
C PHE A 520 14.79 10.98 8.13
N ARG A 521 14.77 12.22 7.63
CA ARG A 521 15.77 13.21 8.03
C ARG A 521 15.08 14.54 8.31
N LEU A 522 15.70 15.30 9.22
CA LEU A 522 15.27 16.66 9.57
C LEU A 522 16.50 17.55 9.44
N ASN A 523 16.82 17.93 8.21
CA ASN A 523 18.10 18.59 7.95
C ASN A 523 17.93 19.96 7.29
N TRP A 524 18.97 20.41 6.60
CA TRP A 524 18.92 21.68 5.88
C TRP A 524 18.01 21.59 4.67
N ALA A 525 18.00 20.44 3.98
CA ALA A 525 17.11 20.26 2.84
C ALA A 525 15.65 20.34 3.26
N THR A 526 15.35 19.99 4.52
CA THR A 526 13.98 20.12 5.01
C THR A 526 13.59 21.59 5.15
N TYR A 527 14.53 22.44 5.58
CA TYR A 527 14.26 23.86 5.67
C TYR A 527 14.17 24.50 4.29
N LEU A 528 15.00 24.06 3.35
CA LEU A 528 14.98 24.62 2.01
C LEU A 528 13.69 24.29 1.28
N ALA A 529 13.10 23.13 1.59
CA ALA A 529 11.85 22.75 0.92
C ALA A 529 10.64 23.33 1.63
N SER A 530 10.66 23.35 2.96
CA SER A 530 9.49 23.79 3.71
C SER A 530 9.35 25.31 3.72
N THR A 531 10.47 26.03 3.88
CA THR A 531 10.44 27.48 4.02
C THR A 531 10.71 28.23 2.72
N GLU A 532 11.68 27.77 1.93
CA GLU A 532 12.07 28.48 0.72
C GLU A 532 11.46 27.88 -0.55
N LYS A 533 10.68 26.81 -0.43
CA LYS A 533 9.98 26.20 -1.55
C LYS A 533 10.96 25.74 -2.64
N ILE A 534 12.15 25.30 -2.24
CA ILE A 534 13.15 24.80 -3.17
C ILE A 534 13.04 23.29 -3.23
N ILE A 535 13.22 22.74 -4.43
CA ILE A 535 13.26 21.30 -4.62
C ILE A 535 14.70 20.83 -4.43
N VAL A 536 14.91 19.98 -3.43
CA VAL A 536 16.22 19.40 -3.14
C VAL A 536 16.21 17.96 -3.62
N ALA A 537 17.13 17.61 -4.51
CA ALA A 537 17.17 16.29 -5.12
C ALA A 537 18.58 15.72 -5.07
N SER A 538 18.66 14.39 -5.00
CA SER A 538 19.92 13.67 -5.05
C SER A 538 19.81 12.54 -6.05
N PHE A 539 20.95 12.16 -6.64
CA PHE A 539 20.99 11.14 -7.68
C PHE A 539 22.16 10.22 -7.43
N ASP A 540 21.92 8.92 -7.60
CA ASP A 540 22.94 7.89 -7.41
C ASP A 540 23.20 7.24 -8.77
N GLY A 541 24.16 7.79 -9.50
CA GLY A 541 24.54 7.29 -10.81
C GLY A 541 25.66 6.28 -10.75
N ARG A 542 26.49 6.28 -11.79
CA ARG A 542 27.64 5.39 -11.82
C ARG A 542 28.59 5.71 -10.68
N GLY A 543 29.11 4.66 -10.04
CA GLY A 543 29.92 4.79 -8.85
C GLY A 543 29.16 4.53 -7.56
N SER A 544 27.86 4.78 -7.56
CA SER A 544 27.03 4.42 -6.41
C SER A 544 26.94 2.90 -6.30
N GLY A 545 26.92 2.40 -5.06
CA GLY A 545 26.97 0.99 -4.80
C GLY A 545 25.60 0.39 -4.52
N TYR A 546 25.63 -0.83 -3.99
CA TYR A 546 24.46 -1.62 -3.61
C TYR A 546 23.58 -1.97 -4.80
N GLN A 547 24.04 -1.73 -6.02
CA GLN A 547 23.29 -2.05 -7.23
C GLN A 547 24.02 -3.02 -8.14
N GLY A 548 25.18 -3.52 -7.73
CA GLY A 548 25.95 -4.44 -8.55
C GLY A 548 27.35 -3.94 -8.85
N ASP A 549 28.26 -4.87 -9.18
CA ASP A 549 29.62 -4.47 -9.51
C ASP A 549 29.68 -3.70 -10.83
N LYS A 550 28.81 -4.05 -11.78
CA LYS A 550 28.82 -3.37 -13.07
C LYS A 550 28.48 -1.89 -12.94
N ILE A 551 27.79 -1.50 -11.88
CA ILE A 551 27.48 -0.09 -11.61
C ILE A 551 28.50 0.54 -10.68
N LEU A 552 29.00 -0.23 -9.71
CA LEU A 552 29.97 0.32 -8.76
C LEU A 552 31.33 0.50 -9.39
N HIS A 553 31.78 -0.47 -10.20
CA HIS A 553 33.11 -0.46 -10.79
C HIS A 553 33.15 0.27 -12.13
N ALA A 554 32.13 1.06 -12.45
CA ALA A 554 32.14 1.81 -13.70
C ALA A 554 33.06 3.03 -13.64
N ILE A 555 33.42 3.49 -12.44
CA ILE A 555 34.31 4.62 -12.28
C ILE A 555 35.71 4.18 -11.86
N ASN A 556 36.02 2.89 -12.02
CA ASN A 556 37.32 2.36 -11.59
C ASN A 556 38.44 2.99 -12.39
N ARG A 557 39.47 3.48 -11.70
CA ARG A 557 40.62 4.16 -12.29
C ARG A 557 40.23 5.35 -13.15
N ARG A 558 39.00 5.86 -12.98
CA ARG A 558 38.50 6.98 -13.77
C ARG A 558 37.62 7.87 -12.89
N LEU A 559 38.17 8.32 -11.76
CA LEU A 559 37.44 9.23 -10.89
C LEU A 559 37.37 10.62 -11.53
N GLY A 560 36.28 11.32 -11.25
CA GLY A 560 36.00 12.56 -11.94
C GLY A 560 35.33 12.38 -13.29
N THR A 561 34.95 11.16 -13.64
CA THR A 561 34.24 10.86 -14.88
C THR A 561 32.97 10.09 -14.55
N LEU A 562 31.97 10.24 -15.41
CA LEU A 562 30.68 9.55 -15.27
C LEU A 562 29.91 10.00 -14.03
N GLU A 563 30.52 9.86 -12.85
CA GLU A 563 29.85 10.32 -11.64
C GLU A 563 29.60 11.82 -11.68
N VAL A 564 30.41 12.56 -12.44
CA VAL A 564 30.19 13.99 -12.60
C VAL A 564 29.19 14.26 -13.71
N GLU A 565 29.26 13.47 -14.80
CA GLU A 565 28.35 13.66 -15.92
C GLU A 565 26.92 13.27 -15.56
N ASP A 566 26.76 12.24 -14.73
CA ASP A 566 25.42 11.81 -14.35
C ASP A 566 24.70 12.86 -13.51
N GLN A 567 25.43 13.59 -12.67
CA GLN A 567 24.84 14.70 -11.94
C GLN A 567 24.40 15.81 -12.89
N ILE A 568 25.15 16.02 -13.97
CA ILE A 568 24.76 17.01 -14.97
C ILE A 568 23.54 16.53 -15.76
N GLU A 569 23.55 15.26 -16.18
CA GLU A 569 22.44 14.73 -16.97
C GLU A 569 21.18 14.59 -16.14
N ALA A 570 21.31 14.33 -14.84
CA ALA A 570 20.14 14.28 -13.97
C ALA A 570 19.47 15.64 -13.89
N ALA A 571 20.27 16.71 -13.85
CA ALA A 571 19.69 18.06 -13.83
C ALA A 571 18.89 18.33 -15.09
N ARG A 572 19.38 17.85 -16.24
CA ARG A 572 18.63 18.02 -17.48
C ARG A 572 17.32 17.22 -17.44
N GLN A 573 17.38 15.96 -17.02
CA GLN A 573 16.17 15.15 -16.96
C GLN A 573 15.20 15.64 -15.89
N PHE A 574 15.72 16.26 -14.82
CA PHE A 574 14.82 16.89 -13.85
C PHE A 574 14.10 18.06 -14.47
N THR A 575 14.77 18.83 -15.34
CA THR A 575 14.10 19.90 -16.06
C THR A 575 13.02 19.35 -16.99
N ASN A 576 13.22 18.14 -17.52
CA ASN A 576 12.24 17.50 -18.40
C ASN A 576 10.96 17.11 -17.69
N MET A 577 10.83 17.38 -16.39
CA MET A 577 9.66 16.99 -15.63
C MET A 577 8.63 18.10 -15.48
N GLY A 578 8.91 19.29 -16.00
CA GLY A 578 7.92 20.35 -16.11
C GLY A 578 7.82 21.28 -14.93
N PHE A 579 8.25 20.86 -13.74
CA PHE A 579 8.12 21.68 -12.54
C PHE A 579 9.45 22.28 -12.09
N VAL A 580 10.49 22.15 -12.89
CA VAL A 580 11.81 22.67 -12.55
C VAL A 580 12.08 23.91 -13.38
N ASP A 581 12.47 25.00 -12.72
CA ASP A 581 12.88 26.23 -13.40
C ASP A 581 14.27 26.00 -13.97
N GLU A 582 14.36 25.91 -15.31
CA GLU A 582 15.65 25.66 -15.95
C GLU A 582 16.65 26.79 -15.77
N LYS A 583 16.22 27.93 -15.21
CA LYS A 583 17.09 29.07 -14.96
C LYS A 583 17.52 29.20 -13.51
N ARG A 584 17.06 28.31 -12.62
CA ARG A 584 17.43 28.32 -11.20
C ARG A 584 17.76 26.89 -10.77
N ILE A 585 18.97 26.45 -11.10
CA ILE A 585 19.45 25.11 -10.77
C ILE A 585 20.82 25.25 -10.12
N ALA A 586 21.00 24.60 -8.97
CA ALA A 586 22.23 24.67 -8.20
C ALA A 586 22.66 23.28 -7.76
N ILE A 587 23.86 23.21 -7.20
CA ILE A 587 24.45 21.94 -6.76
C ILE A 587 25.39 22.22 -5.60
N TRP A 588 25.39 21.33 -4.60
CA TRP A 588 26.20 21.52 -3.42
C TRP A 588 26.58 20.17 -2.82
N GLY A 589 27.74 20.12 -2.18
CA GLY A 589 28.23 18.88 -1.62
C GLY A 589 29.36 19.10 -0.65
N TRP A 590 29.72 18.02 0.05
CA TRP A 590 30.74 18.02 1.09
C TRP A 590 31.75 16.92 0.76
N SER A 591 33.03 17.22 0.96
CA SER A 591 34.12 16.29 0.67
C SER A 591 34.10 15.86 -0.79
N TYR A 592 33.81 14.57 -1.04
CA TYR A 592 33.63 14.12 -2.43
C TYR A 592 32.50 14.86 -3.11
N GLY A 593 31.46 15.23 -2.36
CA GLY A 593 30.41 16.07 -2.93
C GLY A 593 30.93 17.40 -3.42
N GLY A 594 31.82 18.03 -2.65
CA GLY A 594 32.45 19.26 -3.10
C GLY A 594 33.33 19.05 -4.31
N TYR A 595 33.98 17.89 -4.41
CA TYR A 595 34.78 17.58 -5.60
C TYR A 595 33.89 17.49 -6.84
N VAL A 596 32.80 16.72 -6.75
CA VAL A 596 31.90 16.57 -7.89
C VAL A 596 31.21 17.90 -8.20
N THR A 597 30.84 18.65 -7.17
CA THR A 597 30.23 19.96 -7.39
C THR A 597 31.19 20.89 -8.14
N SER A 598 32.47 20.88 -7.76
CA SER A 598 33.44 21.72 -8.44
C SER A 598 33.66 21.25 -9.88
N MET A 599 33.73 19.94 -10.10
CA MET A 599 33.86 19.42 -11.46
C MET A 599 32.62 19.69 -12.29
N VAL A 600 31.44 19.67 -11.65
CA VAL A 600 30.21 19.99 -12.37
C VAL A 600 30.20 21.46 -12.78
N LEU A 601 30.53 22.36 -11.84
CA LEU A 601 30.54 23.78 -12.15
C LEU A 601 31.63 24.13 -13.16
N GLY A 602 32.73 23.41 -13.14
CA GLY A 602 33.80 23.63 -14.10
C GLY A 602 33.63 22.94 -15.43
N ALA A 603 32.52 22.23 -15.63
CA ALA A 603 32.30 21.53 -16.88
C ALA A 603 31.78 22.45 -17.99
N GLY A 604 31.24 23.60 -17.63
CA GLY A 604 30.75 24.54 -18.64
C GLY A 604 29.55 24.04 -19.42
N SER A 605 28.67 23.27 -18.78
CA SER A 605 27.48 22.76 -19.46
C SER A 605 26.35 23.76 -19.50
N GLY A 606 26.46 24.89 -18.79
CA GLY A 606 25.41 25.89 -18.77
C GLY A 606 24.14 25.47 -18.08
N VAL A 607 24.11 24.30 -17.46
CA VAL A 607 22.90 23.84 -16.78
C VAL A 607 22.79 24.42 -15.37
N PHE A 608 23.92 24.59 -14.69
CA PHE A 608 23.93 25.06 -13.31
C PHE A 608 24.33 26.52 -13.24
N LYS A 609 23.61 27.29 -12.40
CA LYS A 609 23.86 28.71 -12.25
C LYS A 609 24.88 28.99 -11.15
N CYS A 610 24.61 28.52 -9.93
CA CYS A 610 25.52 28.66 -8.81
C CYS A 610 25.82 27.29 -8.21
N GLY A 611 26.74 27.28 -7.25
CA GLY A 611 27.14 26.03 -6.62
C GLY A 611 27.96 26.30 -5.39
N ILE A 612 27.99 25.30 -4.50
CA ILE A 612 28.69 25.38 -3.23
C ILE A 612 29.51 24.10 -3.05
N ALA A 613 30.79 24.25 -2.71
CA ALA A 613 31.66 23.13 -2.42
C ALA A 613 32.28 23.34 -1.04
N VAL A 614 31.98 22.45 -0.11
CA VAL A 614 32.45 22.54 1.26
C VAL A 614 33.53 21.49 1.47
N ALA A 615 34.72 21.93 1.90
CA ALA A 615 35.87 21.06 2.12
C ALA A 615 36.10 20.07 0.97
N PRO A 616 36.29 20.56 -0.25
CA PRO A 616 36.33 19.65 -1.40
C PRO A 616 37.72 19.14 -1.71
N VAL A 617 37.74 17.96 -2.33
CA VAL A 617 38.97 17.42 -2.92
C VAL A 617 39.18 18.09 -4.27
N SER A 618 40.40 18.55 -4.52
CA SER A 618 40.74 19.20 -5.78
C SER A 618 41.59 18.30 -6.69
N ARG A 619 42.69 17.79 -6.18
CA ARG A 619 43.55 16.86 -6.91
C ARG A 619 43.74 15.61 -6.06
N TRP A 620 43.62 14.44 -6.70
CA TRP A 620 43.66 13.18 -5.97
C TRP A 620 45.05 12.84 -5.46
N GLU A 621 46.09 13.50 -5.95
CA GLU A 621 47.41 13.33 -5.36
C GLU A 621 47.55 14.01 -4.01
N TYR A 622 46.58 14.85 -3.64
CA TYR A 622 46.60 15.53 -2.34
C TYR A 622 45.94 14.70 -1.23
N TYR A 623 45.17 13.68 -1.57
CA TYR A 623 44.42 12.90 -0.59
C TYR A 623 45.20 11.65 -0.18
N ASP A 624 44.70 10.98 0.85
CA ASP A 624 45.43 9.87 1.46
C ASP A 624 45.50 8.68 0.51
N SER A 625 46.40 7.75 0.84
CA SER A 625 46.76 6.67 -0.08
C SER A 625 45.71 5.57 -0.12
N VAL A 626 45.29 5.07 1.04
CA VAL A 626 44.43 3.90 1.09
C VAL A 626 43.11 4.15 0.34
N TYR A 627 42.54 5.35 0.49
CA TYR A 627 41.30 5.65 -0.20
C TYR A 627 41.53 5.91 -1.68
N THR A 628 42.46 6.81 -2.01
CA THR A 628 42.65 7.22 -3.40
C THR A 628 43.14 6.07 -4.27
N GLU A 629 44.15 5.33 -3.78
CA GLU A 629 44.73 4.25 -4.59
C GLU A 629 43.77 3.07 -4.75
N ARG A 630 42.74 2.97 -3.91
CA ARG A 630 41.77 1.90 -4.08
C ARG A 630 40.97 2.07 -5.37
N TYR A 631 40.76 3.32 -5.80
CA TYR A 631 39.97 3.60 -6.99
C TYR A 631 40.77 4.18 -8.14
N MET A 632 42.02 4.56 -7.93
CA MET A 632 42.83 5.18 -8.97
C MET A 632 44.21 4.59 -9.15
N GLY A 633 44.63 3.66 -8.29
CA GLY A 633 45.96 3.11 -8.42
C GLY A 633 47.02 4.12 -8.00
N LEU A 634 48.24 3.87 -8.47
CA LEU A 634 49.39 4.69 -8.12
C LEU A 634 49.56 5.82 -9.14
N PRO A 635 50.04 6.98 -8.70
CA PRO A 635 50.21 8.13 -9.62
C PRO A 635 51.57 8.11 -10.32
N THR A 636 51.79 7.09 -11.14
CA THR A 636 53.02 6.91 -11.89
C THR A 636 52.72 6.78 -13.38
N PRO A 637 53.63 7.22 -14.24
CA PRO A 637 53.39 7.06 -15.68
C PRO A 637 53.20 5.62 -16.11
N GLU A 638 53.60 4.66 -15.29
CA GLU A 638 53.38 3.25 -15.55
C GLU A 638 52.05 2.74 -15.02
N ASP A 639 51.24 3.61 -14.42
CA ASP A 639 49.95 3.19 -13.88
C ASP A 639 48.83 4.07 -14.42
N ASN A 640 48.34 5.02 -13.60
CA ASN A 640 47.21 5.85 -13.96
C ASN A 640 47.52 7.32 -13.73
N LEU A 641 48.76 7.74 -14.01
CA LEU A 641 49.16 9.12 -13.77
C LEU A 641 48.36 10.11 -14.63
N GLU A 642 47.99 9.70 -15.85
CA GLU A 642 47.33 10.64 -16.75
C GLU A 642 45.95 11.03 -16.25
N HIS A 643 45.23 10.08 -15.66
CA HIS A 643 43.90 10.38 -15.12
C HIS A 643 43.95 11.06 -13.77
N TYR A 644 45.07 10.95 -13.05
CA TYR A 644 45.29 11.82 -11.90
C TYR A 644 45.39 13.28 -12.32
N ARG A 645 46.07 13.54 -13.44
CA ARG A 645 46.23 14.91 -13.93
C ARG A 645 44.96 15.41 -14.61
N ASN A 646 44.25 14.53 -15.31
CA ASN A 646 43.07 14.96 -16.06
C ASN A 646 41.93 15.36 -15.14
N SER A 647 41.79 14.66 -14.01
CA SER A 647 40.64 14.84 -13.12
C SER A 647 40.94 15.82 -11.97
N THR A 648 41.47 16.99 -12.31
CA THR A 648 41.73 18.03 -11.34
C THR A 648 40.75 19.18 -11.50
N VAL A 649 40.40 19.81 -10.37
CA VAL A 649 39.49 20.95 -10.41
C VAL A 649 40.18 22.16 -11.01
N MET A 650 41.48 22.33 -10.76
CA MET A 650 42.20 23.48 -11.28
C MET A 650 42.24 23.49 -12.81
N SER A 651 42.15 22.31 -13.43
CA SER A 651 42.16 22.22 -14.88
C SER A 651 40.94 22.87 -15.51
N ARG A 652 39.86 23.05 -14.75
CA ARG A 652 38.62 23.61 -15.27
C ARG A 652 38.33 24.99 -14.71
N ALA A 653 39.37 25.72 -14.29
CA ALA A 653 39.15 27.00 -13.62
C ALA A 653 38.57 28.05 -14.56
N GLU A 654 38.82 27.93 -15.87
CA GLU A 654 38.35 28.95 -16.79
C GLU A 654 36.84 28.91 -16.98
N ASN A 655 36.23 27.73 -16.88
CA ASN A 655 34.79 27.59 -17.06
C ASN A 655 33.98 28.20 -15.91
N PHE A 656 34.64 28.60 -14.82
CA PHE A 656 33.94 29.19 -13.69
C PHE A 656 33.50 30.63 -13.93
N LYS A 657 33.86 31.23 -15.07
CA LYS A 657 33.39 32.57 -15.39
C LYS A 657 31.89 32.66 -15.61
N GLN A 658 31.20 31.52 -15.68
CA GLN A 658 29.78 31.48 -15.96
C GLN A 658 28.94 31.17 -14.72
N VAL A 659 29.54 30.78 -13.61
CA VAL A 659 28.82 30.34 -12.43
C VAL A 659 29.22 31.18 -11.22
N GLU A 660 28.34 31.18 -10.22
CA GLU A 660 28.62 31.79 -8.92
C GLU A 660 29.07 30.67 -7.98
N TYR A 661 30.33 30.73 -7.56
CA TYR A 661 30.98 29.63 -6.87
C TYR A 661 31.34 30.07 -5.46
N LEU A 662 30.84 29.32 -4.46
CA LEU A 662 31.19 29.54 -3.07
C LEU A 662 32.05 28.39 -2.59
N LEU A 663 33.22 28.71 -2.04
CA LEU A 663 34.19 27.72 -1.61
C LEU A 663 34.42 27.86 -0.11
N ILE A 664 34.19 26.78 0.63
CA ILE A 664 34.32 26.77 2.08
C ILE A 664 35.29 25.66 2.49
N HIS A 665 36.12 25.95 3.48
CA HIS A 665 37.08 24.96 3.98
C HIS A 665 37.53 25.38 5.37
N GLY A 666 37.82 24.38 6.20
CA GLY A 666 38.35 24.63 7.53
C GLY A 666 39.87 24.67 7.53
N THR A 667 40.42 25.50 8.41
CA THR A 667 41.86 25.68 8.46
C THR A 667 42.59 24.53 9.16
N ALA A 668 41.88 23.74 9.97
CA ALA A 668 42.48 22.63 10.68
C ALA A 668 41.97 21.28 10.19
N ASP A 669 41.56 21.23 8.92
CA ASP A 669 41.04 19.99 8.35
C ASP A 669 42.17 18.98 8.20
N ASP A 670 42.06 17.84 8.89
CA ASP A 670 43.06 16.79 8.86
C ASP A 670 42.80 15.75 7.77
N ASN A 671 41.62 15.78 7.13
CA ASN A 671 41.27 14.79 6.13
C ASN A 671 41.49 15.36 4.73
N VAL A 672 40.58 16.23 4.29
CA VAL A 672 40.76 17.00 3.07
C VAL A 672 41.39 18.32 3.49
N HIS A 673 42.71 18.42 3.34
CA HIS A 673 43.46 19.55 3.87
C HIS A 673 43.06 20.85 3.18
N PHE A 674 43.28 21.96 3.89
CA PHE A 674 43.04 23.28 3.32
C PHE A 674 43.90 23.52 2.07
N GLN A 675 44.98 22.76 1.91
CA GLN A 675 45.77 22.81 0.68
C GLN A 675 44.92 22.54 -0.54
N GLN A 676 43.97 21.62 -0.42
CA GLN A 676 43.12 21.27 -1.56
C GLN A 676 42.30 22.47 -2.03
N SER A 677 41.77 23.25 -1.09
CA SER A 677 41.01 24.44 -1.47
C SER A 677 41.93 25.61 -1.77
N ALA A 678 43.15 25.61 -1.21
CA ALA A 678 44.08 26.69 -1.49
C ALA A 678 44.54 26.67 -2.93
N GLN A 679 44.63 25.49 -3.54
CA GLN A 679 45.01 25.41 -4.96
C GLN A 679 43.84 25.71 -5.88
N ILE A 680 42.60 25.47 -5.42
CA ILE A 680 41.43 25.84 -6.21
C ILE A 680 41.36 27.35 -6.37
N SER A 681 41.45 28.08 -5.26
CA SER A 681 41.36 29.52 -5.31
C SER A 681 42.51 30.14 -6.09
N LYS A 682 43.70 29.53 -6.00
CA LYS A 682 44.85 30.07 -6.74
C LYS A 682 44.67 29.91 -8.24
N ALA A 683 44.00 28.84 -8.69
CA ALA A 683 43.72 28.69 -10.11
C ALA A 683 42.61 29.64 -10.56
N LEU A 684 41.60 29.85 -9.71
CA LEU A 684 40.54 30.78 -10.06
C LEU A 684 41.05 32.21 -10.15
N VAL A 685 42.05 32.56 -9.33
CA VAL A 685 42.65 33.88 -9.44
C VAL A 685 43.57 33.96 -10.65
N ASP A 686 44.32 32.89 -10.92
CA ASP A 686 45.19 32.88 -12.09
C ASP A 686 44.40 32.93 -13.39
N ALA A 687 43.17 32.41 -13.39
CA ALA A 687 42.33 32.39 -14.57
C ALA A 687 41.47 33.63 -14.71
N GLY A 688 41.50 34.54 -13.73
CA GLY A 688 40.67 35.73 -13.78
C GLY A 688 39.21 35.44 -13.54
N VAL A 689 38.91 34.72 -12.46
CA VAL A 689 37.55 34.33 -12.11
C VAL A 689 37.23 34.84 -10.72
N ASP A 690 36.11 35.56 -10.60
CA ASP A 690 35.65 36.05 -9.32
C ASP A 690 34.73 35.02 -8.68
N PHE A 691 34.81 34.91 -7.36
CA PHE A 691 34.01 33.94 -6.62
C PHE A 691 33.96 34.34 -5.15
N GLN A 692 33.14 33.64 -4.40
CA GLN A 692 32.99 33.84 -2.98
C GLN A 692 33.72 32.73 -2.22
N ALA A 693 34.25 33.07 -1.06
CA ALA A 693 35.02 32.10 -0.26
C ALA A 693 34.77 32.35 1.22
N MET A 694 35.14 31.34 2.02
CA MET A 694 34.99 31.42 3.46
C MET A 694 35.91 30.39 4.09
N TRP A 695 36.68 30.81 5.09
CA TRP A 695 37.48 29.90 5.90
C TRP A 695 36.94 29.90 7.32
N TYR A 696 37.02 28.74 7.97
CA TYR A 696 36.59 28.59 9.35
C TYR A 696 37.80 28.19 10.19
N THR A 697 38.17 29.06 11.12
CA THR A 697 39.42 28.92 11.86
C THR A 697 39.38 27.71 12.78
N ASP A 698 40.42 26.87 12.70
CA ASP A 698 40.61 25.72 13.57
C ASP A 698 39.47 24.72 13.50
N GLU A 699 38.68 24.75 12.43
CA GLU A 699 37.58 23.82 12.29
C GLU A 699 38.00 22.59 11.50
N ASP A 700 37.53 21.43 11.93
CA ASP A 700 37.89 20.15 11.33
C ASP A 700 37.16 19.90 10.02
N HIS A 701 37.12 18.63 9.59
CA HIS A 701 36.46 18.26 8.35
C HIS A 701 34.94 18.37 8.43
N GLY A 702 34.40 18.60 9.62
CA GLY A 702 32.96 18.64 9.78
C GLY A 702 32.37 20.01 9.99
N ILE A 703 33.20 20.97 10.42
CA ILE A 703 32.75 22.29 10.84
C ILE A 703 31.57 22.10 11.77
N ALA A 704 31.78 21.35 12.85
CA ALA A 704 30.69 20.85 13.68
C ALA A 704 30.59 21.54 15.03
N SER A 705 31.43 22.52 15.32
CA SER A 705 31.24 23.33 16.51
C SER A 705 29.92 24.08 16.40
N SER A 706 29.23 24.22 17.55
CA SER A 706 27.88 24.78 17.55
C SER A 706 27.83 26.13 16.84
N THR A 707 28.73 27.04 17.21
CA THR A 707 28.77 28.34 16.55
C THR A 707 29.19 28.21 15.10
N ALA A 708 30.13 27.30 14.81
CA ALA A 708 30.61 27.14 13.44
C ALA A 708 29.61 26.38 12.58
N HIS A 709 28.95 25.37 13.14
CA HIS A 709 27.95 24.62 12.37
C HIS A 709 26.77 25.50 11.98
N GLN A 710 26.35 26.38 12.89
CA GLN A 710 25.26 27.30 12.59
C GLN A 710 25.71 28.46 11.71
N HIS A 711 27.02 28.70 11.60
CA HIS A 711 27.51 29.79 10.78
C HIS A 711 27.61 29.41 9.31
N ILE A 712 27.92 28.15 9.02
CA ILE A 712 28.12 27.73 7.63
C ILE A 712 26.78 27.54 6.93
N TYR A 713 25.79 26.98 7.62
CA TYR A 713 24.48 26.80 7.00
C TYR A 713 23.74 28.14 6.88
N THR A 714 24.00 29.07 7.80
CA THR A 714 23.44 30.41 7.65
C THR A 714 24.06 31.12 6.45
N HIS A 715 25.36 30.92 6.24
CA HIS A 715 26.02 31.56 5.10
C HIS A 715 25.59 30.93 3.78
N MET A 716 25.49 29.59 3.74
CA MET A 716 25.02 28.92 2.54
C MET A 716 23.56 29.23 2.24
N SER A 717 22.77 29.58 3.26
CA SER A 717 21.38 29.98 3.03
C SER A 717 21.32 31.31 2.30
N HIS A 718 22.09 32.30 2.75
CA HIS A 718 22.11 33.60 2.10
C HIS A 718 22.63 33.50 0.66
N PHE A 719 23.55 32.58 0.40
CA PHE A 719 24.12 32.45 -0.94
C PHE A 719 23.11 31.82 -1.90
N ILE A 720 22.45 30.74 -1.48
CA ILE A 720 21.47 30.09 -2.34
C ILE A 720 20.27 30.99 -2.57
N LYS A 721 19.83 31.71 -1.53
CA LYS A 721 18.68 32.60 -1.68
C LYS A 721 18.99 33.76 -2.60
N GLN A 722 20.17 34.36 -2.46
CA GLN A 722 20.56 35.45 -3.36
C GLN A 722 20.70 34.94 -4.79
N CYS A 723 21.21 33.72 -4.96
CA CYS A 723 21.32 33.13 -6.28
C CYS A 723 19.95 32.81 -6.87
N PHE A 724 18.95 32.53 -6.03
CA PHE A 724 17.61 32.18 -6.48
C PHE A 724 16.63 33.34 -6.40
N SER A 725 17.10 34.54 -6.04
CA SER A 725 16.23 35.72 -5.90
C SER A 725 15.12 35.50 -4.88
N LEU A 726 15.39 34.69 -3.86
CA LEU A 726 14.45 34.45 -2.78
C LEU A 726 14.66 35.46 -1.66
N PRO A 727 13.62 36.20 -1.25
CA PRO A 727 13.73 37.22 -0.20
C PRO A 727 14.08 36.62 1.16
N ASP B 1 -79.58 56.51 -23.80
CA ASP B 1 -80.65 56.88 -24.72
C ASP B 1 -81.36 55.66 -25.27
N LYS B 2 -80.58 54.70 -25.75
CA LYS B 2 -81.11 53.53 -26.46
C LYS B 2 -81.44 52.43 -25.45
N GLU B 3 -81.50 51.18 -25.93
CA GLU B 3 -81.83 50.03 -25.10
C GLU B 3 -80.59 49.15 -24.99
N CYS B 4 -80.19 48.84 -23.76
CA CYS B 4 -79.04 47.97 -23.55
C CYS B 4 -79.36 46.57 -24.10
N ASP B 5 -78.60 46.15 -25.11
CA ASP B 5 -78.82 44.86 -25.74
C ASP B 5 -77.92 43.80 -25.12
N PHE B 6 -78.47 42.60 -24.93
CA PHE B 6 -77.74 41.46 -24.39
C PHE B 6 -77.36 40.45 -25.48
N THR B 7 -77.31 40.88 -26.74
CA THR B 7 -77.10 39.95 -27.84
C THR B 7 -75.79 39.17 -27.76
N PRO B 8 -74.64 39.74 -27.37
CA PRO B 8 -73.41 38.93 -27.29
C PRO B 8 -73.52 37.71 -26.39
N MET B 9 -74.44 37.70 -25.43
CA MET B 9 -74.65 36.55 -24.56
C MET B 9 -75.50 35.47 -25.21
N LEU B 10 -75.99 35.69 -26.42
CA LEU B 10 -76.92 34.77 -27.06
C LEU B 10 -76.44 34.22 -28.40
N VAL B 11 -75.29 34.67 -28.89
CA VAL B 11 -74.79 34.28 -30.21
C VAL B 11 -73.39 33.70 -30.07
N GLY B 12 -73.13 32.63 -30.80
CA GLY B 12 -71.80 32.03 -30.82
C GLY B 12 -71.59 31.01 -29.71
N VAL B 13 -70.32 30.79 -29.40
CA VAL B 13 -69.90 29.87 -28.36
C VAL B 13 -69.54 30.69 -27.12
N PRO B 14 -70.13 30.43 -25.97
CA PRO B 14 -69.80 31.21 -24.77
C PRO B 14 -68.42 30.86 -24.27
N PRO B 15 -67.79 31.74 -23.50
CA PRO B 15 -66.44 31.48 -23.00
C PRO B 15 -66.46 30.50 -21.83
N GLN B 16 -65.26 30.05 -21.47
CA GLN B 16 -65.11 29.19 -20.31
C GLN B 16 -65.19 30.01 -19.03
N VAL B 17 -65.23 29.30 -17.89
CA VAL B 17 -65.43 29.98 -16.61
C VAL B 17 -64.22 30.85 -16.27
N TYR B 18 -63.01 30.37 -16.56
CA TYR B 18 -61.82 31.14 -16.28
C TYR B 18 -61.58 32.25 -17.30
N ASN B 19 -62.20 32.17 -18.47
CA ASN B 19 -62.05 33.15 -19.54
C ASN B 19 -63.35 33.90 -19.78
N PHE B 20 -64.08 34.20 -18.71
CA PHE B 20 -65.41 34.78 -18.83
C PHE B 20 -65.36 36.14 -19.53
N LYS B 21 -66.43 36.45 -20.26
CA LYS B 21 -66.58 37.74 -20.91
C LYS B 21 -67.49 38.63 -20.08
N ARG B 22 -67.14 39.91 -20.01
CA ARG B 22 -67.80 40.87 -19.12
C ARG B 22 -68.41 42.00 -19.95
N LEU B 23 -69.69 42.27 -19.73
CA LEU B 23 -70.41 43.35 -20.39
C LEU B 23 -70.84 44.36 -19.34
N VAL B 24 -70.37 45.59 -19.46
CA VAL B 24 -70.79 46.70 -18.60
C VAL B 24 -71.51 47.72 -19.50
N PHE B 25 -72.65 48.21 -19.03
CA PHE B 25 -73.52 49.07 -19.83
C PHE B 25 -73.75 50.38 -19.10
N THR B 26 -73.67 51.48 -19.86
CA THR B 26 -73.93 52.82 -19.35
C THR B 26 -74.72 53.60 -20.38
N ASN B 27 -75.46 54.60 -19.90
CA ASN B 27 -76.25 55.50 -20.75
C ASN B 27 -77.29 54.74 -21.57
N CYS B 28 -78.03 53.87 -20.88
CA CYS B 28 -79.11 53.10 -21.47
C CYS B 28 -79.91 52.47 -20.34
N ASN B 29 -81.11 51.99 -20.67
CA ASN B 29 -81.91 51.23 -19.72
C ASN B 29 -82.24 49.87 -20.31
N TYR B 30 -82.58 48.93 -19.42
CA TYR B 30 -82.61 47.52 -19.76
C TYR B 30 -84.01 46.94 -19.61
N ASN B 31 -84.21 45.79 -20.23
CA ASN B 31 -85.39 44.93 -20.02
C ASN B 31 -84.84 43.59 -19.53
N LEU B 32 -84.67 43.48 -18.21
CA LEU B 32 -83.92 42.35 -17.66
C LEU B 32 -84.73 41.07 -17.67
N THR B 33 -86.05 41.17 -17.57
CA THR B 33 -86.88 39.98 -17.43
C THR B 33 -87.04 39.20 -18.73
N LYS B 34 -86.89 39.85 -19.88
CA LYS B 34 -87.00 39.12 -21.15
C LYS B 34 -85.81 38.18 -21.33
N LEU B 35 -84.68 38.49 -20.71
CA LEU B 35 -83.54 37.57 -20.75
C LEU B 35 -83.79 36.34 -19.89
N LEU B 36 -84.47 36.52 -18.75
CA LEU B 36 -84.76 35.41 -17.86
C LEU B 36 -85.70 34.40 -18.50
N SER B 37 -86.62 34.87 -19.36
CA SER B 37 -87.54 33.96 -20.02
C SER B 37 -86.85 33.13 -21.09
N LEU B 38 -85.74 33.63 -21.64
CA LEU B 38 -85.01 32.90 -22.66
C LEU B 38 -84.31 31.66 -22.10
N PHE B 39 -84.03 31.63 -20.81
CA PHE B 39 -83.30 30.54 -20.18
C PHE B 39 -84.15 29.88 -19.10
N MET B 40 -83.79 28.65 -18.77
CA MET B 40 -84.43 27.91 -17.68
C MET B 40 -83.59 28.12 -16.42
N VAL B 41 -84.00 29.08 -15.60
CA VAL B 41 -83.22 29.44 -14.42
C VAL B 41 -83.27 28.31 -13.40
N ASN B 42 -82.09 27.92 -12.91
CA ASN B 42 -81.98 26.90 -11.87
C ASN B 42 -81.61 27.46 -10.51
N GLU B 43 -81.02 28.65 -10.45
CA GLU B 43 -80.71 29.30 -9.18
C GLU B 43 -80.72 30.80 -9.38
N PHE B 44 -81.00 31.53 -8.29
CA PHE B 44 -81.07 32.99 -8.33
C PHE B 44 -80.83 33.58 -6.96
N SER B 45 -79.59 33.47 -6.46
CA SER B 45 -79.22 34.04 -5.17
C SER B 45 -78.69 35.46 -5.37
N CYS B 46 -79.25 36.41 -4.62
CA CYS B 46 -78.92 37.82 -4.74
C CYS B 46 -78.45 38.34 -3.38
N ASN B 47 -77.14 38.50 -3.22
CA ASN B 47 -76.56 39.09 -2.02
C ASN B 47 -76.33 40.57 -2.26
N GLY B 48 -76.87 41.40 -1.37
CA GLY B 48 -76.78 42.84 -1.52
C GLY B 48 -78.09 43.47 -1.94
N ILE B 49 -78.85 42.78 -2.79
CA ILE B 49 -80.11 43.28 -3.29
C ILE B 49 -81.13 42.13 -3.23
N SER B 50 -82.23 42.24 -3.97
CA SER B 50 -83.29 41.23 -3.95
C SER B 50 -83.39 40.54 -5.31
N PRO B 51 -83.90 39.30 -5.35
CA PRO B 51 -84.09 38.62 -6.64
C PRO B 51 -85.06 39.34 -7.56
N ASP B 52 -85.83 40.31 -7.07
CA ASP B 52 -86.81 41.02 -7.87
C ASP B 52 -86.42 42.47 -8.15
N ALA B 53 -85.88 43.19 -7.16
CA ALA B 53 -85.54 44.60 -7.31
C ALA B 53 -84.36 44.84 -8.25
N ILE B 54 -83.82 43.81 -8.89
CA ILE B 54 -82.69 44.00 -9.80
C ILE B 54 -83.17 44.48 -11.17
N ALA B 55 -84.34 44.03 -11.62
CA ALA B 55 -84.85 44.38 -12.94
C ALA B 55 -85.48 45.76 -13.00
N ARG B 56 -85.49 46.50 -11.90
CA ARG B 56 -86.11 47.82 -11.85
C ARG B 56 -85.17 48.79 -11.16
N GLY B 57 -84.85 49.89 -11.84
CA GLY B 57 -83.98 50.91 -11.28
C GLY B 57 -82.98 51.46 -12.26
N CYS B 58 -82.79 52.78 -12.26
CA CYS B 58 -81.79 53.43 -13.10
C CYS B 58 -80.50 53.58 -12.30
N TYR B 59 -79.42 53.02 -12.82
CA TYR B 59 -78.13 52.99 -12.13
C TYR B 59 -77.10 53.75 -12.94
N SER B 60 -75.90 53.88 -12.35
CA SER B 60 -74.76 54.41 -13.07
C SER B 60 -74.06 53.36 -13.90
N SER B 61 -74.29 52.07 -13.62
CA SER B 61 -73.67 50.99 -14.36
C SER B 61 -74.41 49.68 -14.05
N LEU B 62 -74.43 48.80 -15.05
CA LEU B 62 -74.98 47.45 -14.90
C LEU B 62 -74.04 46.49 -15.59
N THR B 63 -73.47 45.56 -14.82
CA THR B 63 -72.48 44.63 -15.32
C THR B 63 -73.03 43.21 -15.30
N VAL B 64 -72.64 42.42 -16.30
CA VAL B 64 -73.05 41.02 -16.40
C VAL B 64 -71.83 40.19 -16.78
N ASP B 65 -71.42 39.29 -15.88
CA ASP B 65 -70.38 38.31 -16.16
C ASP B 65 -71.03 37.01 -16.58
N TYR B 66 -70.77 36.56 -17.80
CA TYR B 66 -71.39 35.37 -18.34
C TYR B 66 -70.33 34.39 -18.84
N PHE B 67 -70.61 33.11 -18.67
CA PHE B 67 -69.69 32.04 -19.04
C PHE B 67 -70.47 30.74 -19.02
N ALA B 68 -69.84 29.69 -19.53
CA ALA B 68 -70.41 28.35 -19.51
C ALA B 68 -70.02 27.65 -18.22
N TYR B 69 -71.02 27.26 -17.42
CA TYR B 69 -70.78 26.65 -16.12
C TYR B 69 -71.68 25.43 -15.97
N PRO B 70 -71.14 24.28 -15.60
CA PRO B 70 -71.97 23.08 -15.44
C PRO B 70 -72.69 23.06 -14.10
N LEU B 71 -73.93 22.55 -14.12
CA LEU B 71 -74.71 22.49 -12.89
C LEU B 71 -74.20 21.43 -11.93
N SER B 72 -73.44 20.44 -12.43
CA SER B 72 -72.80 19.47 -11.54
C SER B 72 -71.71 20.09 -10.69
N MET B 73 -71.31 21.33 -10.99
CA MET B 73 -70.34 22.07 -10.20
C MET B 73 -70.98 23.28 -9.50
N ARG B 74 -72.29 23.24 -9.30
CA ARG B 74 -73.00 24.40 -8.76
C ARG B 74 -72.56 24.75 -7.35
N SER B 75 -72.09 23.76 -6.59
CA SER B 75 -71.72 24.01 -5.20
C SER B 75 -70.40 24.76 -5.07
N TYR B 76 -69.57 24.76 -6.11
CA TYR B 76 -68.26 25.39 -6.05
C TYR B 76 -68.27 26.83 -6.50
N ILE B 77 -69.43 27.36 -6.90
CA ILE B 77 -69.59 28.77 -7.23
C ILE B 77 -70.37 29.51 -6.16
N GLN B 78 -70.87 28.80 -5.14
CA GLN B 78 -71.61 29.43 -4.06
C GLN B 78 -70.70 30.33 -3.23
N PRO B 79 -71.26 31.29 -2.50
CA PRO B 79 -70.43 32.19 -1.70
C PRO B 79 -69.69 31.44 -0.60
N GLY B 80 -68.44 31.84 -0.37
CA GLY B 80 -67.61 31.20 0.64
C GLY B 80 -67.14 29.81 0.28
N SER B 81 -67.49 29.30 -0.90
CA SER B 81 -67.10 27.94 -1.26
C SER B 81 -65.61 27.88 -1.58
N ALA B 82 -64.96 26.85 -1.06
CA ALA B 82 -63.59 26.54 -1.43
C ALA B 82 -63.60 25.66 -2.67
N GLY B 83 -62.42 25.21 -3.09
CA GLY B 83 -62.28 24.38 -4.27
C GLY B 83 -61.55 25.12 -5.38
N ASP B 84 -61.42 24.42 -6.52
CA ASP B 84 -60.61 24.94 -7.61
C ASP B 84 -61.27 26.10 -8.32
N ILE B 85 -62.61 26.13 -8.35
CA ILE B 85 -63.31 27.17 -9.12
C ILE B 85 -63.05 28.55 -8.54
N SER B 86 -63.26 28.70 -7.22
CA SER B 86 -63.07 30.00 -6.59
C SER B 86 -61.59 30.38 -6.43
N LEU B 87 -60.67 29.43 -6.62
CA LEU B 87 -59.25 29.69 -6.43
C LEU B 87 -58.51 29.99 -7.73
N TYR B 88 -58.83 29.29 -8.83
CA TYR B 88 -58.11 29.47 -10.07
C TYR B 88 -59.02 29.70 -11.27
N ASN B 89 -60.26 30.13 -11.05
CA ASN B 89 -61.18 30.30 -12.17
C ASN B 89 -62.07 31.53 -12.00
N TYR B 90 -63.09 31.45 -11.14
CA TYR B 90 -63.98 32.59 -10.93
C TYR B 90 -64.44 32.63 -9.47
N LYS B 91 -64.30 33.80 -8.87
CA LYS B 91 -64.82 34.07 -7.53
C LYS B 91 -65.69 35.32 -7.60
N GLN B 92 -66.95 35.19 -7.18
CA GLN B 92 -67.90 36.29 -7.27
C GLN B 92 -67.58 37.36 -6.23
N SER B 93 -67.62 38.61 -6.68
CA SER B 93 -67.35 39.75 -5.80
C SER B 93 -68.63 40.23 -5.13
N PHE B 94 -68.50 40.73 -3.91
CA PHE B 94 -69.63 41.21 -3.13
C PHE B 94 -69.46 42.66 -2.69
N ALA B 95 -68.66 43.45 -3.42
CA ALA B 95 -68.51 44.87 -3.15
C ALA B 95 -69.65 45.71 -3.72
N ASN B 96 -70.67 45.06 -4.28
CA ASN B 96 -71.81 45.73 -4.88
C ASN B 96 -73.00 44.80 -4.79
N PRO B 97 -74.22 45.33 -4.86
CA PRO B 97 -75.41 44.47 -4.96
C PRO B 97 -75.31 43.60 -6.21
N THR B 98 -75.38 42.28 -6.00
CA THR B 98 -75.13 41.34 -7.08
C THR B 98 -76.07 40.14 -6.98
N CYS B 99 -76.23 39.46 -8.11
CA CYS B 99 -77.00 38.23 -8.20
C CYS B 99 -76.16 37.18 -8.93
N ARG B 100 -76.53 35.92 -8.73
CA ARG B 100 -75.84 34.79 -9.36
C ARG B 100 -76.89 33.85 -9.95
N VAL B 101 -76.81 33.65 -11.26
CA VAL B 101 -77.82 32.90 -12.01
C VAL B 101 -77.14 31.75 -12.73
N LEU B 102 -77.61 30.54 -12.46
CA LEU B 102 -77.23 29.35 -13.22
C LEU B 102 -78.44 28.87 -14.01
N ALA B 103 -78.34 28.95 -15.33
CA ALA B 103 -79.47 28.64 -16.19
C ALA B 103 -79.02 27.73 -17.33
N THR B 104 -80.00 27.03 -17.91
CA THR B 104 -79.78 26.10 -19.00
C THR B 104 -80.33 26.69 -20.30
N ALA B 105 -79.55 26.56 -21.37
CA ALA B 105 -79.91 27.17 -22.65
C ALA B 105 -80.60 26.13 -23.53
N PRO B 106 -81.81 26.39 -24.00
CA PRO B 106 -82.46 25.46 -24.93
C PRO B 106 -81.87 25.57 -26.33
N ALA B 107 -82.12 24.53 -27.13
CA ALA B 107 -81.65 24.53 -28.51
C ALA B 107 -82.35 25.59 -29.37
N ASN B 108 -83.48 26.13 -28.89
CA ASN B 108 -84.14 27.21 -29.61
C ASN B 108 -83.26 28.46 -29.67
N LEU B 109 -82.58 28.77 -28.57
CA LEU B 109 -81.66 29.90 -28.55
C LEU B 109 -80.47 29.64 -29.47
N THR B 110 -79.96 30.72 -30.07
CA THR B 110 -78.94 30.64 -31.10
C THR B 110 -77.52 30.72 -30.54
N LEU B 111 -77.28 30.16 -29.36
CA LEU B 111 -75.93 30.06 -28.81
C LEU B 111 -75.44 28.62 -28.94
N THR B 112 -74.24 28.45 -29.46
CA THR B 112 -73.70 27.13 -29.73
C THR B 112 -73.01 26.57 -28.50
N LYS B 113 -72.87 25.24 -28.48
CA LYS B 113 -72.23 24.57 -27.35
C LYS B 113 -70.74 24.40 -27.63
N PRO B 114 -69.86 24.73 -26.69
CA PRO B 114 -68.43 24.46 -26.88
C PRO B 114 -68.12 22.98 -26.88
N SER B 115 -66.85 22.62 -27.08
CA SER B 115 -66.47 21.21 -27.14
C SER B 115 -66.71 20.52 -25.81
N ALA B 116 -66.34 21.17 -24.71
CA ALA B 116 -66.50 20.59 -23.38
C ALA B 116 -66.37 21.71 -22.36
N TYR B 117 -66.50 21.34 -21.08
CA TYR B 117 -66.27 22.27 -19.99
C TYR B 117 -64.80 22.25 -19.57
N GLY B 118 -64.39 23.31 -18.88
CA GLY B 118 -63.01 23.42 -18.47
C GLY B 118 -62.74 24.33 -17.30
N TYR B 119 -61.86 23.89 -16.40
CA TYR B 119 -61.38 24.72 -15.31
C TYR B 119 -59.96 24.30 -14.98
N PHE B 120 -59.29 25.08 -14.14
CA PHE B 120 -57.89 24.87 -13.81
C PHE B 120 -57.78 24.15 -12.47
N GLN B 121 -57.17 22.96 -12.48
CA GLN B 121 -56.88 22.27 -11.23
C GLN B 121 -55.82 23.01 -10.42
N LYS B 122 -54.70 23.35 -11.07
CA LYS B 122 -53.58 24.01 -10.41
C LYS B 122 -53.18 25.25 -11.19
N CYS B 123 -52.69 26.25 -10.44
CA CYS B 123 -52.13 27.48 -11.01
C CYS B 123 -51.11 28.00 -9.99
N SER B 124 -49.93 27.40 -10.00
CA SER B 124 -48.90 27.62 -9.00
C SER B 124 -47.68 28.28 -9.64
N ARG B 125 -46.82 28.82 -8.77
CA ARG B 125 -45.56 29.45 -9.17
C ARG B 125 -44.43 28.74 -8.45
N VAL B 126 -43.50 28.18 -9.23
CA VAL B 126 -42.31 27.52 -8.70
C VAL B 126 -41.18 28.52 -8.69
N SER B 127 -40.59 28.75 -7.53
CA SER B 127 -39.57 29.78 -7.36
C SER B 127 -38.52 29.29 -6.37
N GLY B 128 -37.71 30.21 -5.87
CA GLY B 128 -36.69 29.88 -4.90
C GLY B 128 -35.47 29.22 -5.52
N GLU B 129 -34.35 29.21 -4.79
CA GLU B 129 -33.19 28.47 -5.25
C GLU B 129 -33.53 27.00 -5.42
N HIS B 130 -33.00 26.38 -6.47
CA HIS B 130 -33.25 24.99 -6.84
C HIS B 130 -34.72 24.73 -7.19
N ASN B 131 -35.51 25.79 -7.39
CA ASN B 131 -36.93 25.68 -7.75
C ASN B 131 -37.68 24.80 -6.77
N SER B 132 -37.49 25.07 -5.47
CA SER B 132 -38.11 24.29 -4.42
C SER B 132 -39.36 24.95 -3.84
N VAL B 133 -39.49 26.26 -3.95
CA VAL B 133 -40.62 26.99 -3.39
C VAL B 133 -41.77 26.98 -4.40
N GLU B 134 -42.94 26.51 -3.96
CA GLU B 134 -44.13 26.47 -4.80
C GLU B 134 -45.26 27.18 -4.06
N THR B 135 -45.71 28.31 -4.61
CA THR B 135 -46.79 29.09 -4.01
C THR B 135 -47.96 29.13 -4.97
N PRO B 136 -49.12 28.57 -4.61
CA PRO B 136 -50.29 28.67 -5.48
C PRO B 136 -50.78 30.11 -5.56
N LEU B 137 -51.27 30.49 -6.74
CA LEU B 137 -51.73 31.85 -7.02
C LEU B 137 -53.24 31.85 -7.06
N TYR B 138 -53.86 32.51 -6.08
CA TYR B 138 -55.31 32.56 -5.95
C TYR B 138 -55.85 33.85 -6.57
N ILE B 139 -57.03 33.74 -7.15
CA ILE B 139 -57.65 34.86 -7.84
C ILE B 139 -58.35 35.77 -6.84
N ASN B 140 -58.49 37.03 -7.21
CA ASN B 140 -59.26 38.01 -6.47
C ASN B 140 -60.67 38.12 -7.03
N PRO B 141 -61.64 38.51 -6.21
CA PRO B 141 -63.04 38.53 -6.67
C PRO B 141 -63.22 39.43 -7.89
N GLY B 142 -63.82 38.85 -8.94
CA GLY B 142 -64.09 39.57 -10.17
C GLY B 142 -62.93 39.63 -11.16
N GLU B 143 -61.72 39.29 -10.73
CA GLU B 143 -60.55 39.39 -11.60
C GLU B 143 -60.45 38.14 -12.48
N TYR B 144 -59.35 38.01 -13.20
CA TYR B 144 -59.07 36.85 -14.02
C TYR B 144 -57.90 36.06 -13.44
N SER B 145 -57.85 34.78 -13.79
CA SER B 145 -56.72 33.95 -13.40
C SER B 145 -55.49 34.33 -14.21
N ILE B 146 -54.31 34.21 -13.58
CA ILE B 146 -53.08 34.45 -14.31
C ILE B 146 -52.72 33.31 -15.25
N CYS B 147 -53.27 32.12 -15.01
CA CYS B 147 -53.13 30.99 -15.92
C CYS B 147 -54.11 31.04 -17.08
N ARG B 148 -54.76 32.18 -17.29
CA ARG B 148 -55.80 32.29 -18.31
C ARG B 148 -55.23 32.16 -19.71
N SER B 149 -54.03 32.71 -19.95
CA SER B 149 -53.47 32.77 -21.29
C SER B 149 -53.01 31.40 -21.80
N PHE B 150 -52.93 30.39 -20.94
CA PHE B 150 -52.39 29.10 -21.36
C PHE B 150 -53.30 28.41 -22.38
N SER B 151 -54.60 28.33 -22.08
CA SER B 151 -55.57 27.70 -22.98
C SER B 151 -56.86 28.50 -22.93
N PRO B 152 -57.00 29.48 -23.83
CA PRO B 152 -58.20 30.34 -23.81
C PRO B 152 -59.47 29.59 -24.20
N TYR B 153 -59.46 28.96 -25.38
CA TYR B 153 -60.65 28.27 -25.86
C TYR B 153 -61.00 27.08 -24.98
N GLY B 154 -60.02 26.23 -24.69
CA GLY B 154 -60.26 25.07 -23.87
C GLY B 154 -59.03 24.19 -23.82
N PHE B 155 -59.18 23.07 -23.12
CA PHE B 155 -58.12 22.09 -22.97
C PHE B 155 -58.33 20.92 -23.92
N SER B 156 -57.23 20.23 -24.23
CA SER B 156 -57.29 19.11 -25.18
C SER B 156 -57.52 17.78 -24.49
N GLU B 157 -57.06 17.63 -23.26
CA GLU B 157 -57.27 16.42 -22.46
C GLU B 157 -57.52 16.84 -21.03
N ASP B 158 -57.84 15.87 -20.18
CA ASP B 158 -57.94 16.15 -18.75
C ASP B 158 -56.56 16.04 -18.11
N GLY B 159 -56.24 17.00 -17.25
CA GLY B 159 -54.92 17.05 -16.68
C GLY B 159 -53.86 17.61 -17.60
N GLU B 160 -54.22 18.54 -18.48
CA GLU B 160 -53.27 19.14 -19.40
C GLU B 160 -52.39 20.13 -18.65
N VAL B 161 -51.08 20.04 -18.87
CA VAL B 161 -50.10 20.83 -18.15
C VAL B 161 -49.54 21.91 -19.06
N PHE B 162 -49.41 23.12 -18.53
CA PHE B 162 -48.80 24.24 -19.24
C PHE B 162 -47.70 24.83 -18.37
N ARG B 163 -46.55 25.11 -18.98
CA ARG B 163 -45.44 25.76 -18.29
C ARG B 163 -45.06 27.04 -19.02
N ARG B 164 -44.51 27.99 -18.27
CA ARG B 164 -44.10 29.26 -18.83
C ARG B 164 -43.08 29.90 -17.90
N GLN B 165 -42.08 30.56 -18.49
CA GLN B 165 -41.08 31.26 -17.72
C GLN B 165 -41.57 32.66 -17.36
N LEU B 166 -41.55 32.99 -16.07
CA LEU B 166 -41.92 34.32 -15.61
C LEU B 166 -40.72 35.25 -15.75
N THR B 167 -40.90 36.36 -16.46
CA THR B 167 -39.80 37.27 -16.73
C THR B 167 -39.28 37.87 -15.42
N GLN B 168 -38.08 38.47 -15.52
CA GLN B 168 -37.51 39.17 -14.37
C GLN B 168 -38.45 40.25 -13.84
N TYR B 169 -39.14 40.94 -14.75
CA TYR B 169 -40.10 41.95 -14.32
C TYR B 169 -41.34 41.33 -13.72
N GLU B 170 -41.68 40.09 -14.13
CA GLU B 170 -42.81 39.39 -13.57
C GLU B 170 -42.38 38.62 -12.34
N GLY B 171 -41.46 39.15 -11.57
CA GLY B 171 -41.13 38.50 -10.31
C GLY B 171 -40.10 37.38 -10.33
N GLY B 172 -40.34 36.33 -11.12
CA GLY B 172 -39.36 35.27 -11.24
C GLY B 172 -39.92 33.86 -11.14
N GLY B 173 -39.17 32.88 -11.64
CA GLY B 173 -39.59 31.50 -11.52
C GLY B 173 -40.37 31.00 -12.72
N ILE B 174 -41.03 29.86 -12.51
CA ILE B 174 -41.81 29.19 -13.54
C ILE B 174 -43.26 29.16 -13.09
N LEU B 175 -44.16 29.58 -13.98
CA LEU B 175 -45.60 29.51 -13.72
C LEU B 175 -46.14 28.19 -14.28
N VAL B 176 -46.74 27.39 -13.40
CA VAL B 176 -47.29 26.09 -13.78
C VAL B 176 -48.80 26.14 -13.69
N GLY B 177 -49.47 25.58 -14.69
CA GLY B 177 -50.91 25.53 -14.71
C GLY B 177 -51.45 24.21 -15.25
N VAL B 178 -52.37 23.58 -14.53
CA VAL B 178 -52.96 22.31 -14.93
C VAL B 178 -54.44 22.53 -15.19
N GLY B 179 -54.92 22.01 -16.32
CA GLY B 179 -56.31 22.15 -16.69
C GLY B 179 -57.14 20.92 -16.34
N ALA B 180 -58.45 21.14 -16.28
CA ALA B 180 -59.42 20.08 -16.02
C ALA B 180 -60.53 20.14 -17.05
N LYS B 181 -60.97 18.98 -17.51
CA LYS B 181 -61.98 18.88 -18.56
C LYS B 181 -63.15 18.03 -18.07
N LEU B 182 -64.36 18.55 -18.27
CA LEU B 182 -65.59 17.82 -17.99
C LEU B 182 -66.37 17.60 -19.29
N ALA B 183 -67.07 16.47 -19.35
CA ALA B 183 -67.85 16.14 -20.53
C ALA B 183 -68.98 17.14 -20.74
N MET B 184 -69.24 17.47 -22.00
CA MET B 184 -70.27 18.45 -22.32
C MET B 184 -71.65 17.87 -22.06
N THR B 185 -72.51 18.67 -21.42
CA THR B 185 -73.84 18.23 -21.05
C THR B 185 -74.76 18.23 -22.27
N ASP B 186 -76.01 17.78 -22.06
CA ASP B 186 -76.99 17.73 -23.14
C ASP B 186 -77.30 19.13 -23.64
N LYS B 187 -77.80 20.00 -22.77
CA LYS B 187 -78.09 21.38 -23.11
C LYS B 187 -77.07 22.29 -22.42
N LEU B 188 -76.71 23.37 -23.10
CA LEU B 188 -75.70 24.29 -22.60
C LEU B 188 -76.13 24.95 -21.29
N GLU B 189 -75.44 24.63 -20.21
CA GLU B 189 -75.70 25.24 -18.91
C GLU B 189 -74.76 26.43 -18.72
N MET B 190 -75.34 27.58 -18.34
CA MET B 190 -74.62 28.84 -18.31
C MET B 190 -74.56 29.39 -16.88
N GLY B 191 -73.79 30.47 -16.73
CA GLY B 191 -73.69 31.17 -15.47
C GLY B 191 -73.63 32.67 -15.67
N PHE B 192 -74.44 33.42 -14.90
CA PHE B 192 -74.56 34.86 -15.07
C PHE B 192 -74.38 35.56 -13.74
N ILE B 193 -73.51 36.56 -13.71
CA ILE B 193 -73.23 37.35 -12.51
C ILE B 193 -73.56 38.80 -12.83
N ILE B 194 -74.64 39.31 -12.24
CA ILE B 194 -75.12 40.67 -12.47
C ILE B 194 -74.76 41.53 -11.27
N SER B 195 -74.28 42.74 -11.52
CA SER B 195 -73.90 43.67 -10.47
C SER B 195 -74.38 45.08 -10.83
N VAL B 196 -74.30 45.98 -9.86
CA VAL B 196 -74.94 47.30 -9.99
C VAL B 196 -74.21 48.29 -9.10
N GLN B 197 -74.07 49.53 -9.60
CA GLN B 197 -73.56 50.66 -8.83
C GLN B 197 -74.55 51.82 -8.88
N TYR B 198 -74.17 52.99 -8.37
CA TYR B 198 -75.12 54.09 -8.23
C TYR B 198 -74.43 55.43 -8.54
N GLY B 199 -75.18 56.52 -8.32
CA GLY B 199 -74.73 57.85 -8.63
C GLY B 199 -75.81 58.63 -9.38
N THR B 200 -76.99 58.03 -9.51
CA THR B 200 -78.11 58.56 -10.29
C THR B 200 -77.68 58.80 -11.74
N ASP B 201 -77.38 57.67 -12.39
CA ASP B 201 -76.96 57.63 -13.80
C ASP B 201 -75.91 58.69 -14.14
N ARG C 1 -15.71 -34.42 -2.41
CA ARG C 1 -14.40 -34.14 -3.00
C ARG C 1 -13.41 -33.62 -1.96
N ARG C 2 -12.12 -33.74 -2.27
CA ARG C 2 -11.08 -33.23 -1.38
C ARG C 2 -11.07 -31.70 -1.36
N THR C 3 -11.10 -31.09 -2.54
CA THR C 3 -11.18 -29.64 -2.68
C THR C 3 -12.44 -29.28 -3.47
N TYR C 4 -12.86 -28.03 -3.32
CA TYR C 4 -14.02 -27.52 -4.05
C TYR C 4 -13.59 -27.25 -5.49
N THR C 5 -14.04 -28.08 -6.42
CA THR C 5 -13.61 -28.01 -7.81
C THR C 5 -14.55 -27.13 -8.63
N LEU C 6 -14.11 -26.83 -9.86
CA LEU C 6 -14.95 -26.06 -10.77
C LEU C 6 -16.18 -26.86 -11.20
N THR C 7 -16.02 -28.16 -11.38
CA THR C 7 -17.17 -29.02 -11.66
C THR C 7 -18.18 -28.98 -10.51
N ASP C 8 -17.69 -28.87 -9.28
CA ASP C 8 -18.60 -28.82 -8.13
C ASP C 8 -19.42 -27.54 -8.11
N TYR C 9 -18.94 -26.48 -8.74
CA TYR C 9 -19.69 -25.22 -8.77
C TYR C 9 -20.52 -25.07 -10.03
N LEU C 10 -19.97 -25.40 -11.20
CA LEU C 10 -20.70 -25.25 -12.45
C LEU C 10 -21.92 -26.17 -12.48
N LYS C 11 -21.70 -27.48 -12.40
CA LYS C 11 -22.75 -28.36 -11.91
C LYS C 11 -22.90 -28.14 -10.41
N ASN C 12 -24.12 -28.33 -9.90
CA ASN C 12 -24.41 -28.01 -8.51
C ASN C 12 -24.29 -29.26 -7.66
N THR C 13 -23.13 -29.43 -7.03
CA THR C 13 -22.84 -30.58 -6.19
C THR C 13 -23.19 -30.31 -4.73
N PHE C 14 -22.73 -29.19 -4.18
CA PHE C 14 -22.99 -28.81 -2.79
C PHE C 14 -24.09 -27.76 -2.78
N ARG C 15 -25.32 -28.19 -2.54
CA ARG C 15 -26.50 -27.33 -2.67
C ARG C 15 -26.92 -26.77 -1.31
N VAL C 16 -27.35 -25.51 -1.33
CA VAL C 16 -27.85 -24.81 -0.15
C VAL C 16 -29.37 -24.89 -0.16
N LYS C 17 -29.94 -25.36 0.94
CA LYS C 17 -31.38 -25.51 1.06
C LYS C 17 -32.02 -24.23 1.61
N PHE C 18 -33.16 -23.86 1.05
CA PHE C 18 -33.91 -22.68 1.46
C PHE C 18 -35.26 -23.09 2.00
N TYR C 19 -35.91 -22.16 2.71
CA TYR C 19 -37.25 -22.36 3.26
C TYR C 19 -38.08 -21.13 2.91
N SER C 20 -38.70 -21.15 1.73
CA SER C 20 -39.50 -20.05 1.24
C SER C 20 -40.97 -20.31 1.56
N LEU C 21 -41.60 -19.34 2.23
CA LEU C 21 -43.00 -19.45 2.61
C LEU C 21 -43.76 -18.22 2.15
N ARG C 22 -45.09 -18.35 2.12
CA ARG C 22 -45.98 -17.25 1.75
C ARG C 22 -47.01 -17.10 2.86
N TRP C 23 -46.91 -16.00 3.61
CA TRP C 23 -47.86 -15.72 4.67
C TRP C 23 -49.24 -15.46 4.07
N VAL C 24 -50.19 -16.34 4.39
CA VAL C 24 -51.53 -16.24 3.84
C VAL C 24 -52.53 -15.67 4.84
N SER C 25 -52.10 -15.44 6.09
CA SER C 25 -52.96 -14.84 7.10
C SER C 25 -52.05 -14.21 8.16
N ASP C 26 -52.58 -14.03 9.37
CA ASP C 26 -51.81 -13.51 10.49
C ASP C 26 -51.12 -14.60 11.30
N HIS C 27 -51.43 -15.88 11.02
CA HIS C 27 -50.85 -16.95 11.82
C HIS C 27 -50.66 -18.25 11.02
N GLU C 28 -50.86 -18.23 9.70
CA GLU C 28 -50.67 -19.42 8.89
C GLU C 28 -49.96 -19.04 7.60
N TYR C 29 -49.33 -20.03 6.97
CA TYR C 29 -48.60 -19.78 5.73
C TYR C 29 -48.61 -21.04 4.88
N LEU C 30 -48.24 -20.87 3.61
CA LEU C 30 -48.16 -21.97 2.66
C LEU C 30 -46.71 -22.37 2.47
N TYR C 31 -46.50 -23.65 2.16
CA TYR C 31 -45.16 -24.20 1.94
C TYR C 31 -45.27 -25.40 1.02
N LYS C 32 -44.35 -25.50 0.06
CA LYS C 32 -44.39 -26.53 -0.96
C LYS C 32 -43.47 -27.68 -0.56
N GLN C 33 -44.03 -28.89 -0.52
CA GLN C 33 -43.31 -30.09 -0.11
C GLN C 33 -43.57 -31.17 -1.14
N GLU C 34 -42.54 -31.50 -1.93
CA GLU C 34 -42.66 -32.53 -2.96
C GLU C 34 -43.82 -32.22 -3.90
N ASN C 35 -43.87 -30.98 -4.38
CA ASN C 35 -44.94 -30.48 -5.25
C ASN C 35 -46.30 -30.55 -4.58
N ASN C 36 -46.34 -30.53 -3.24
CA ASN C 36 -47.58 -30.43 -2.49
C ASN C 36 -47.60 -29.11 -1.75
N ILE C 37 -48.60 -28.28 -2.03
CA ILE C 37 -48.80 -27.05 -1.28
C ILE C 37 -49.37 -27.41 0.09
N LEU C 38 -48.61 -27.11 1.13
CA LEU C 38 -48.98 -27.43 2.50
C LEU C 38 -49.30 -26.16 3.26
N LEU C 39 -50.29 -26.24 4.14
CA LEU C 39 -50.70 -25.12 4.98
C LEU C 39 -50.23 -25.38 6.40
N PHE C 40 -49.43 -24.45 6.94
CA PHE C 40 -48.86 -24.57 8.27
C PHE C 40 -49.49 -23.58 9.22
N ASN C 41 -49.57 -23.96 10.49
CA ASN C 41 -49.97 -23.07 11.57
C ASN C 41 -48.72 -22.58 12.29
N ALA C 42 -48.60 -21.26 12.43
CA ALA C 42 -47.35 -20.69 12.95
C ALA C 42 -47.15 -21.01 14.42
N GLU C 43 -48.22 -21.18 15.19
CA GLU C 43 -48.07 -21.36 16.63
C GLU C 43 -47.42 -22.70 16.95
N TYR C 44 -48.07 -23.81 16.56
CA TYR C 44 -47.65 -25.14 16.97
C TYR C 44 -47.03 -25.95 15.86
N GLY C 45 -46.80 -25.34 14.69
CA GLY C 45 -46.15 -26.02 13.59
C GLY C 45 -46.94 -27.15 12.95
N ASN C 46 -48.12 -27.46 13.47
CA ASN C 46 -48.95 -28.50 12.87
C ASN C 46 -49.44 -28.03 11.50
N SER C 47 -49.50 -28.95 10.55
CA SER C 47 -49.76 -28.60 9.16
C SER C 47 -50.84 -29.50 8.57
N SER C 48 -51.30 -29.12 7.39
CA SER C 48 -52.30 -29.89 6.64
C SER C 48 -52.12 -29.61 5.15
N ILE C 49 -52.63 -30.51 4.33
CA ILE C 49 -52.46 -30.41 2.88
C ILE C 49 -53.41 -29.36 2.34
N PHE C 50 -52.89 -28.46 1.50
CA PHE C 50 -53.70 -27.46 0.81
C PHE C 50 -54.01 -27.85 -0.63
N LEU C 51 -53.04 -28.45 -1.31
CA LEU C 51 -53.23 -28.96 -2.67
C LEU C 51 -52.26 -30.11 -2.87
N GLU C 52 -52.76 -31.23 -3.37
CA GLU C 52 -51.93 -32.42 -3.55
C GLU C 52 -51.26 -32.39 -4.92
N ASN C 53 -50.15 -33.12 -5.03
CA ASN C 53 -49.46 -33.20 -6.31
C ASN C 53 -50.17 -34.12 -7.30
N SER C 54 -51.18 -34.87 -6.85
CA SER C 54 -52.06 -35.54 -7.80
C SER C 54 -52.85 -34.53 -8.62
N THR C 55 -53.15 -33.37 -8.03
CA THR C 55 -53.80 -32.31 -8.78
C THR C 55 -52.82 -31.65 -9.75
N PHE C 56 -51.57 -31.46 -9.33
CA PHE C 56 -50.58 -30.79 -10.16
C PHE C 56 -50.34 -31.48 -11.48
N ASP C 57 -50.60 -32.79 -11.57
CA ASP C 57 -50.24 -33.57 -12.75
C ASP C 57 -51.47 -34.16 -13.44
N GLU C 58 -52.63 -33.52 -13.28
CA GLU C 58 -53.76 -33.77 -14.15
C GLU C 58 -53.73 -32.86 -15.38
N PHE C 59 -52.81 -31.90 -15.42
CA PHE C 59 -52.66 -30.98 -16.53
C PHE C 59 -51.77 -31.58 -17.62
N GLY C 60 -51.78 -30.94 -18.77
CA GLY C 60 -50.91 -31.35 -19.86
C GLY C 60 -49.74 -30.39 -20.04
N HIS C 61 -49.36 -29.71 -18.97
CA HIS C 61 -48.30 -28.73 -19.02
C HIS C 61 -47.57 -28.71 -17.69
N SER C 62 -46.39 -28.09 -17.69
CA SER C 62 -45.58 -27.95 -16.48
C SER C 62 -45.95 -26.64 -15.79
N ILE C 63 -46.40 -26.74 -14.54
CA ILE C 63 -46.78 -25.56 -13.77
C ILE C 63 -45.51 -24.87 -13.28
N ASN C 64 -45.43 -23.56 -13.52
CA ASN C 64 -44.25 -22.80 -13.16
C ASN C 64 -44.38 -22.09 -11.81
N ASP C 65 -45.57 -21.59 -11.50
CA ASP C 65 -45.81 -20.88 -10.24
C ASP C 65 -47.29 -20.96 -9.91
N TYR C 66 -47.66 -20.44 -8.75
CA TYR C 66 -49.04 -20.43 -8.30
C TYR C 66 -49.31 -19.17 -7.49
N SER C 67 -50.59 -18.80 -7.41
CA SER C 67 -51.00 -17.61 -6.68
C SER C 67 -52.41 -17.82 -6.17
N VAL C 68 -52.56 -18.00 -4.86
CA VAL C 68 -53.86 -18.23 -4.24
C VAL C 68 -54.53 -16.90 -3.97
N SER C 69 -55.83 -16.83 -4.26
CA SER C 69 -56.57 -15.60 -4.02
C SER C 69 -56.65 -15.31 -2.52
N PRO C 70 -56.70 -14.02 -2.14
CA PRO C 70 -56.73 -13.68 -0.71
C PRO C 70 -58.03 -14.06 0.00
N ASP C 71 -58.86 -14.86 -0.64
CA ASP C 71 -60.03 -15.42 0.01
C ASP C 71 -59.94 -16.94 0.18
N GLY C 72 -58.84 -17.55 -0.26
CA GLY C 72 -58.67 -18.99 -0.15
C GLY C 72 -59.60 -19.82 -1.00
N GLN C 73 -60.27 -19.22 -1.99
CA GLN C 73 -61.26 -19.92 -2.79
C GLN C 73 -60.80 -20.22 -4.21
N PHE C 74 -59.70 -19.63 -4.66
CA PHE C 74 -59.22 -19.84 -6.01
C PHE C 74 -57.70 -19.91 -6.03
N ILE C 75 -57.16 -20.64 -7.01
CA ILE C 75 -55.72 -20.78 -7.20
C ILE C 75 -55.41 -20.47 -8.66
N LEU C 76 -54.45 -19.57 -8.88
CA LEU C 76 -54.01 -19.20 -10.22
C LEU C 76 -52.78 -20.02 -10.58
N PHE C 77 -52.81 -20.65 -11.75
CA PHE C 77 -51.73 -21.52 -12.21
C PHE C 77 -51.00 -20.87 -13.38
N GLU C 78 -49.69 -20.73 -13.25
CA GLU C 78 -48.86 -20.09 -14.26
C GLU C 78 -48.09 -21.15 -15.05
N TYR C 79 -48.11 -21.03 -16.37
CA TYR C 79 -47.39 -21.95 -17.25
C TYR C 79 -47.11 -21.23 -18.56
N ASN C 80 -46.39 -21.93 -19.45
CA ASN C 80 -45.90 -21.34 -20.71
C ASN C 80 -45.06 -20.10 -20.43
N TYR C 81 -44.17 -20.21 -19.44
CA TYR C 81 -43.31 -19.10 -19.06
C TYR C 81 -42.33 -18.78 -20.18
N VAL C 82 -42.23 -17.49 -20.53
CA VAL C 82 -41.29 -17.01 -21.54
C VAL C 82 -40.62 -15.75 -21.01
N LYS C 83 -39.31 -15.80 -20.82
CA LYS C 83 -38.58 -14.69 -20.23
C LYS C 83 -38.40 -13.55 -21.22
N LYS C 84 -38.46 -12.33 -20.71
CA LYS C 84 -38.15 -11.13 -21.46
C LYS C 84 -37.60 -10.10 -20.49
N TRP C 85 -36.33 -9.73 -20.66
CA TRP C 85 -35.63 -8.79 -19.78
C TRP C 85 -35.53 -9.33 -18.35
N ARG C 86 -35.22 -8.44 -17.41
CA ARG C 86 -34.92 -8.85 -16.04
C ARG C 86 -36.15 -9.42 -15.34
N HIS C 87 -37.16 -8.59 -15.13
CA HIS C 87 -38.36 -8.99 -14.40
C HIS C 87 -39.53 -9.38 -15.29
N SER C 88 -39.62 -8.81 -16.50
CA SER C 88 -40.76 -9.06 -17.34
C SER C 88 -40.76 -10.51 -17.84
N TYR C 89 -41.96 -10.98 -18.19
CA TYR C 89 -42.16 -12.32 -18.75
C TYR C 89 -43.61 -12.44 -19.17
N THR C 90 -43.85 -13.35 -20.11
CA THR C 90 -45.20 -13.65 -20.60
C THR C 90 -45.51 -15.11 -20.31
N ALA C 91 -46.77 -15.39 -19.98
CA ALA C 91 -47.17 -16.74 -19.61
C ALA C 91 -48.68 -16.86 -19.74
N SER C 92 -49.15 -18.11 -19.71
CA SER C 92 -50.57 -18.43 -19.69
C SER C 92 -51.02 -18.66 -18.25
N TYR C 93 -52.34 -18.65 -18.05
CA TYR C 93 -52.89 -18.81 -16.71
C TYR C 93 -54.19 -19.59 -16.76
N ASP C 94 -54.39 -20.43 -15.76
CA ASP C 94 -55.63 -21.18 -15.57
C ASP C 94 -56.11 -20.99 -14.14
N ILE C 95 -57.36 -20.58 -13.98
CA ILE C 95 -57.94 -20.36 -12.66
C ILE C 95 -58.52 -21.67 -12.15
N TYR C 96 -58.15 -22.05 -10.94
CA TYR C 96 -58.58 -23.31 -10.34
C TYR C 96 -59.50 -23.03 -9.16
N ASP C 97 -60.69 -23.62 -9.19
CA ASP C 97 -61.63 -23.47 -8.08
C ASP C 97 -61.28 -24.47 -6.97
N LEU C 98 -61.37 -24.01 -5.73
CA LEU C 98 -61.02 -24.84 -4.58
C LEU C 98 -62.23 -25.49 -3.91
N HIS C 99 -63.36 -24.79 -3.83
CA HIS C 99 -64.55 -25.40 -3.25
C HIS C 99 -65.16 -26.43 -4.20
N LYS C 100 -65.09 -26.17 -5.50
CA LYS C 100 -65.54 -27.13 -6.50
C LYS C 100 -64.44 -28.08 -6.95
N ARG C 101 -63.18 -27.74 -6.69
CA ARG C 101 -62.03 -28.57 -7.05
C ARG C 101 -62.01 -28.85 -8.55
N GLN C 102 -62.18 -27.80 -9.34
CA GLN C 102 -62.22 -27.90 -10.79
C GLN C 102 -61.51 -26.71 -11.43
N LEU C 103 -61.18 -26.88 -12.71
CA LEU C 103 -60.67 -25.79 -13.52
C LEU C 103 -61.82 -24.99 -14.13
N ILE C 104 -61.56 -23.72 -14.41
CA ILE C 104 -62.54 -22.85 -15.04
C ILE C 104 -62.17 -22.73 -16.52
N THR C 105 -63.06 -23.20 -17.39
CA THR C 105 -62.87 -23.10 -18.83
C THR C 105 -63.77 -22.06 -19.47
N GLU C 106 -64.57 -21.34 -18.67
CA GLU C 106 -65.47 -20.32 -19.18
C GLU C 106 -64.78 -18.96 -19.06
N GLU C 107 -64.54 -18.33 -20.21
CA GLU C 107 -63.87 -17.03 -20.28
C GLU C 107 -62.51 -17.08 -19.59
N ARG C 108 -61.49 -17.54 -20.31
CA ARG C 108 -60.18 -17.79 -19.74
C ARG C 108 -59.29 -16.55 -19.83
N ILE C 109 -58.11 -16.65 -19.23
CA ILE C 109 -57.07 -15.63 -19.32
C ILE C 109 -56.26 -15.89 -20.57
N PRO C 110 -56.08 -14.92 -21.46
CA PRO C 110 -55.46 -15.20 -22.75
C PRO C 110 -53.99 -15.59 -22.62
N ASN C 111 -53.48 -16.18 -23.69
CA ASN C 111 -52.05 -16.45 -23.78
C ASN C 111 -51.28 -15.13 -23.80
N ASN C 112 -49.97 -15.24 -23.53
CA ASN C 112 -49.06 -14.10 -23.62
C ASN C 112 -49.45 -12.97 -22.68
N THR C 113 -50.03 -13.31 -21.53
CA THR C 113 -50.35 -12.31 -20.53
C THR C 113 -49.07 -11.73 -19.93
N GLN C 114 -49.04 -10.41 -19.78
CA GLN C 114 -47.83 -9.73 -19.32
C GLN C 114 -47.78 -9.61 -17.80
N TRP C 115 -48.89 -9.22 -17.18
CA TRP C 115 -48.98 -9.15 -15.73
C TRP C 115 -50.36 -9.62 -15.29
N ILE C 116 -50.46 -10.04 -14.03
CA ILE C 116 -51.72 -10.46 -13.45
C ILE C 116 -51.56 -10.47 -11.93
N THR C 117 -52.65 -10.14 -11.24
CA THR C 117 -52.61 -10.06 -9.78
C THR C 117 -54.03 -10.14 -9.24
N TRP C 118 -54.13 -10.54 -7.97
CA TRP C 118 -55.41 -10.57 -7.28
C TRP C 118 -55.63 -9.27 -6.53
N SER C 119 -56.90 -8.99 -6.24
CA SER C 119 -57.24 -7.92 -5.31
C SER C 119 -56.73 -8.29 -3.92
N PRO C 120 -56.40 -7.30 -3.07
CA PRO C 120 -55.93 -7.62 -1.71
C PRO C 120 -56.95 -8.38 -0.88
N VAL C 121 -58.23 -8.28 -1.23
CA VAL C 121 -59.28 -9.08 -0.60
C VAL C 121 -60.15 -9.67 -1.69
N GLY C 122 -60.69 -10.86 -1.42
CA GLY C 122 -61.57 -11.50 -2.36
C GLY C 122 -60.87 -12.22 -3.50
N HIS C 123 -61.46 -12.15 -4.70
CA HIS C 123 -60.95 -12.89 -5.84
C HIS C 123 -61.02 -12.09 -7.13
N LYS C 124 -60.87 -10.77 -7.04
CA LYS C 124 -60.87 -9.92 -8.23
C LYS C 124 -59.52 -10.00 -8.94
N LEU C 125 -59.56 -9.97 -10.27
CA LEU C 125 -58.37 -10.15 -11.09
C LEU C 125 -58.22 -8.99 -12.05
N ALA C 126 -57.03 -8.39 -12.08
CA ALA C 126 -56.65 -7.39 -13.06
C ALA C 126 -55.36 -7.85 -13.73
N TYR C 127 -55.38 -7.91 -15.06
CA TYR C 127 -54.22 -8.40 -15.80
C TYR C 127 -53.95 -7.51 -17.00
N VAL C 128 -52.70 -7.51 -17.45
CA VAL C 128 -52.25 -6.74 -18.59
C VAL C 128 -52.01 -7.69 -19.76
N TRP C 129 -52.61 -7.40 -20.90
CA TRP C 129 -52.47 -8.21 -22.10
C TRP C 129 -52.45 -7.29 -23.31
N HIS C 130 -51.39 -7.39 -24.12
CA HIS C 130 -51.18 -6.50 -25.27
C HIS C 130 -51.20 -5.03 -24.83
N ASN C 131 -50.50 -4.74 -23.74
CA ASN C 131 -50.32 -3.38 -23.24
C ASN C 131 -51.66 -2.72 -22.90
N ASP C 132 -52.59 -3.51 -22.37
CA ASP C 132 -53.87 -2.98 -21.93
C ASP C 132 -54.33 -3.73 -20.70
N ILE C 133 -55.11 -3.05 -19.86
CA ILE C 133 -55.54 -3.57 -18.57
C ILE C 133 -56.95 -4.15 -18.70
N TYR C 134 -57.15 -5.32 -18.13
CA TYR C 134 -58.45 -5.99 -18.08
C TYR C 134 -58.75 -6.39 -16.65
N ILE C 135 -59.98 -6.13 -16.21
CA ILE C 135 -60.41 -6.41 -14.84
C ILE C 135 -61.51 -7.46 -14.87
N LYS C 136 -61.36 -8.50 -14.07
CA LYS C 136 -62.36 -9.56 -13.93
C LYS C 136 -62.97 -9.47 -12.53
N LYS C 137 -64.27 -9.19 -12.47
CA LYS C 137 -64.95 -9.13 -11.17
C LYS C 137 -65.07 -10.52 -10.55
N GLU C 138 -65.33 -11.54 -11.36
CA GLU C 138 -65.42 -12.91 -10.93
C GLU C 138 -64.67 -13.76 -11.93
N PRO C 139 -63.95 -14.80 -11.48
CA PRO C 139 -63.11 -15.57 -12.40
C PRO C 139 -63.87 -16.21 -13.56
N ASN C 140 -65.09 -16.68 -13.31
CA ASN C 140 -65.87 -17.33 -14.35
C ASN C 140 -66.47 -16.34 -15.34
N LEU C 141 -66.40 -15.04 -15.06
CA LEU C 141 -67.02 -14.03 -15.89
C LEU C 141 -66.02 -13.42 -16.87
N GLN C 142 -66.55 -12.80 -17.92
CA GLN C 142 -65.73 -12.15 -18.92
C GLN C 142 -65.07 -10.89 -18.36
N SER C 143 -63.89 -10.58 -18.85
CA SER C 143 -63.15 -9.42 -18.39
C SER C 143 -63.69 -8.15 -19.05
N GLN C 144 -63.39 -7.02 -18.41
CA GLN C 144 -63.80 -5.70 -18.91
C GLN C 144 -62.54 -4.89 -19.22
N ARG C 145 -62.43 -4.45 -20.47
CA ARG C 145 -61.24 -3.72 -20.91
C ARG C 145 -61.22 -2.33 -20.31
N ILE C 146 -60.14 -1.99 -19.62
CA ILE C 146 -60.02 -0.70 -18.94
C ILE C 146 -59.39 0.35 -19.83
N THR C 147 -58.31 0.00 -20.54
CA THR C 147 -57.61 0.93 -21.40
C THR C 147 -57.69 0.47 -22.85
N TRP C 148 -57.67 1.44 -23.77
CA TRP C 148 -57.80 1.16 -25.20
C TRP C 148 -56.69 1.81 -26.02
N THR C 149 -55.70 2.42 -25.39
CA THR C 149 -54.64 3.15 -26.10
C THR C 149 -53.33 2.38 -26.18
N GLY C 150 -53.27 1.17 -25.63
CA GLY C 150 -52.04 0.41 -25.62
C GLY C 150 -51.51 0.03 -26.98
N LYS C 151 -50.26 0.35 -27.24
CA LYS C 151 -49.59 0.01 -28.49
C LYS C 151 -48.22 -0.57 -28.19
N GLU C 152 -47.84 -1.59 -28.95
CA GLU C 152 -46.58 -2.29 -28.72
C GLU C 152 -45.39 -1.34 -28.94
N ASP C 153 -44.50 -1.29 -27.95
CA ASP C 153 -43.28 -0.50 -27.98
C ASP C 153 -43.54 0.99 -28.09
N VAL C 154 -44.76 1.44 -27.79
CA VAL C 154 -45.06 2.87 -27.82
C VAL C 154 -45.72 3.28 -26.51
N ILE C 155 -46.89 2.73 -26.22
CA ILE C 155 -47.69 3.12 -25.07
C ILE C 155 -47.95 1.90 -24.21
N TYR C 156 -47.56 1.98 -22.94
CA TYR C 156 -47.69 0.90 -21.99
C TYR C 156 -48.74 1.27 -20.94
N ASN C 157 -49.73 0.41 -20.75
CA ASN C 157 -50.79 0.63 -19.77
C ASN C 157 -50.74 -0.46 -18.73
N GLY C 158 -50.35 -0.10 -17.51
CA GLY C 158 -50.23 -1.06 -16.43
C GLY C 158 -48.90 -1.77 -16.33
N ILE C 159 -48.07 -1.70 -17.37
CA ILE C 159 -46.74 -2.30 -17.36
C ILE C 159 -45.71 -1.21 -17.64
N THR C 160 -44.47 -1.50 -17.27
CA THR C 160 -43.37 -0.57 -17.41
C THR C 160 -42.72 -0.67 -18.78
N ASP C 161 -41.99 0.38 -19.16
CA ASP C 161 -41.11 0.31 -20.30
C ASP C 161 -39.78 -0.31 -19.84
N TRP C 162 -38.78 -0.34 -20.71
CA TRP C 162 -37.52 -0.97 -20.34
C TRP C 162 -36.85 -0.26 -19.18
N VAL C 163 -36.75 1.08 -19.26
CA VAL C 163 -35.97 1.81 -18.27
C VAL C 163 -36.70 1.88 -16.93
N TYR C 164 -38.04 1.80 -16.94
CA TYR C 164 -38.77 1.82 -15.68
C TYR C 164 -38.69 0.47 -14.97
N GLU C 165 -38.69 -0.62 -15.73
CA GLU C 165 -38.55 -1.94 -15.12
C GLU C 165 -37.15 -2.13 -14.55
N GLU C 166 -36.13 -1.60 -15.21
CA GLU C 166 -34.77 -1.92 -14.84
C GLU C 166 -34.24 -1.02 -13.73
N GLU C 167 -34.53 0.28 -13.80
CA GLU C 167 -33.77 1.25 -13.02
C GLU C 167 -34.56 1.95 -11.93
N VAL C 168 -35.88 2.13 -12.07
CA VAL C 168 -36.65 2.89 -11.12
C VAL C 168 -37.64 2.02 -10.35
N PHE C 169 -38.31 1.09 -11.02
CA PHE C 169 -39.31 0.26 -10.35
C PHE C 169 -38.77 -1.10 -9.90
N SER C 170 -37.73 -1.61 -10.56
CA SER C 170 -37.19 -2.94 -10.30
C SER C 170 -38.28 -4.01 -10.44
N ALA C 171 -39.25 -3.76 -11.32
CA ALA C 171 -40.37 -4.67 -11.51
C ALA C 171 -41.06 -4.32 -12.82
N TYR C 172 -41.73 -5.31 -13.40
CA TYR C 172 -42.48 -5.15 -14.63
C TYR C 172 -43.90 -4.65 -14.41
N SER C 173 -44.35 -4.57 -13.15
CA SER C 173 -45.73 -4.24 -12.86
C SER C 173 -45.89 -2.75 -12.58
N ALA C 174 -47.03 -2.20 -13.00
CA ALA C 174 -47.43 -0.85 -12.65
C ALA C 174 -48.90 -0.82 -12.24
N LEU C 175 -49.40 -1.93 -11.69
CA LEU C 175 -50.76 -2.05 -11.20
C LEU C 175 -50.77 -1.98 -9.69
N TRP C 176 -51.71 -1.23 -9.13
CA TRP C 176 -51.82 -1.06 -7.68
C TRP C 176 -53.29 -1.09 -7.30
N TRP C 177 -53.72 -2.18 -6.68
CA TRP C 177 -55.06 -2.27 -6.14
C TRP C 177 -55.18 -1.47 -4.84
N SER C 178 -56.38 -1.01 -4.55
CA SER C 178 -56.67 -0.38 -3.28
C SER C 178 -56.76 -1.45 -2.18
N PRO C 179 -56.63 -1.05 -0.91
CA PRO C 179 -56.63 -2.04 0.18
C PRO C 179 -57.84 -2.97 0.19
N ASN C 180 -58.99 -2.54 -0.33
CA ASN C 180 -60.17 -3.40 -0.42
C ASN C 180 -60.58 -3.68 -1.86
N GLY C 181 -59.85 -3.18 -2.84
CA GLY C 181 -60.12 -3.49 -4.23
C GLY C 181 -61.18 -2.64 -4.90
N THR C 182 -61.52 -1.48 -4.32
CA THR C 182 -62.49 -0.60 -4.96
C THR C 182 -61.85 0.24 -6.06
N PHE C 183 -60.63 0.71 -5.83
CA PHE C 183 -59.89 1.51 -6.80
C PHE C 183 -58.70 0.73 -7.33
N LEU C 184 -58.29 1.08 -8.54
CA LEU C 184 -57.17 0.43 -9.22
C LEU C 184 -56.32 1.51 -9.87
N ALA C 185 -55.17 1.80 -9.27
CA ALA C 185 -54.24 2.77 -9.82
C ALA C 185 -53.27 2.10 -10.79
N TYR C 186 -52.89 2.83 -11.83
CA TYR C 186 -51.95 2.32 -12.82
C TYR C 186 -51.24 3.49 -13.47
N ALA C 187 -50.08 3.20 -14.04
CA ALA C 187 -49.27 4.18 -14.74
C ALA C 187 -49.30 3.89 -16.24
N GLN C 188 -49.32 4.96 -17.03
CA GLN C 188 -49.24 4.88 -18.48
C GLN C 188 -47.91 5.48 -18.94
N PHE C 189 -47.15 4.71 -19.71
CA PHE C 189 -45.85 5.14 -20.21
C PHE C 189 -45.92 5.28 -21.73
N ASN C 190 -45.35 6.37 -22.24
CA ASN C 190 -45.42 6.75 -23.63
C ASN C 190 -44.01 6.83 -24.17
N ASP C 191 -43.60 5.83 -24.97
CA ASP C 191 -42.26 5.78 -25.51
C ASP C 191 -42.26 6.07 -27.00
N THR C 192 -42.98 7.12 -27.41
CA THR C 192 -43.08 7.45 -28.83
C THR C 192 -41.80 8.08 -29.36
N GLU C 193 -41.28 9.08 -28.64
CA GLU C 193 -40.06 9.76 -29.05
C GLU C 193 -38.80 9.12 -28.47
N VAL C 194 -38.94 8.10 -27.65
CA VAL C 194 -37.77 7.40 -27.10
C VAL C 194 -37.04 6.69 -28.24
N PRO C 195 -35.73 6.88 -28.38
CA PRO C 195 -35.00 6.19 -29.45
C PRO C 195 -34.96 4.68 -29.22
N LEU C 196 -34.58 3.96 -30.27
CA LEU C 196 -34.58 2.51 -30.28
C LEU C 196 -33.17 1.97 -30.49
N ILE C 197 -32.73 1.09 -29.60
CA ILE C 197 -31.50 0.34 -29.82
C ILE C 197 -31.82 -0.87 -30.68
N GLU C 198 -31.00 -1.12 -31.69
CA GLU C 198 -31.26 -2.20 -32.65
C GLU C 198 -30.03 -3.10 -32.71
N TYR C 199 -30.13 -4.29 -32.14
CA TYR C 199 -29.10 -5.32 -32.21
C TYR C 199 -29.66 -6.54 -32.94
N SER C 200 -28.81 -7.55 -33.08
CA SER C 200 -29.13 -8.72 -33.88
C SER C 200 -29.32 -9.95 -33.00
N PHE C 201 -30.30 -10.78 -33.37
CA PHE C 201 -30.56 -12.06 -32.73
C PHE C 201 -30.50 -13.14 -33.81
N TYR C 202 -29.67 -14.15 -33.60
CA TYR C 202 -29.40 -15.15 -34.62
C TYR C 202 -30.21 -16.42 -34.44
N SER C 203 -30.64 -16.72 -33.21
CA SER C 203 -31.57 -17.80 -32.92
C SER C 203 -31.06 -19.16 -33.37
N ASP C 204 -31.98 -20.10 -33.60
CA ASP C 204 -31.61 -21.47 -33.93
C ASP C 204 -30.91 -21.54 -35.28
N GLU C 205 -30.16 -22.62 -35.48
CA GLU C 205 -29.43 -22.85 -36.73
C GLU C 205 -30.36 -22.88 -37.93
N SER C 206 -31.66 -23.11 -37.73
CA SER C 206 -32.59 -23.17 -38.84
C SER C 206 -32.86 -21.80 -39.45
N LEU C 207 -32.73 -20.73 -38.66
CA LEU C 207 -33.06 -19.39 -39.13
C LEU C 207 -32.03 -18.91 -40.13
N GLN C 208 -32.49 -18.64 -41.36
CA GLN C 208 -31.57 -18.22 -42.43
C GLN C 208 -31.15 -16.76 -42.25
N TYR C 209 -32.12 -15.84 -42.28
CA TYR C 209 -31.83 -14.43 -42.02
C TYR C 209 -32.02 -14.13 -40.54
N PRO C 210 -31.03 -13.58 -39.87
CA PRO C 210 -31.19 -13.25 -38.44
C PRO C 210 -32.24 -12.17 -38.24
N LYS C 211 -32.57 -11.93 -36.97
CA LYS C 211 -33.62 -10.99 -36.58
C LYS C 211 -33.00 -9.74 -35.96
N THR C 212 -33.68 -8.61 -36.15
CA THR C 212 -33.24 -7.32 -35.62
C THR C 212 -34.18 -6.91 -34.49
N MET C 213 -33.67 -6.93 -33.26
CA MET C 213 -34.45 -6.54 -32.10
C MET C 213 -34.53 -5.01 -32.00
N GLN C 214 -35.64 -4.52 -31.48
CA GLN C 214 -35.88 -3.09 -31.33
C GLN C 214 -36.47 -2.83 -29.96
N VAL C 215 -35.67 -2.24 -29.07
CA VAL C 215 -36.06 -1.98 -27.69
C VAL C 215 -36.06 -0.47 -27.48
N PRO C 216 -37.20 0.15 -27.15
CA PRO C 216 -37.19 1.58 -26.78
C PRO C 216 -36.30 1.86 -25.59
N TYR C 217 -35.09 2.32 -25.85
CA TYR C 217 -34.04 2.46 -24.84
C TYR C 217 -33.56 3.90 -24.82
N PRO C 218 -33.85 4.67 -23.78
CA PRO C 218 -33.31 6.03 -23.71
C PRO C 218 -31.88 6.08 -23.17
N LYS C 219 -30.90 6.25 -24.06
CA LYS C 219 -29.52 6.37 -23.62
C LYS C 219 -29.30 7.73 -22.95
N ALA C 220 -28.07 7.96 -22.52
CA ALA C 220 -27.75 9.17 -21.75
C ALA C 220 -28.10 10.42 -22.55
N GLY C 221 -29.01 11.23 -22.01
CA GLY C 221 -29.43 12.46 -22.64
C GLY C 221 -30.58 12.32 -23.61
N ALA C 222 -30.96 11.10 -24.00
CA ALA C 222 -32.02 10.91 -24.97
C ALA C 222 -33.38 11.29 -24.37
N ALA C 223 -34.40 11.27 -25.23
CA ALA C 223 -35.75 11.59 -24.79
C ALA C 223 -36.29 10.47 -23.91
N ASN C 224 -36.84 10.85 -22.76
CA ASN C 224 -37.39 9.90 -21.81
C ASN C 224 -38.87 9.67 -22.06
N PRO C 225 -39.40 8.53 -21.61
CA PRO C 225 -40.84 8.30 -21.74
C PRO C 225 -41.63 9.12 -20.73
N THR C 226 -42.73 9.70 -21.21
CA THR C 226 -43.63 10.44 -20.34
C THR C 226 -44.56 9.49 -19.58
N VAL C 227 -44.98 9.91 -18.39
CA VAL C 227 -45.73 9.05 -17.48
C VAL C 227 -46.96 9.80 -16.97
N LYS C 228 -48.11 9.11 -16.98
CA LYS C 228 -49.32 9.59 -16.34
C LYS C 228 -49.84 8.49 -15.42
N LEU C 229 -50.45 8.90 -14.30
CA LEU C 229 -51.02 7.97 -13.33
C LEU C 229 -52.53 8.13 -13.31
N PHE C 230 -53.25 7.07 -13.62
CA PHE C 230 -54.71 7.07 -13.63
C PHE C 230 -55.24 6.15 -12.54
N VAL C 231 -56.39 6.53 -11.99
CA VAL C 231 -57.10 5.74 -10.99
C VAL C 231 -58.51 5.47 -11.50
N VAL C 232 -58.91 4.21 -11.49
CA VAL C 232 -60.22 3.79 -11.99
C VAL C 232 -61.00 3.17 -10.84
N ASN C 233 -62.31 3.43 -10.82
CA ASN C 233 -63.20 2.89 -9.79
C ASN C 233 -63.72 1.54 -10.27
N THR C 234 -63.29 0.47 -9.60
CA THR C 234 -63.68 -0.88 -10.01
C THR C 234 -65.07 -1.26 -9.52
N ASP C 235 -65.62 -0.54 -8.55
CA ASP C 235 -66.94 -0.85 -8.01
C ASP C 235 -68.05 -0.05 -8.69
N SER C 236 -67.72 0.88 -9.58
CA SER C 236 -68.71 1.61 -10.36
C SER C 236 -68.69 1.17 -11.82
N LEU C 237 -68.29 -0.06 -12.08
CA LEU C 237 -68.15 -0.57 -13.44
C LEU C 237 -69.51 -0.88 -14.04
N ASN C 238 -69.52 -1.07 -15.35
CA ASN C 238 -70.73 -1.42 -16.09
C ASN C 238 -70.31 -2.10 -17.38
N SER C 239 -70.73 -3.35 -17.56
CA SER C 239 -70.38 -4.10 -18.75
C SER C 239 -71.01 -3.52 -20.02
N THR C 240 -71.91 -2.55 -19.89
CA THR C 240 -72.54 -1.93 -21.05
C THR C 240 -71.78 -0.71 -21.54
N ALA C 241 -71.08 0.00 -20.66
CA ALA C 241 -70.36 1.21 -21.01
C ALA C 241 -68.85 1.01 -20.83
N ASN C 242 -68.09 1.97 -21.32
CA ASN C 242 -66.64 1.96 -21.16
C ASN C 242 -66.26 2.52 -19.80
N ALA C 243 -65.13 2.03 -19.27
CA ALA C 243 -64.68 2.42 -17.95
C ALA C 243 -63.97 3.77 -17.99
N THR C 244 -64.21 4.58 -16.97
CA THR C 244 -63.64 5.92 -16.87
C THR C 244 -62.50 5.91 -15.85
N SER C 245 -61.34 6.42 -16.27
CA SER C 245 -60.17 6.53 -15.41
C SER C 245 -59.84 8.00 -15.17
N VAL C 246 -59.46 8.32 -13.94
CA VAL C 246 -59.16 9.68 -13.52
C VAL C 246 -57.67 9.80 -13.31
N GLN C 247 -57.07 10.85 -13.88
CA GLN C 247 -55.64 11.07 -13.76
C GLN C 247 -55.33 11.95 -12.56
N VAL C 248 -54.30 11.57 -11.81
CA VAL C 248 -53.83 12.33 -10.66
C VAL C 248 -52.60 13.10 -11.10
N VAL C 249 -52.72 14.42 -11.21
CA VAL C 249 -51.63 15.27 -11.69
C VAL C 249 -50.55 15.36 -10.62
N PRO C 250 -49.29 15.43 -11.01
CA PRO C 250 -48.21 15.56 -10.02
C PRO C 250 -48.17 16.97 -9.45
N PRO C 251 -47.42 17.19 -8.37
CA PRO C 251 -47.23 18.56 -7.88
C PRO C 251 -46.54 19.44 -8.91
N ALA C 252 -46.78 20.75 -8.78
CA ALA C 252 -46.33 21.69 -9.81
C ALA C 252 -44.82 21.82 -9.84
N SER C 253 -44.15 21.63 -8.70
CA SER C 253 -42.70 21.79 -8.65
C SER C 253 -41.97 20.73 -9.47
N VAL C 254 -42.63 19.61 -9.77
CA VAL C 254 -42.01 18.55 -10.57
C VAL C 254 -42.44 18.59 -12.02
N LEU C 255 -43.47 19.36 -12.36
CA LEU C 255 -43.95 19.49 -13.73
C LEU C 255 -43.20 20.54 -14.54
N ILE C 256 -42.17 21.16 -13.96
CA ILE C 256 -41.41 22.18 -14.68
C ILE C 256 -40.56 21.57 -15.79
N GLY C 257 -40.34 20.27 -15.76
CA GLY C 257 -39.57 19.60 -16.79
C GLY C 257 -39.82 18.12 -16.75
N ASP C 258 -38.82 17.34 -17.15
CA ASP C 258 -38.93 15.90 -17.10
C ASP C 258 -38.95 15.41 -15.66
N HIS C 259 -39.62 14.29 -15.44
CA HIS C 259 -39.76 13.73 -14.10
C HIS C 259 -40.06 12.24 -14.21
N TYR C 260 -40.10 11.58 -13.06
CA TYR C 260 -40.38 10.16 -12.98
C TYR C 260 -41.39 9.89 -11.87
N LEU C 261 -42.02 8.72 -11.96
CA LEU C 261 -42.88 8.18 -10.90
C LEU C 261 -42.13 7.02 -10.27
N CYS C 262 -41.64 7.22 -9.05
CA CYS C 262 -40.76 6.24 -8.43
C CYS C 262 -41.43 5.41 -7.34
N ASP C 263 -42.63 5.78 -6.89
CA ASP C 263 -43.28 5.01 -5.83
C ASP C 263 -44.78 5.30 -5.84
N VAL C 264 -45.56 4.28 -5.52
CA VAL C 264 -47.02 4.40 -5.36
C VAL C 264 -47.40 3.61 -4.12
N THR C 265 -47.95 4.28 -3.11
CA THR C 265 -48.31 3.66 -1.84
C THR C 265 -49.72 4.08 -1.46
N TRP C 266 -50.61 3.10 -1.31
CA TRP C 266 -51.97 3.37 -0.86
C TRP C 266 -52.00 3.57 0.65
N VAL C 267 -52.55 4.70 1.09
CA VAL C 267 -52.75 4.92 2.52
C VAL C 267 -54.04 4.25 2.98
N ASN C 268 -55.17 4.67 2.39
CA ASN C 268 -56.45 4.00 2.60
C ASN C 268 -57.19 4.04 1.27
N GLU C 269 -58.48 3.68 1.30
CA GLU C 269 -59.28 3.59 0.09
C GLU C 269 -59.65 4.94 -0.50
N GLU C 270 -59.25 6.05 0.14
CA GLU C 270 -59.49 7.37 -0.41
C GLU C 270 -58.28 8.29 -0.26
N ARG C 271 -57.11 7.75 0.10
CA ARG C 271 -55.89 8.54 0.23
C ARG C 271 -54.75 7.71 -0.33
N ILE C 272 -54.04 8.25 -1.32
CA ILE C 272 -52.97 7.54 -2.01
C ILE C 272 -51.72 8.40 -2.01
N SER C 273 -50.58 7.77 -1.72
CA SER C 273 -49.30 8.45 -1.65
C SER C 273 -48.52 8.22 -2.93
N LEU C 274 -48.13 9.32 -3.60
CA LEU C 274 -47.34 9.28 -4.81
C LEU C 274 -46.01 9.99 -4.59
N GLN C 275 -44.94 9.39 -5.09
CA GLN C 275 -43.60 9.95 -4.96
C GLN C 275 -43.07 10.24 -6.35
N TRP C 276 -42.89 11.52 -6.67
CA TRP C 276 -42.40 11.96 -7.97
C TRP C 276 -40.97 12.46 -7.85
N LEU C 277 -40.15 12.16 -8.85
CA LEU C 277 -38.74 12.51 -8.85
C LEU C 277 -38.39 13.24 -10.14
N ARG C 278 -37.65 14.33 -10.03
CA ARG C 278 -37.24 15.07 -11.21
C ARG C 278 -36.20 14.29 -12.01
N ARG C 279 -35.96 14.76 -13.25
CA ARG C 279 -34.94 14.12 -14.08
C ARG C 279 -33.55 14.32 -13.49
N ILE C 280 -33.26 15.53 -13.01
CA ILE C 280 -32.07 15.77 -12.20
C ILE C 280 -32.42 15.31 -10.79
N GLN C 281 -31.98 14.11 -10.42
CA GLN C 281 -32.55 13.37 -9.29
C GLN C 281 -31.93 13.80 -7.96
N ASN C 282 -32.09 15.08 -7.65
CA ASN C 282 -31.79 15.59 -6.32
C ASN C 282 -32.94 16.45 -5.80
N TYR C 283 -34.16 16.14 -6.25
CA TYR C 283 -35.36 16.81 -5.75
C TYR C 283 -36.53 15.86 -5.96
N SER C 284 -37.05 15.31 -4.86
CA SER C 284 -38.24 14.47 -4.91
C SER C 284 -39.31 15.06 -4.01
N VAL C 285 -40.56 14.69 -4.29
CA VAL C 285 -41.71 15.21 -3.55
C VAL C 285 -42.70 14.07 -3.35
N LEU C 286 -43.01 13.76 -2.09
CA LEU C 286 -43.99 12.75 -1.74
C LEU C 286 -45.35 13.42 -1.66
N ALA C 287 -46.16 13.24 -2.69
CA ALA C 287 -47.45 13.92 -2.82
C ALA C 287 -48.56 13.02 -2.28
N ILE C 288 -49.25 13.50 -1.25
CA ILE C 288 -50.38 12.79 -0.67
C ILE C 288 -51.66 13.30 -1.33
N CYS C 289 -52.38 12.40 -1.99
CA CYS C 289 -53.56 12.76 -2.77
C CYS C 289 -54.81 12.18 -2.12
N ASP C 290 -55.82 13.02 -1.93
CA ASP C 290 -57.06 12.64 -1.29
C ASP C 290 -58.21 12.64 -2.29
N TYR C 291 -59.03 11.60 -2.23
CA TYR C 291 -60.15 11.47 -3.16
C TYR C 291 -61.28 12.41 -2.79
N ASP C 292 -62.00 12.88 -3.80
CA ASP C 292 -63.15 13.76 -3.64
C ASP C 292 -64.38 13.02 -4.19
N LYS C 293 -65.28 12.64 -3.30
CA LYS C 293 -66.49 11.94 -3.72
C LYS C 293 -67.37 12.76 -4.68
N PRO C 294 -67.63 14.07 -4.45
CA PRO C 294 -68.50 14.82 -5.37
C PRO C 294 -68.07 14.76 -6.84
N THR C 295 -66.87 15.25 -7.14
CA THR C 295 -66.42 15.27 -8.54
C THR C 295 -65.84 13.93 -8.98
N GLY C 296 -65.19 13.19 -8.09
CA GLY C 296 -64.58 11.93 -8.44
C GLY C 296 -63.10 11.99 -8.72
N ARG C 297 -62.42 13.08 -8.35
CA ARG C 297 -61.01 13.27 -8.65
C ARG C 297 -60.17 13.03 -7.39
N TRP C 298 -58.86 13.15 -7.55
CA TRP C 298 -57.91 12.97 -6.46
C TRP C 298 -57.08 14.24 -6.34
N ALA C 299 -57.18 14.90 -5.18
CA ALA C 299 -56.61 16.22 -4.99
C ALA C 299 -55.21 16.12 -4.38
N SER C 300 -54.23 16.67 -5.10
CA SER C 300 -52.85 16.75 -4.61
C SER C 300 -52.60 18.18 -4.14
N HIS C 301 -52.69 18.40 -2.84
CA HIS C 301 -52.55 19.73 -2.27
C HIS C 301 -51.11 19.98 -1.83
N VAL C 302 -50.68 21.23 -1.98
CA VAL C 302 -49.32 21.61 -1.59
C VAL C 302 -49.17 21.56 -0.07
N ARG C 303 -50.27 21.72 0.67
CA ARG C 303 -50.18 21.72 2.13
C ARG C 303 -49.78 20.34 2.66
N GLN C 304 -50.13 19.28 1.93
CA GLN C 304 -49.74 17.92 2.28
C GLN C 304 -48.60 17.40 1.40
N GLN C 305 -47.71 18.28 0.98
CA GLN C 305 -46.52 17.91 0.22
C GLN C 305 -45.29 17.97 1.12
N HIS C 306 -44.33 17.09 0.83
CA HIS C 306 -43.11 16.99 1.62
C HIS C 306 -41.93 16.85 0.68
N ILE C 307 -40.99 17.79 0.78
CA ILE C 307 -39.83 17.84 -0.12
C ILE C 307 -38.69 17.05 0.49
N GLU C 308 -38.11 16.14 -0.30
CA GLU C 308 -36.90 15.42 0.07
C GLU C 308 -35.88 15.65 -1.03
N SER C 309 -34.78 16.32 -0.69
CA SER C 309 -33.75 16.68 -1.66
C SER C 309 -32.38 16.32 -1.11
N SER C 310 -31.35 16.67 -1.87
CA SER C 310 -29.96 16.46 -1.45
C SER C 310 -29.08 17.48 -2.15
N THR C 311 -28.25 18.17 -1.37
CA THR C 311 -27.32 19.15 -1.90
C THR C 311 -25.97 18.55 -2.28
N THR C 312 -25.64 17.37 -1.76
CA THR C 312 -24.35 16.74 -2.00
C THR C 312 -24.42 15.63 -3.04
N GLY C 313 -25.61 15.22 -3.46
CA GLY C 313 -25.71 14.14 -4.43
C GLY C 313 -27.14 13.84 -4.87
N TRP C 314 -27.54 12.57 -4.76
CA TRP C 314 -28.85 12.13 -5.18
C TRP C 314 -29.70 11.72 -3.99
N VAL C 315 -31.02 11.71 -4.21
CA VAL C 315 -31.97 11.38 -3.16
C VAL C 315 -31.98 9.88 -2.94
N GLY C 316 -31.86 9.46 -1.68
CA GLY C 316 -31.87 8.04 -1.38
C GLY C 316 -30.60 7.35 -1.88
N ARG C 317 -30.70 6.02 -1.98
CA ARG C 317 -29.58 5.18 -2.38
C ARG C 317 -29.62 4.90 -3.88
N PHE C 318 -30.72 4.31 -4.35
CA PHE C 318 -31.01 4.19 -5.76
C PHE C 318 -32.25 4.95 -6.18
N LYS C 319 -33.04 5.43 -5.23
CA LYS C 319 -34.26 6.20 -5.42
C LYS C 319 -34.74 6.63 -4.03
N PRO C 320 -35.67 7.58 -3.93
CA PRO C 320 -36.23 7.88 -2.61
C PRO C 320 -36.88 6.65 -1.98
N SER C 321 -36.80 6.57 -0.66
CA SER C 321 -37.35 5.45 0.06
C SER C 321 -38.87 5.53 0.13
N GLU C 322 -39.52 4.36 0.20
CA GLU C 322 -40.97 4.32 0.21
C GLU C 322 -41.50 4.70 1.59
N PRO C 323 -42.71 5.26 1.65
CA PRO C 323 -43.30 5.61 2.95
C PRO C 323 -43.97 4.41 3.62
N HIS C 324 -44.08 4.50 4.94
CA HIS C 324 -44.73 3.49 5.76
C HIS C 324 -45.73 4.19 6.67
N PHE C 325 -47.02 4.10 6.34
CA PHE C 325 -48.05 4.85 7.02
C PHE C 325 -48.59 4.08 8.21
N THR C 326 -49.21 4.82 9.13
CA THR C 326 -49.85 4.25 10.30
C THR C 326 -51.30 3.89 9.98
N SER C 327 -52.03 3.42 11.00
CA SER C 327 -53.41 2.97 10.78
C SER C 327 -54.34 4.14 10.49
N ASP C 328 -54.21 5.23 11.26
CA ASP C 328 -55.08 6.39 11.04
C ASP C 328 -54.80 7.07 9.70
N GLY C 329 -53.59 6.92 9.16
CA GLY C 329 -53.24 7.52 7.89
C GLY C 329 -52.87 8.98 7.93
N ASN C 330 -52.59 9.53 9.12
CA ASN C 330 -52.22 10.94 9.27
C ASN C 330 -50.76 11.10 9.70
N SER C 331 -49.92 10.12 9.40
CA SER C 331 -48.49 10.17 9.69
C SER C 331 -47.84 8.99 8.99
N PHE C 332 -46.53 9.11 8.75
CA PHE C 332 -45.79 8.01 8.16
C PHE C 332 -44.33 8.09 8.58
N TYR C 333 -43.66 6.95 8.50
CA TYR C 333 -42.24 6.81 8.79
C TYR C 333 -41.50 6.40 7.53
N LYS C 334 -40.36 7.03 7.28
CA LYS C 334 -39.54 6.68 6.12
C LYS C 334 -38.08 6.98 6.43
N ILE C 335 -37.20 6.37 5.66
CA ILE C 335 -35.76 6.45 5.87
C ILE C 335 -35.21 7.54 4.95
N ILE C 336 -34.69 8.61 5.56
CA ILE C 336 -34.04 9.70 4.85
C ILE C 336 -32.70 9.97 5.53
N SER C 337 -31.94 10.90 4.95
CA SER C 337 -30.62 11.25 5.48
C SER C 337 -30.75 12.30 6.58
N ASN C 338 -30.02 12.09 7.67
CA ASN C 338 -29.99 13.05 8.76
C ASN C 338 -29.05 14.20 8.41
N LYS C 339 -28.85 15.11 9.38
CA LYS C 339 -27.97 16.24 9.12
C LYS C 339 -26.51 15.79 8.98
N GLU C 340 -26.13 14.73 9.68
CA GLU C 340 -24.78 14.20 9.52
C GLU C 340 -24.60 13.48 8.20
N GLY C 341 -25.67 12.89 7.66
CA GLY C 341 -25.60 12.26 6.35
C GLY C 341 -25.93 10.78 6.34
N TYR C 342 -26.36 10.24 7.47
CA TYR C 342 -26.65 8.82 7.59
C TYR C 342 -28.14 8.57 7.45
N LYS C 343 -28.50 7.47 6.80
CA LYS C 343 -29.90 7.13 6.60
C LYS C 343 -30.53 6.64 7.90
N HIS C 344 -31.54 7.36 8.38
CA HIS C 344 -32.23 7.00 9.61
C HIS C 344 -33.72 7.28 9.44
N ILE C 345 -34.50 6.75 10.38
CA ILE C 345 -35.96 6.81 10.29
C ILE C 345 -36.45 8.15 10.82
N CYS C 346 -37.29 8.82 10.04
CA CYS C 346 -37.90 10.08 10.44
C CYS C 346 -39.41 9.90 10.52
N HIS C 347 -40.03 10.66 11.43
CA HIS C 347 -41.47 10.57 11.67
C HIS C 347 -42.15 11.81 11.06
N PHE C 348 -42.85 11.61 9.95
CA PHE C 348 -43.54 12.68 9.26
C PHE C 348 -45.01 12.74 9.67
N GLN C 349 -45.61 13.91 9.46
CA GLN C 349 -47.05 14.08 9.54
C GLN C 349 -47.56 14.51 8.18
N VAL C 350 -48.80 14.10 7.86
CA VAL C 350 -49.34 14.31 6.52
C VAL C 350 -49.48 15.81 6.23
N ASP C 351 -49.84 16.60 7.24
CA ASP C 351 -50.13 18.02 7.04
C ASP C 351 -49.04 18.95 7.58
N ARG C 352 -47.99 18.41 8.21
CA ARG C 352 -46.88 19.22 8.67
C ARG C 352 -45.62 18.80 7.91
N GLU C 353 -44.83 19.80 7.48
CA GLU C 353 -43.74 19.54 6.54
C GLU C 353 -42.52 18.92 7.22
N ASN C 354 -42.28 19.22 8.49
CA ASN C 354 -41.09 18.76 9.17
C ASN C 354 -41.30 17.37 9.74
N CYS C 355 -40.19 16.67 9.98
CA CYS C 355 -40.21 15.32 10.52
C CYS C 355 -39.25 15.21 11.69
N THR C 356 -39.51 14.24 12.56
CA THR C 356 -38.71 14.00 13.76
C THR C 356 -37.98 12.66 13.60
N PHE C 357 -36.67 12.69 13.75
CA PHE C 357 -35.86 11.48 13.66
C PHE C 357 -36.00 10.65 14.94
N ILE C 358 -36.13 9.34 14.77
CA ILE C 358 -36.23 8.41 15.88
C ILE C 358 -35.00 7.54 16.03
N THR C 359 -34.04 7.63 15.11
CA THR C 359 -32.79 6.88 15.19
C THR C 359 -31.64 7.79 14.80
N LYS C 360 -30.47 7.51 15.39
CA LYS C 360 -29.29 8.33 15.14
C LYS C 360 -28.05 7.51 15.46
N GLY C 361 -26.94 7.90 14.83
CA GLY C 361 -25.67 7.23 15.07
C GLY C 361 -24.82 7.09 13.82
N VAL C 362 -23.64 6.49 13.96
CA VAL C 362 -22.76 6.26 12.83
C VAL C 362 -23.11 4.91 12.20
N TRP C 363 -24.36 4.77 11.78
CA TRP C 363 -24.86 3.56 11.13
C TRP C 363 -26.12 3.93 10.37
N GLU C 364 -26.58 3.02 9.53
CA GLU C 364 -27.73 3.27 8.67
C GLU C 364 -28.81 2.22 8.89
N VAL C 365 -30.05 2.66 8.73
CA VAL C 365 -31.21 1.76 8.75
C VAL C 365 -31.41 1.25 7.33
N ILE C 366 -31.26 -0.07 7.15
CA ILE C 366 -31.36 -0.64 5.82
C ILE C 366 -32.79 -0.55 5.29
N GLY C 367 -33.76 -1.02 6.08
CA GLY C 367 -35.14 -0.99 5.65
C GLY C 367 -36.16 -1.18 6.74
N ILE C 368 -37.26 -0.43 6.67
CA ILE C 368 -38.37 -0.59 7.61
C ILE C 368 -39.16 -1.83 7.21
N GLU C 369 -39.27 -2.79 8.12
CA GLU C 369 -39.88 -4.08 7.82
C GLU C 369 -41.30 -4.23 8.34
N ALA C 370 -41.65 -3.53 9.42
CA ALA C 370 -42.99 -3.64 9.96
C ALA C 370 -43.30 -2.41 10.81
N LEU C 371 -44.58 -2.04 10.82
CA LEU C 371 -45.05 -0.89 11.60
C LEU C 371 -46.40 -1.25 12.19
N THR C 372 -46.45 -1.43 13.51
CA THR C 372 -47.69 -1.70 14.22
C THR C 372 -48.16 -0.43 14.93
N SER C 373 -49.25 -0.56 15.68
CA SER C 373 -49.76 0.55 16.46
C SER C 373 -48.91 0.87 17.68
N ASP C 374 -47.88 0.06 17.95
CA ASP C 374 -47.02 0.25 19.12
C ASP C 374 -45.53 0.07 18.83
N ASP C 375 -45.14 -0.72 17.84
CA ASP C 375 -43.75 -1.02 17.58
C ASP C 375 -43.44 -0.87 16.08
N LEU C 376 -42.20 -0.48 15.80
CA LEU C 376 -41.69 -0.42 14.44
C LEU C 376 -40.50 -1.35 14.32
N TYR C 377 -40.51 -2.22 13.33
CA TYR C 377 -39.43 -3.16 13.08
C TYR C 377 -38.60 -2.70 11.89
N TYR C 378 -37.29 -2.63 12.07
CA TYR C 378 -36.39 -2.18 11.01
C TYR C 378 -35.12 -3.01 11.04
N ILE C 379 -34.51 -3.15 9.86
CA ILE C 379 -33.24 -3.85 9.70
C ILE C 379 -32.15 -2.81 9.52
N SER C 380 -31.06 -2.96 10.27
CA SER C 380 -29.96 -2.00 10.24
C SER C 380 -28.63 -2.74 10.36
N ASN C 381 -27.55 -2.02 10.09
CA ASN C 381 -26.19 -2.52 10.22
C ASN C 381 -25.52 -2.00 11.49
N GLU C 382 -26.28 -1.88 12.58
CA GLU C 382 -25.77 -1.24 13.78
C GLU C 382 -24.92 -2.19 14.63
N TYR C 383 -25.23 -3.48 14.61
CA TYR C 383 -24.58 -4.41 15.52
C TYR C 383 -23.09 -4.55 15.21
N LYS C 384 -22.26 -4.42 16.24
CA LYS C 384 -20.81 -4.55 16.16
C LYS C 384 -20.18 -3.55 15.19
N GLY C 385 -20.91 -2.50 14.83
CA GLY C 385 -20.39 -1.48 13.93
C GLY C 385 -19.98 -1.99 12.58
N MET C 386 -20.55 -3.11 12.12
CA MET C 386 -20.17 -3.71 10.86
C MET C 386 -21.15 -3.27 9.78
N PRO C 387 -20.71 -2.53 8.76
CA PRO C 387 -21.63 -2.18 7.67
C PRO C 387 -22.09 -3.38 6.86
N GLY C 388 -21.30 -4.45 6.82
CA GLY C 388 -21.63 -5.66 6.11
C GLY C 388 -22.52 -6.63 6.87
N GLY C 389 -23.07 -6.21 8.01
CA GLY C 389 -23.99 -7.05 8.76
C GLY C 389 -25.38 -6.47 8.78
N ARG C 390 -26.38 -7.29 9.13
CA ARG C 390 -27.75 -6.84 9.18
C ARG C 390 -28.51 -7.65 10.24
N ASN C 391 -29.25 -6.94 11.08
CA ASN C 391 -30.01 -7.56 12.16
C ASN C 391 -31.35 -6.84 12.31
N LEU C 392 -32.31 -7.56 12.89
CA LEU C 392 -33.65 -7.03 13.09
C LEU C 392 -33.72 -6.29 14.43
N TYR C 393 -34.30 -5.09 14.40
CA TYR C 393 -34.45 -4.26 15.59
C TYR C 393 -35.91 -3.91 15.80
N LYS C 394 -36.28 -3.65 17.06
CA LYS C 394 -37.61 -3.22 17.42
C LYS C 394 -37.51 -1.95 18.26
N ILE C 395 -38.24 -0.91 17.86
CA ILE C 395 -38.26 0.36 18.57
C ILE C 395 -39.68 0.63 19.04
N GLN C 396 -39.81 1.11 20.28
CA GLN C 396 -41.11 1.44 20.84
C GLN C 396 -41.56 2.80 20.32
N LEU C 397 -42.77 2.84 19.76
CA LEU C 397 -43.28 4.07 19.14
C LEU C 397 -43.69 5.12 20.17
N ASN C 398 -43.78 4.76 21.45
CA ASN C 398 -44.08 5.75 22.48
C ASN C 398 -42.86 6.17 23.29
N ASP C 399 -41.85 5.30 23.41
CA ASP C 399 -40.58 5.63 24.05
C ASP C 399 -39.48 5.19 23.09
N HIS C 400 -39.17 6.05 22.12
CA HIS C 400 -38.21 5.71 21.07
C HIS C 400 -36.86 5.31 21.64
N THR C 401 -36.51 5.81 22.84
CA THR C 401 -35.27 5.43 23.50
C THR C 401 -35.25 3.97 23.94
N LYS C 402 -36.32 3.22 23.69
CA LYS C 402 -36.39 1.80 24.03
C LYS C 402 -36.28 1.00 22.73
N VAL C 403 -35.05 0.63 22.39
CA VAL C 403 -34.76 -0.16 21.20
C VAL C 403 -34.14 -1.48 21.64
N THR C 404 -34.61 -2.57 21.03
CA THR C 404 -34.15 -3.91 21.36
C THR C 404 -33.84 -4.67 20.08
N CYS C 405 -32.66 -5.27 20.01
CA CYS C 405 -32.32 -6.12 18.88
C CYS C 405 -32.97 -7.48 19.04
N LEU C 406 -33.41 -8.05 17.92
CA LEU C 406 -34.17 -9.29 17.93
C LEU C 406 -33.43 -10.44 17.28
N SER C 407 -32.25 -10.20 16.69
CA SER C 407 -31.50 -11.26 16.02
C SER C 407 -30.01 -11.19 16.25
N CYS C 408 -29.50 -10.22 17.02
CA CYS C 408 -28.06 -10.04 17.17
C CYS C 408 -27.42 -11.26 17.83
N GLU C 409 -27.91 -11.62 19.01
CA GLU C 409 -27.23 -12.58 19.87
C GLU C 409 -27.81 -13.99 19.77
N LEU C 410 -28.71 -14.24 18.82
CA LEU C 410 -29.28 -15.58 18.66
C LEU C 410 -28.19 -16.61 18.41
N ASN C 411 -27.32 -16.35 17.43
CA ASN C 411 -26.16 -17.19 17.15
C ASN C 411 -25.10 -16.26 16.56
N THR C 412 -24.34 -15.61 17.43
CA THR C 412 -23.42 -14.56 17.00
C THR C 412 -22.34 -15.08 16.07
N GLU C 413 -21.92 -16.33 16.23
CA GLU C 413 -20.84 -16.88 15.42
C GLU C 413 -21.32 -17.42 14.08
N ARG C 414 -22.57 -17.90 14.01
CA ARG C 414 -23.11 -18.48 12.79
C ARG C 414 -23.88 -17.49 11.93
N CYS C 415 -24.51 -16.48 12.53
CA CYS C 415 -25.42 -15.60 11.81
C CYS C 415 -25.14 -14.15 12.15
N GLN C 416 -24.77 -13.36 11.13
CA GLN C 416 -24.57 -11.93 11.28
C GLN C 416 -25.24 -11.15 10.14
N TYR C 417 -26.04 -11.81 9.32
CA TYR C 417 -26.68 -11.18 8.16
C TYR C 417 -28.10 -11.72 8.07
N TYR C 418 -29.08 -10.87 8.38
CA TYR C 418 -30.46 -11.30 8.53
C TYR C 418 -31.39 -10.56 7.57
N SER C 419 -32.38 -11.27 7.07
CA SER C 419 -33.60 -10.71 6.52
C SER C 419 -34.77 -11.19 7.36
N VAL C 420 -35.99 -10.79 6.99
CA VAL C 420 -37.17 -11.17 7.77
C VAL C 420 -38.39 -11.09 6.88
N SER C 421 -39.41 -11.88 7.22
CA SER C 421 -40.71 -11.86 6.54
C SER C 421 -41.79 -11.93 7.60
N PHE C 422 -42.48 -10.82 7.82
CA PHE C 422 -43.52 -10.76 8.84
C PHE C 422 -44.83 -11.30 8.31
N SER C 423 -45.61 -11.91 9.21
CA SER C 423 -46.97 -12.28 8.88
C SER C 423 -47.85 -11.04 8.87
N LYS C 424 -49.13 -11.23 8.49
CA LYS C 424 -50.06 -10.12 8.55
C LYS C 424 -50.28 -9.71 10.01
N GLU C 425 -50.44 -8.41 10.23
CA GLU C 425 -50.50 -7.79 11.55
C GLU C 425 -49.19 -7.94 12.33
N ALA C 426 -48.14 -8.45 11.68
CA ALA C 426 -46.82 -8.61 12.30
C ALA C 426 -46.90 -9.44 13.57
N LYS C 427 -47.64 -10.54 13.52
CA LYS C 427 -47.77 -11.43 14.67
C LYS C 427 -46.66 -12.47 14.72
N TYR C 428 -46.19 -12.93 13.57
CA TYR C 428 -45.07 -13.86 13.49
C TYR C 428 -44.12 -13.41 12.38
N TYR C 429 -42.83 -13.64 12.59
CA TYR C 429 -41.83 -13.26 11.60
C TYR C 429 -40.83 -14.38 11.42
N GLN C 430 -40.48 -14.63 10.16
CA GLN C 430 -39.49 -15.64 9.79
C GLN C 430 -38.14 -14.97 9.59
N LEU C 431 -37.13 -15.47 10.31
CA LEU C 431 -35.77 -14.95 10.19
C LEU C 431 -34.98 -15.78 9.19
N ARG C 432 -34.40 -15.12 8.20
CA ARG C 432 -33.60 -15.77 7.16
C ARG C 432 -32.16 -15.26 7.29
N CYS C 433 -31.31 -16.09 7.86
CA CYS C 433 -29.91 -15.75 8.08
C CYS C 433 -29.08 -16.24 6.89
N SER C 434 -28.34 -15.32 6.28
CA SER C 434 -27.59 -15.64 5.07
C SER C 434 -26.15 -16.04 5.34
N GLY C 435 -25.54 -15.49 6.39
CA GLY C 435 -24.17 -15.83 6.73
C GLY C 435 -23.78 -15.30 8.10
N PRO C 436 -22.49 -15.42 8.45
CA PRO C 436 -21.38 -15.95 7.65
C PRO C 436 -21.35 -17.47 7.62
N GLY C 437 -22.14 -18.13 8.47
CA GLY C 437 -22.22 -19.58 8.48
C GLY C 437 -23.22 -20.09 7.45
N LEU C 438 -23.55 -21.37 7.59
CA LEU C 438 -24.52 -21.97 6.69
C LEU C 438 -25.90 -21.36 6.96
N PRO C 439 -26.72 -21.15 5.92
CA PRO C 439 -27.98 -20.44 6.10
C PRO C 439 -28.91 -21.13 7.08
N LEU C 440 -29.60 -20.32 7.89
CA LEU C 440 -30.45 -20.79 8.96
C LEU C 440 -31.78 -20.07 8.91
N TYR C 441 -32.87 -20.83 8.85
CA TYR C 441 -34.23 -20.29 8.77
C TYR C 441 -34.98 -20.68 10.03
N THR C 442 -35.51 -19.68 10.73
CA THR C 442 -36.26 -19.89 11.96
C THR C 442 -37.54 -19.07 11.94
N LEU C 443 -38.51 -19.51 12.75
CA LEU C 443 -39.80 -18.85 12.88
C LEU C 443 -39.97 -18.38 14.32
N HIS C 444 -40.52 -17.18 14.48
CA HIS C 444 -40.64 -16.55 15.79
C HIS C 444 -42.05 -15.99 15.97
N SER C 445 -42.37 -15.63 17.21
CA SER C 445 -43.64 -15.03 17.56
C SER C 445 -43.39 -13.64 18.13
N SER C 446 -44.18 -12.66 17.68
CA SER C 446 -43.92 -11.27 18.05
C SER C 446 -44.35 -10.94 19.47
N SER C 447 -45.21 -11.75 20.08
CA SER C 447 -45.72 -11.44 21.42
C SER C 447 -44.59 -11.37 22.44
N ASN C 448 -43.86 -12.47 22.60
CA ASN C 448 -42.75 -12.54 23.53
C ASN C 448 -41.40 -12.55 22.84
N ASP C 449 -41.37 -12.38 21.51
CA ASP C 449 -40.15 -12.40 20.72
C ASP C 449 -39.36 -13.69 20.92
N LYS C 450 -40.05 -14.80 21.14
CA LYS C 450 -39.43 -16.09 21.35
C LYS C 450 -39.43 -16.90 20.07
N GLU C 451 -38.35 -17.65 19.85
CA GLU C 451 -38.25 -18.54 18.69
C GLU C 451 -39.10 -19.77 18.89
N LEU C 452 -39.85 -20.15 17.86
CA LEU C 452 -40.75 -21.29 17.96
C LEU C 452 -40.09 -22.59 17.54
N ARG C 453 -39.44 -22.61 16.38
CA ARG C 453 -38.77 -23.81 15.90
C ARG C 453 -37.84 -23.42 14.75
N VAL C 454 -36.90 -24.32 14.45
CA VAL C 454 -35.99 -24.14 13.33
C VAL C 454 -36.65 -24.69 12.07
N LEU C 455 -36.78 -23.83 11.05
CA LEU C 455 -37.40 -24.27 9.80
C LEU C 455 -36.39 -24.99 8.92
N GLU C 456 -35.19 -24.45 8.78
CA GLU C 456 -34.15 -25.05 7.96
C GLU C 456 -32.81 -24.76 8.60
N ASP C 457 -32.03 -25.80 8.88
CA ASP C 457 -30.72 -25.66 9.49
C ASP C 457 -29.58 -26.01 8.54
N ASN C 458 -29.89 -26.47 7.33
CA ASN C 458 -28.88 -26.91 6.36
C ASN C 458 -27.97 -27.98 6.96
N SER C 459 -28.59 -29.01 7.55
CA SER C 459 -27.81 -30.09 8.14
C SER C 459 -27.23 -31.01 7.08
N ALA C 460 -27.91 -31.16 5.94
CA ALA C 460 -27.38 -32.02 4.88
C ALA C 460 -26.13 -31.42 4.26
N LEU C 461 -26.09 -30.10 4.09
CA LEU C 461 -24.90 -29.47 3.53
C LEU C 461 -23.74 -29.47 4.52
N ASP C 462 -24.04 -29.37 5.82
CA ASP C 462 -22.98 -29.36 6.82
C ASP C 462 -22.23 -30.69 6.85
N LYS C 463 -22.95 -31.80 6.73
CA LYS C 463 -22.29 -33.10 6.69
C LYS C 463 -21.61 -33.34 5.35
N MET C 464 -22.11 -32.74 4.27
CA MET C 464 -21.46 -32.91 2.97
C MET C 464 -20.16 -32.13 2.89
N LEU C 465 -20.04 -31.01 3.60
CA LEU C 465 -18.86 -30.17 3.55
C LEU C 465 -17.78 -30.59 4.55
N GLN C 466 -17.99 -31.68 5.29
CA GLN C 466 -17.02 -32.07 6.31
C GLN C 466 -15.74 -32.64 5.70
N ASP C 467 -15.87 -33.40 4.61
CA ASP C 467 -14.73 -34.03 3.97
C ASP C 467 -14.11 -33.16 2.86
N VAL C 468 -14.43 -31.88 2.83
CA VAL C 468 -13.91 -30.96 1.82
C VAL C 468 -13.11 -29.87 2.51
N GLN C 469 -12.09 -29.38 1.80
CA GLN C 469 -11.24 -28.30 2.32
C GLN C 469 -11.83 -26.97 1.86
N MET C 470 -12.63 -26.36 2.72
CA MET C 470 -13.29 -25.11 2.39
C MET C 470 -12.38 -23.91 2.67
N PRO C 471 -12.50 -22.85 1.88
CA PRO C 471 -11.75 -21.63 2.17
C PRO C 471 -12.45 -20.74 3.19
N SER C 472 -11.64 -20.04 3.98
CA SER C 472 -12.16 -19.14 5.00
C SER C 472 -12.33 -17.73 4.45
N LYS C 473 -13.05 -16.91 5.20
CA LYS C 473 -13.30 -15.52 4.83
C LYS C 473 -12.78 -14.60 5.93
N LYS C 474 -12.00 -13.60 5.53
CA LYS C 474 -11.47 -12.57 6.42
C LYS C 474 -12.17 -11.26 6.08
N LEU C 475 -13.01 -10.79 7.00
CA LEU C 475 -13.72 -9.52 6.84
C LEU C 475 -13.12 -8.52 7.82
N ASP C 476 -12.43 -7.52 7.30
CA ASP C 476 -11.80 -6.50 8.13
C ASP C 476 -11.79 -5.19 7.34
N PHE C 477 -11.24 -4.14 7.95
CA PHE C 477 -11.17 -2.84 7.33
C PHE C 477 -9.79 -2.24 7.50
N ILE C 478 -9.51 -1.23 6.69
CA ILE C 478 -8.30 -0.42 6.80
C ILE C 478 -8.73 1.04 6.93
N ILE C 479 -7.76 1.88 7.28
CA ILE C 479 -7.99 3.31 7.45
C ILE C 479 -7.11 4.05 6.46
N TRP C 480 -7.74 4.61 5.42
CA TRP C 480 -7.05 5.39 4.39
C TRP C 480 -7.46 6.85 4.55
N ASN C 481 -6.51 7.69 4.95
CA ASN C 481 -6.73 9.12 5.17
C ASN C 481 -7.84 9.34 6.20
N GLY C 482 -7.77 8.61 7.31
CA GLY C 482 -8.74 8.74 8.37
C GLY C 482 -10.15 8.33 8.01
N ILE C 483 -10.29 7.30 7.16
CA ILE C 483 -11.59 6.84 6.70
C ILE C 483 -11.62 5.32 6.77
N LYS C 484 -12.65 4.77 7.39
CA LYS C 484 -12.83 3.32 7.47
C LYS C 484 -13.35 2.80 6.13
N LEU C 485 -12.54 1.96 5.47
CA LEU C 485 -12.94 1.30 4.24
C LEU C 485 -12.76 -0.20 4.44
N TRP C 486 -13.85 -0.95 4.27
CA TRP C 486 -13.86 -2.38 4.57
C TRP C 486 -13.46 -3.19 3.35
N TYR C 487 -12.83 -4.34 3.61
CA TYR C 487 -12.44 -5.28 2.58
C TYR C 487 -12.88 -6.69 2.99
N GLN C 488 -12.73 -7.62 2.06
CA GLN C 488 -13.12 -9.00 2.27
C GLN C 488 -12.15 -9.90 1.51
N MET C 489 -11.54 -10.86 2.22
CA MET C 489 -10.60 -11.81 1.62
C MET C 489 -11.10 -13.22 1.82
N ILE C 490 -11.16 -13.98 0.72
CA ILE C 490 -11.45 -15.41 0.77
C ILE C 490 -10.10 -16.13 0.75
N LEU C 491 -9.65 -16.56 1.94
CA LEU C 491 -8.34 -17.17 2.14
C LEU C 491 -8.40 -18.67 1.84
N PRO C 492 -7.39 -19.19 1.14
CA PRO C 492 -7.35 -20.63 0.82
C PRO C 492 -7.27 -21.47 2.09
N PRO C 493 -7.62 -22.75 2.00
CA PRO C 493 -7.53 -23.61 3.18
C PRO C 493 -6.08 -23.78 3.64
N HIS C 494 -5.89 -23.86 4.95
CA HIS C 494 -4.57 -23.88 5.57
C HIS C 494 -3.74 -22.69 5.11
N PHE C 495 -4.34 -21.50 5.23
CA PHE C 495 -3.70 -20.28 4.81
C PHE C 495 -2.50 -19.96 5.71
N ASP C 496 -1.34 -19.75 5.09
CA ASP C 496 -0.11 -19.44 5.80
C ASP C 496 0.27 -18.00 5.50
N LYS C 497 0.42 -17.19 6.54
CA LYS C 497 0.75 -15.78 6.36
C LYS C 497 2.15 -15.57 5.79
N LEU C 498 3.04 -16.56 5.91
CA LEU C 498 4.38 -16.41 5.37
C LEU C 498 4.39 -16.56 3.85
N LYS C 499 3.53 -17.42 3.31
CA LYS C 499 3.55 -17.70 1.88
C LYS C 499 2.94 -16.54 1.10
N LYS C 500 3.31 -16.46 -0.18
CA LYS C 500 2.86 -15.41 -1.09
C LYS C 500 1.92 -16.02 -2.11
N TYR C 501 0.63 -15.69 -2.00
CA TYR C 501 -0.40 -16.22 -2.87
C TYR C 501 -0.71 -15.26 -4.00
N PRO C 502 -1.22 -15.76 -5.12
CA PRO C 502 -1.74 -14.85 -6.16
C PRO C 502 -3.06 -14.23 -5.72
N LEU C 503 -3.25 -12.97 -6.07
CA LEU C 503 -4.42 -12.21 -5.65
C LEU C 503 -5.33 -11.96 -6.85
N LEU C 504 -6.65 -12.09 -6.62
CA LEU C 504 -7.66 -11.77 -7.61
C LEU C 504 -8.64 -10.78 -6.99
N ILE C 505 -8.61 -9.54 -7.46
CA ILE C 505 -9.49 -8.49 -6.94
C ILE C 505 -10.85 -8.63 -7.60
N ASP C 506 -11.86 -9.01 -6.80
CA ASP C 506 -13.24 -9.04 -7.27
C ASP C 506 -13.85 -7.66 -7.03
N VAL C 507 -14.36 -7.04 -8.09
CA VAL C 507 -14.77 -5.64 -8.03
C VAL C 507 -16.13 -5.46 -8.71
N TYR C 508 -17.00 -4.69 -8.07
CA TYR C 508 -18.15 -4.09 -8.72
C TYR C 508 -18.10 -2.58 -8.60
N ALA C 509 -17.89 -2.06 -7.40
CA ALA C 509 -17.57 -0.67 -7.09
C ALA C 509 -18.66 0.31 -7.52
N GLY C 510 -19.82 -0.18 -7.93
CA GLY C 510 -20.91 0.68 -8.31
C GLY C 510 -21.39 1.54 -7.15
N PRO C 511 -22.11 2.62 -7.45
CA PRO C 511 -22.64 3.46 -6.37
C PRO C 511 -23.57 2.68 -5.46
N CYS C 512 -23.37 2.83 -4.16
CA CYS C 512 -24.12 2.18 -3.08
C CYS C 512 -23.89 0.67 -3.02
N SER C 513 -22.99 0.12 -3.84
CA SER C 513 -22.74 -1.30 -3.80
C SER C 513 -21.95 -1.67 -2.55
N GLN C 514 -21.97 -2.96 -2.21
CA GLN C 514 -21.25 -3.48 -1.05
C GLN C 514 -20.76 -4.88 -1.38
N LYS C 515 -19.44 -5.03 -1.48
CA LYS C 515 -18.84 -6.32 -1.76
C LYS C 515 -18.29 -7.01 -0.52
N ALA C 516 -18.09 -6.28 0.57
CA ALA C 516 -17.59 -6.84 1.82
C ALA C 516 -18.79 -7.06 2.75
N ASP C 517 -19.09 -8.32 3.04
CA ASP C 517 -20.27 -8.66 3.83
C ASP C 517 -20.02 -9.96 4.60
N THR C 518 -20.93 -10.24 5.51
CA THR C 518 -20.94 -11.47 6.29
C THR C 518 -21.92 -12.49 5.70
N VAL C 519 -21.79 -12.76 4.41
CA VAL C 519 -22.73 -13.61 3.69
C VAL C 519 -21.99 -14.85 3.18
N PHE C 520 -22.59 -16.01 3.40
CA PHE C 520 -22.04 -17.26 2.89
C PHE C 520 -22.32 -17.41 1.40
N ARG C 521 -21.32 -17.87 0.66
CA ARG C 521 -21.44 -18.03 -0.78
C ARG C 521 -20.59 -19.20 -1.25
N LEU C 522 -21.16 -20.02 -2.12
CA LEU C 522 -20.45 -21.09 -2.81
C LEU C 522 -20.36 -20.71 -4.28
N ASN C 523 -19.41 -19.83 -4.59
CA ASN C 523 -19.30 -19.22 -5.91
C ASN C 523 -18.02 -19.70 -6.60
N TRP C 524 -17.64 -19.00 -7.68
CA TRP C 524 -16.41 -19.31 -8.41
C TRP C 524 -15.17 -18.90 -7.61
N ALA C 525 -15.28 -17.84 -6.79
CA ALA C 525 -14.17 -17.48 -5.92
C ALA C 525 -13.87 -18.58 -4.90
N THR C 526 -14.89 -19.37 -4.53
CA THR C 526 -14.65 -20.52 -3.66
C THR C 526 -13.79 -21.57 -4.35
N TYR C 527 -13.99 -21.77 -5.65
CA TYR C 527 -13.18 -22.72 -6.39
C TYR C 527 -11.74 -22.24 -6.55
N LEU C 528 -11.56 -20.96 -6.85
CA LEU C 528 -10.21 -20.43 -7.07
C LEU C 528 -9.39 -20.45 -5.79
N ALA C 529 -10.03 -20.31 -4.64
CA ALA C 529 -9.29 -20.30 -3.38
C ALA C 529 -9.02 -21.72 -2.87
N SER C 530 -9.98 -22.63 -3.06
CA SER C 530 -9.82 -23.99 -2.53
C SER C 530 -8.85 -24.80 -3.38
N THR C 531 -9.07 -24.84 -4.69
CA THR C 531 -8.29 -25.69 -5.57
C THR C 531 -7.00 -25.02 -6.04
N GLU C 532 -7.13 -23.87 -6.71
CA GLU C 532 -5.98 -23.20 -7.31
C GLU C 532 -5.23 -22.31 -6.32
N LYS C 533 -5.69 -22.22 -5.07
CA LYS C 533 -5.00 -21.47 -4.01
C LYS C 533 -4.77 -20.02 -4.41
N ILE C 534 -5.86 -19.31 -4.63
CA ILE C 534 -5.84 -17.91 -5.04
C ILE C 534 -6.64 -17.10 -4.03
N ILE C 535 -6.01 -16.09 -3.45
CA ILE C 535 -6.71 -15.20 -2.54
C ILE C 535 -7.62 -14.28 -3.35
N VAL C 536 -8.92 -14.36 -3.11
CA VAL C 536 -9.90 -13.49 -3.75
C VAL C 536 -10.28 -12.39 -2.77
N ALA C 537 -10.14 -11.14 -3.21
CA ALA C 537 -10.35 -9.99 -2.32
C ALA C 537 -11.30 -9.00 -2.97
N SER C 538 -12.26 -8.50 -2.18
CA SER C 538 -13.15 -7.44 -2.58
C SER C 538 -12.96 -6.25 -1.64
N PHE C 539 -13.14 -5.05 -2.18
CA PHE C 539 -12.88 -3.83 -1.42
C PHE C 539 -13.97 -2.81 -1.71
N ASP C 540 -14.53 -2.24 -0.65
CA ASP C 540 -15.59 -1.23 -0.75
C ASP C 540 -14.96 0.15 -0.51
N GLY C 541 -14.54 0.80 -1.59
CA GLY C 541 -13.95 2.11 -1.49
C GLY C 541 -14.96 3.24 -1.53
N ARG C 542 -14.60 4.34 -2.18
CA ARG C 542 -15.53 5.47 -2.29
C ARG C 542 -16.74 5.08 -3.12
N GLY C 543 -17.88 5.71 -2.80
CA GLY C 543 -19.11 5.44 -3.50
C GLY C 543 -19.93 4.29 -2.94
N SER C 544 -19.31 3.38 -2.18
CA SER C 544 -20.05 2.29 -1.57
C SER C 544 -21.05 2.82 -0.57
N GLY C 545 -22.16 2.09 -0.40
CA GLY C 545 -23.27 2.53 0.39
C GLY C 545 -23.26 1.97 1.81
N TYR C 546 -24.37 2.21 2.51
CA TYR C 546 -24.60 1.72 3.86
C TYR C 546 -23.56 2.26 4.85
N GLN C 547 -22.95 3.40 4.54
CA GLN C 547 -21.93 3.99 5.39
C GLN C 547 -22.06 5.50 5.55
N GLY C 548 -23.07 6.13 4.97
CA GLY C 548 -23.26 7.56 5.11
C GLY C 548 -23.22 8.32 3.80
N ASP C 549 -23.71 9.56 3.80
CA ASP C 549 -23.72 10.35 2.58
C ASP C 549 -22.32 10.76 2.15
N LYS C 550 -21.38 10.85 3.10
CA LYS C 550 -20.03 11.27 2.75
C LYS C 550 -19.34 10.26 1.85
N ILE C 551 -19.38 8.98 2.24
CA ILE C 551 -18.72 7.94 1.45
C ILE C 551 -19.49 7.67 0.17
N LEU C 552 -20.83 7.63 0.25
CA LEU C 552 -21.64 7.30 -0.91
C LEU C 552 -21.53 8.37 -1.99
N HIS C 553 -21.60 9.64 -1.62
CA HIS C 553 -21.60 10.75 -2.57
C HIS C 553 -20.20 11.26 -2.89
N ALA C 554 -19.17 10.44 -2.72
CA ALA C 554 -17.81 10.85 -3.05
C ALA C 554 -17.51 10.75 -4.54
N ILE C 555 -18.38 10.10 -5.32
CA ILE C 555 -18.19 9.96 -6.75
C ILE C 555 -19.27 10.72 -7.53
N ASN C 556 -19.95 11.66 -6.88
CA ASN C 556 -21.03 12.39 -7.52
C ASN C 556 -20.50 13.25 -8.66
N ARG C 557 -21.14 13.13 -9.83
CA ARG C 557 -20.76 13.85 -11.05
C ARG C 557 -19.34 13.51 -11.49
N ARG C 558 -18.78 12.41 -10.98
CA ARG C 558 -17.46 11.97 -11.39
C ARG C 558 -17.31 10.46 -11.24
N LEU C 559 -17.91 9.71 -12.15
CA LEU C 559 -17.76 8.26 -12.19
C LEU C 559 -16.50 7.89 -12.97
N GLY C 560 -15.85 6.82 -12.55
CA GLY C 560 -14.57 6.44 -13.12
C GLY C 560 -13.39 7.19 -12.54
N THR C 561 -13.48 7.60 -11.27
CA THR C 561 -12.43 8.40 -10.65
C THR C 561 -11.93 7.75 -9.37
N LEU C 562 -12.64 7.96 -8.26
CA LEU C 562 -12.13 7.52 -6.97
C LEU C 562 -12.29 6.02 -6.79
N GLU C 563 -13.39 5.45 -7.30
CA GLU C 563 -13.60 4.01 -7.13
C GLU C 563 -12.55 3.21 -7.88
N VAL C 564 -12.03 3.75 -8.98
CA VAL C 564 -10.96 3.08 -9.72
C VAL C 564 -9.65 3.17 -8.94
N GLU C 565 -9.32 4.37 -8.44
CA GLU C 565 -8.08 4.55 -7.70
C GLU C 565 -8.08 3.72 -6.42
N ASP C 566 -9.23 3.61 -5.76
CA ASP C 566 -9.28 2.84 -4.51
C ASP C 566 -9.10 1.35 -4.75
N GLN C 567 -9.46 0.86 -5.95
CA GLN C 567 -9.16 -0.52 -6.29
C GLN C 567 -7.67 -0.72 -6.54
N ILE C 568 -6.99 0.31 -7.04
CA ILE C 568 -5.54 0.23 -7.18
C ILE C 568 -4.87 0.32 -5.82
N GLU C 569 -5.36 1.19 -4.94
CA GLU C 569 -4.78 1.33 -3.62
C GLU C 569 -5.03 0.09 -2.76
N ALA C 570 -6.16 -0.58 -2.96
CA ALA C 570 -6.46 -1.78 -2.18
C ALA C 570 -5.49 -2.90 -2.51
N ALA C 571 -5.10 -3.03 -3.79
CA ALA C 571 -4.15 -4.06 -4.18
C ALA C 571 -2.78 -3.79 -3.57
N ARG C 572 -2.36 -2.52 -3.51
CA ARG C 572 -1.11 -2.19 -2.83
C ARG C 572 -1.20 -2.49 -1.34
N GLN C 573 -2.32 -2.13 -0.71
CA GLN C 573 -2.51 -2.42 0.71
C GLN C 573 -2.50 -3.92 0.97
N PHE C 574 -3.16 -4.70 0.10
CA PHE C 574 -3.15 -6.15 0.25
C PHE C 574 -1.77 -6.73 0.00
N THR C 575 -1.00 -6.12 -0.90
CA THR C 575 0.34 -6.63 -1.20
C THR C 575 1.26 -6.50 0.01
N ASN C 576 1.38 -5.30 0.56
CA ASN C 576 2.27 -5.08 1.69
C ASN C 576 1.71 -5.63 3.00
N MET C 577 0.62 -6.38 2.97
CA MET C 577 0.19 -7.12 4.15
C MET C 577 1.01 -8.38 4.37
N GLY C 578 1.67 -8.89 3.33
CA GLY C 578 2.63 -9.96 3.51
C GLY C 578 2.42 -11.20 2.68
N PHE C 579 1.16 -11.60 2.47
CA PHE C 579 0.83 -12.90 1.90
C PHE C 579 0.33 -12.82 0.47
N VAL C 580 0.75 -11.81 -0.28
CA VAL C 580 0.33 -11.62 -1.66
C VAL C 580 1.57 -11.55 -2.54
N ASP C 581 1.56 -12.32 -3.62
CA ASP C 581 2.63 -12.26 -4.62
C ASP C 581 2.45 -11.01 -5.46
N GLU C 582 3.39 -10.07 -5.37
CA GLU C 582 3.27 -8.82 -6.09
C GLU C 582 3.26 -9.03 -7.61
N LYS C 583 3.94 -10.08 -8.08
CA LYS C 583 4.05 -10.32 -9.51
C LYS C 583 2.78 -10.92 -10.12
N ARG C 584 1.87 -11.43 -9.30
CA ARG C 584 0.65 -12.08 -9.78
C ARG C 584 -0.55 -11.47 -9.06
N ILE C 585 -1.11 -10.41 -9.64
CA ILE C 585 -2.29 -9.74 -9.10
C ILE C 585 -3.23 -9.45 -10.26
N ALA C 586 -4.45 -9.98 -10.19
CA ALA C 586 -5.44 -9.81 -11.24
C ALA C 586 -6.69 -9.16 -10.68
N ILE C 587 -7.63 -8.83 -11.57
CA ILE C 587 -8.86 -8.14 -11.20
C ILE C 587 -9.89 -8.42 -12.27
N TRP C 588 -11.11 -8.77 -11.86
CA TRP C 588 -12.18 -9.07 -12.80
C TRP C 588 -13.49 -8.53 -12.25
N GLY C 589 -14.44 -8.31 -13.16
CA GLY C 589 -15.73 -7.77 -12.78
C GLY C 589 -16.77 -7.98 -13.85
N TRP C 590 -18.00 -7.60 -13.51
CA TRP C 590 -19.17 -7.78 -14.35
C TRP C 590 -19.96 -6.48 -14.38
N SER C 591 -20.34 -6.04 -15.58
CA SER C 591 -21.10 -4.81 -15.80
C SER C 591 -20.28 -3.65 -15.25
N TYR C 592 -20.77 -2.91 -14.23
CA TYR C 592 -19.96 -1.86 -13.62
C TYR C 592 -18.64 -2.42 -13.10
N GLY C 593 -18.64 -3.66 -12.63
CA GLY C 593 -17.40 -4.30 -12.23
C GLY C 593 -16.42 -4.44 -13.37
N GLY C 594 -16.91 -4.83 -14.55
CA GLY C 594 -16.04 -4.88 -15.72
C GLY C 594 -15.60 -3.51 -16.18
N TYR C 595 -16.42 -2.49 -15.95
CA TYR C 595 -16.03 -1.13 -16.29
C TYR C 595 -14.84 -0.66 -15.45
N VAL C 596 -14.90 -0.89 -14.15
CA VAL C 596 -13.79 -0.51 -13.27
C VAL C 596 -12.54 -1.30 -13.62
N THR C 597 -12.70 -2.60 -13.91
CA THR C 597 -11.56 -3.42 -14.30
C THR C 597 -10.89 -2.89 -15.55
N SER C 598 -11.69 -2.44 -16.53
CA SER C 598 -11.12 -1.86 -17.73
C SER C 598 -10.45 -0.51 -17.44
N MET C 599 -11.01 0.25 -16.51
CA MET C 599 -10.37 1.52 -16.12
C MET C 599 -9.10 1.26 -15.33
N VAL C 600 -9.09 0.22 -14.50
CA VAL C 600 -7.89 -0.11 -13.72
C VAL C 600 -6.77 -0.58 -14.64
N LEU C 601 -7.09 -1.49 -15.57
CA LEU C 601 -6.09 -1.96 -16.52
C LEU C 601 -5.60 -0.86 -17.44
N GLY C 602 -6.35 0.23 -17.57
CA GLY C 602 -5.96 1.36 -18.37
C GLY C 602 -5.27 2.48 -17.60
N ALA C 603 -4.98 2.28 -16.32
CA ALA C 603 -4.31 3.30 -15.52
C ALA C 603 -2.80 3.24 -15.63
N GLY C 604 -2.24 2.10 -16.02
CA GLY C 604 -0.81 1.98 -16.15
C GLY C 604 -0.05 2.02 -14.84
N SER C 605 -0.67 1.56 -13.75
CA SER C 605 -0.02 1.55 -12.45
C SER C 605 0.92 0.36 -12.27
N GLY C 606 0.94 -0.59 -13.21
CA GLY C 606 1.82 -1.73 -13.14
C GLY C 606 1.53 -2.71 -12.04
N VAL C 607 0.45 -2.53 -11.28
CA VAL C 607 0.15 -3.42 -10.17
C VAL C 607 -0.47 -4.72 -10.68
N PHE C 608 -1.29 -4.65 -11.72
CA PHE C 608 -2.10 -5.77 -12.17
C PHE C 608 -1.49 -6.42 -13.41
N LYS C 609 -1.42 -7.74 -13.40
CA LYS C 609 -0.82 -8.46 -14.52
C LYS C 609 -1.85 -8.74 -15.61
N CYS C 610 -3.06 -9.15 -15.21
CA CYS C 610 -4.13 -9.45 -16.15
C CYS C 610 -5.45 -9.00 -15.57
N GLY C 611 -6.49 -9.05 -16.41
CA GLY C 611 -7.81 -8.64 -15.99
C GLY C 611 -8.87 -9.14 -16.96
N ILE C 612 -10.07 -9.35 -16.44
CA ILE C 612 -11.20 -9.87 -17.21
C ILE C 612 -12.36 -8.91 -17.07
N ALA C 613 -12.85 -8.40 -18.19
CA ALA C 613 -14.02 -7.52 -18.23
C ALA C 613 -15.16 -8.25 -18.90
N VAL C 614 -16.24 -8.49 -18.17
CA VAL C 614 -17.42 -9.20 -18.66
C VAL C 614 -18.56 -8.21 -18.77
N ALA C 615 -19.07 -8.04 -20.00
CA ALA C 615 -20.12 -7.09 -20.30
C ALA C 615 -19.87 -5.71 -19.68
N PRO C 616 -18.72 -5.09 -19.94
CA PRO C 616 -18.36 -3.86 -19.23
C PRO C 616 -18.96 -2.63 -19.89
N VAL C 617 -18.97 -1.54 -19.12
CA VAL C 617 -19.31 -0.23 -19.65
C VAL C 617 -18.05 0.39 -20.24
N SER C 618 -18.21 1.22 -21.27
CA SER C 618 -17.06 1.81 -21.94
C SER C 618 -17.20 3.31 -22.05
N ARG C 619 -18.44 3.79 -22.09
CA ARG C 619 -18.71 5.22 -22.28
C ARG C 619 -20.10 5.50 -21.72
N TRP C 620 -20.17 6.28 -20.63
CA TRP C 620 -21.43 6.48 -19.94
C TRP C 620 -22.49 7.17 -20.80
N GLU C 621 -22.13 7.62 -22.00
CA GLU C 621 -23.13 8.08 -22.95
C GLU C 621 -23.86 6.93 -23.62
N TYR C 622 -23.42 5.69 -23.41
CA TYR C 622 -24.04 4.52 -24.02
C TYR C 622 -25.09 3.86 -23.12
N TYR C 623 -25.06 4.13 -21.83
CA TYR C 623 -25.98 3.49 -20.90
C TYR C 623 -27.29 4.27 -20.81
N ASP C 624 -28.27 3.68 -20.12
CA ASP C 624 -29.59 4.28 -20.06
C ASP C 624 -29.56 5.59 -19.26
N SER C 625 -30.64 6.35 -19.38
CA SER C 625 -30.69 7.70 -18.81
C SER C 625 -30.83 7.67 -17.29
N VAL C 626 -31.82 6.94 -16.78
CA VAL C 626 -32.19 7.05 -15.36
C VAL C 626 -31.01 6.67 -14.47
N TYR C 627 -30.25 5.65 -14.85
CA TYR C 627 -29.10 5.26 -14.04
C TYR C 627 -27.93 6.23 -14.19
N THR C 628 -27.56 6.53 -15.43
CA THR C 628 -26.36 7.34 -15.68
C THR C 628 -26.56 8.78 -15.23
N GLU C 629 -27.70 9.38 -15.59
CA GLU C 629 -27.94 10.78 -15.25
C GLU C 629 -28.12 11.00 -13.74
N ARG C 630 -28.47 9.96 -12.99
CA ARG C 630 -28.60 10.11 -11.54
C ARG C 630 -27.26 10.46 -10.91
N TYR C 631 -26.17 9.91 -11.43
CA TYR C 631 -24.85 10.13 -10.84
C TYR C 631 -24.01 11.14 -11.60
N MET C 632 -24.21 11.30 -12.92
CA MET C 632 -23.36 12.14 -13.74
C MET C 632 -24.11 13.25 -14.47
N GLY C 633 -25.41 13.43 -14.19
CA GLY C 633 -26.13 14.50 -14.83
C GLY C 633 -26.29 14.29 -16.32
N LEU C 634 -26.46 15.39 -17.04
CA LEU C 634 -26.68 15.39 -18.48
C LEU C 634 -25.37 15.61 -19.23
N PRO C 635 -25.15 14.90 -20.34
CA PRO C 635 -23.91 15.07 -21.12
C PRO C 635 -23.97 16.25 -22.09
N THR C 636 -24.19 17.44 -21.53
CA THR C 636 -24.18 18.68 -22.29
C THR C 636 -23.07 19.58 -21.79
N PRO C 637 -22.53 20.45 -22.64
CA PRO C 637 -21.43 21.32 -22.19
C PRO C 637 -21.79 22.22 -21.01
N GLU C 638 -23.08 22.46 -20.78
CA GLU C 638 -23.54 23.30 -19.68
C GLU C 638 -23.69 22.52 -18.37
N ASP C 639 -23.43 21.22 -18.38
CA ASP C 639 -23.47 20.42 -17.17
C ASP C 639 -22.16 19.67 -16.97
N ASN C 640 -22.15 18.38 -17.30
CA ASN C 640 -21.00 17.54 -16.98
C ASN C 640 -20.56 16.70 -18.17
N LEU C 641 -20.57 17.29 -19.38
CA LEU C 641 -20.10 16.57 -20.55
C LEU C 641 -18.60 16.27 -20.49
N GLU C 642 -17.83 17.13 -19.82
CA GLU C 642 -16.39 16.94 -19.75
C GLU C 642 -16.04 15.72 -18.90
N HIS C 643 -16.75 15.51 -17.79
CA HIS C 643 -16.55 14.30 -17.00
C HIS C 643 -17.08 13.05 -17.70
N TYR C 644 -18.03 13.21 -18.63
CA TYR C 644 -18.44 12.08 -19.46
C TYR C 644 -17.31 11.65 -20.41
N ARG C 645 -16.47 12.59 -20.85
CA ARG C 645 -15.46 12.29 -21.85
C ARG C 645 -14.11 11.93 -21.23
N ASN C 646 -13.84 12.36 -20.00
CA ASN C 646 -12.61 11.96 -19.33
C ASN C 646 -12.70 10.56 -18.71
N SER C 647 -13.89 9.96 -18.69
CA SER C 647 -14.13 8.68 -18.04
C SER C 647 -14.48 7.58 -19.04
N THR C 648 -13.82 7.58 -20.18
CA THR C 648 -14.03 6.56 -21.20
C THR C 648 -12.95 5.50 -21.12
N VAL C 649 -13.32 4.27 -21.46
CA VAL C 649 -12.34 3.19 -21.52
C VAL C 649 -11.51 3.28 -22.79
N MET C 650 -12.11 3.76 -23.88
CA MET C 650 -11.36 3.92 -25.13
C MET C 650 -10.23 4.92 -25.00
N SER C 651 -10.37 5.93 -24.13
CA SER C 651 -9.36 6.95 -23.98
C SER C 651 -8.09 6.45 -23.29
N ARG C 652 -8.14 5.26 -22.68
CA ARG C 652 -6.99 4.68 -21.99
C ARG C 652 -6.43 3.47 -22.73
N ALA C 653 -6.64 3.42 -24.04
CA ALA C 653 -6.30 2.21 -24.80
C ALA C 653 -4.80 1.94 -24.82
N GLU C 654 -3.97 2.98 -24.83
CA GLU C 654 -2.53 2.78 -24.95
C GLU C 654 -1.94 2.08 -23.75
N ASN C 655 -2.55 2.23 -22.56
CA ASN C 655 -2.03 1.61 -21.36
C ASN C 655 -2.29 0.11 -21.30
N PHE C 656 -3.18 -0.42 -22.14
CA PHE C 656 -3.48 -1.84 -22.13
C PHE C 656 -2.35 -2.69 -22.70
N LYS C 657 -1.32 -2.07 -23.29
CA LYS C 657 -0.19 -2.82 -23.80
C LYS C 657 0.67 -3.42 -22.69
N GLN C 658 0.42 -3.05 -21.44
CA GLN C 658 1.19 -3.55 -20.29
C GLN C 658 0.52 -4.72 -19.59
N VAL C 659 -0.72 -5.06 -19.97
CA VAL C 659 -1.49 -6.08 -19.28
C VAL C 659 -2.04 -7.07 -20.31
N GLU C 660 -2.52 -8.20 -19.79
CA GLU C 660 -3.24 -9.19 -20.59
C GLU C 660 -4.74 -9.02 -20.31
N TYR C 661 -5.52 -8.86 -21.37
CA TYR C 661 -6.90 -8.39 -21.27
C TYR C 661 -7.84 -9.39 -21.93
N LEU C 662 -8.91 -9.74 -21.22
CA LEU C 662 -9.95 -10.62 -21.73
C LEU C 662 -11.27 -9.86 -21.71
N LEU C 663 -11.86 -9.69 -22.89
CA LEU C 663 -13.11 -8.94 -23.05
C LEU C 663 -14.22 -9.91 -23.43
N ILE C 664 -15.27 -9.95 -22.62
CA ILE C 664 -16.40 -10.86 -22.83
C ILE C 664 -17.68 -10.04 -22.86
N HIS C 665 -18.59 -10.41 -23.75
CA HIS C 665 -19.86 -9.71 -23.87
C HIS C 665 -20.85 -10.60 -24.62
N GLY C 666 -22.12 -10.46 -24.26
CA GLY C 666 -23.19 -11.17 -24.95
C GLY C 666 -23.71 -10.36 -26.13
N THR C 667 -23.96 -11.05 -27.24
CA THR C 667 -24.41 -10.38 -28.45
C THR C 667 -25.82 -9.82 -28.33
N ALA C 668 -26.65 -10.39 -27.45
CA ALA C 668 -28.02 -9.94 -27.27
C ALA C 668 -28.22 -9.24 -25.92
N ASP C 669 -27.17 -8.60 -25.42
CA ASP C 669 -27.27 -7.86 -24.17
C ASP C 669 -28.11 -6.61 -24.37
N ASP C 670 -29.10 -6.42 -23.49
CA ASP C 670 -30.01 -5.28 -23.60
C ASP C 670 -29.73 -4.20 -22.56
N ASN C 671 -28.97 -4.51 -21.51
CA ASN C 671 -28.64 -3.51 -20.48
C ASN C 671 -27.41 -2.73 -20.90
N VAL C 672 -26.26 -3.39 -20.89
CA VAL C 672 -25.02 -2.84 -21.45
C VAL C 672 -24.85 -3.46 -22.83
N HIS C 673 -25.00 -2.65 -23.86
CA HIS C 673 -25.07 -3.18 -25.21
C HIS C 673 -23.70 -3.59 -25.72
N PHE C 674 -23.69 -4.56 -26.64
CA PHE C 674 -22.45 -5.01 -27.26
C PHE C 674 -21.70 -3.87 -27.93
N GLN C 675 -22.40 -2.80 -28.30
CA GLN C 675 -21.74 -1.60 -28.78
C GLN C 675 -20.70 -1.07 -27.80
N GLN C 676 -20.94 -1.26 -26.50
CA GLN C 676 -19.97 -0.81 -25.50
C GLN C 676 -18.65 -1.56 -25.64
N SER C 677 -18.71 -2.90 -25.68
CA SER C 677 -17.49 -3.67 -25.87
C SER C 677 -16.98 -3.60 -27.32
N ALA C 678 -17.85 -3.27 -28.27
CA ALA C 678 -17.40 -3.12 -29.65
C ALA C 678 -16.48 -1.93 -29.81
N GLN C 679 -16.77 -0.83 -29.11
CA GLN C 679 -15.90 0.33 -29.17
C GLN C 679 -14.61 0.12 -28.42
N ILE C 680 -14.62 -0.75 -27.39
CA ILE C 680 -13.39 -1.05 -26.66
C ILE C 680 -12.40 -1.76 -27.57
N SER C 681 -12.81 -2.86 -28.19
CA SER C 681 -11.92 -3.59 -29.08
C SER C 681 -11.56 -2.76 -30.31
N LYS C 682 -12.43 -1.84 -30.71
CA LYS C 682 -12.10 -0.96 -31.83
C LYS C 682 -11.03 0.05 -31.46
N ALA C 683 -10.92 0.40 -30.18
CA ALA C 683 -9.87 1.33 -29.74
C ALA C 683 -8.54 0.61 -29.55
N LEU C 684 -8.56 -0.58 -28.95
CA LEU C 684 -7.32 -1.32 -28.75
C LEU C 684 -6.71 -1.82 -30.05
N VAL C 685 -7.52 -1.97 -31.10
CA VAL C 685 -6.99 -2.32 -32.41
C VAL C 685 -6.34 -1.10 -33.06
N ASP C 686 -6.94 0.08 -32.90
CA ASP C 686 -6.37 1.31 -33.42
C ASP C 686 -5.10 1.72 -32.67
N ALA C 687 -4.77 1.06 -31.58
CA ALA C 687 -3.57 1.35 -30.80
C ALA C 687 -2.53 0.25 -30.86
N GLY C 688 -2.78 -0.81 -31.63
CA GLY C 688 -1.84 -1.92 -31.71
C GLY C 688 -1.72 -2.69 -30.42
N VAL C 689 -2.83 -2.95 -29.74
CA VAL C 689 -2.83 -3.66 -28.47
C VAL C 689 -3.49 -5.01 -28.67
N ASP C 690 -2.80 -6.08 -28.29
CA ASP C 690 -3.32 -7.42 -28.43
C ASP C 690 -4.05 -7.85 -27.16
N PHE C 691 -5.03 -8.74 -27.31
CA PHE C 691 -5.85 -9.19 -26.20
C PHE C 691 -6.62 -10.42 -26.63
N GLN C 692 -7.30 -11.03 -25.66
CA GLN C 692 -8.22 -12.13 -25.90
C GLN C 692 -9.65 -11.61 -25.81
N ALA C 693 -10.54 -12.21 -26.61
CA ALA C 693 -11.93 -11.81 -26.62
C ALA C 693 -12.81 -13.04 -26.75
N MET C 694 -14.08 -12.88 -26.40
CA MET C 694 -15.05 -13.97 -26.50
C MET C 694 -16.45 -13.37 -26.51
N TRP C 695 -17.16 -13.54 -27.61
CA TRP C 695 -18.58 -13.20 -27.68
C TRP C 695 -19.40 -14.46 -27.45
N TYR C 696 -20.61 -14.27 -26.92
CA TYR C 696 -21.54 -15.36 -26.69
C TYR C 696 -22.82 -15.07 -27.46
N THR C 697 -23.10 -15.91 -28.45
CA THR C 697 -24.22 -15.67 -29.36
C THR C 697 -25.55 -15.72 -28.62
N ASP C 698 -26.34 -14.65 -28.75
CA ASP C 698 -27.72 -14.60 -28.26
C ASP C 698 -27.79 -14.75 -26.74
N GLU C 699 -26.80 -14.22 -26.04
CA GLU C 699 -26.79 -14.23 -24.58
C GLU C 699 -27.04 -12.83 -24.04
N ASP C 700 -27.63 -12.75 -22.85
CA ASP C 700 -28.00 -11.48 -22.25
C ASP C 700 -26.96 -11.08 -21.20
N HIS C 701 -27.32 -10.08 -20.38
CA HIS C 701 -26.37 -9.48 -19.44
C HIS C 701 -25.72 -10.55 -18.56
N GLY C 702 -26.54 -11.35 -17.88
CA GLY C 702 -26.01 -12.53 -17.23
C GLY C 702 -25.93 -13.66 -18.23
N ILE C 703 -24.73 -14.17 -18.48
CA ILE C 703 -24.59 -15.34 -19.35
C ILE C 703 -25.13 -16.52 -18.56
N ALA C 704 -26.45 -16.63 -18.48
CA ALA C 704 -27.12 -17.50 -17.52
C ALA C 704 -27.68 -18.77 -18.12
N SER C 705 -27.60 -18.94 -19.44
CA SER C 705 -27.96 -20.23 -20.03
C SER C 705 -26.97 -21.27 -19.56
N SER C 706 -27.47 -22.48 -19.31
CA SER C 706 -26.66 -23.51 -18.66
C SER C 706 -25.40 -23.81 -19.46
N THR C 707 -25.52 -23.90 -20.79
CA THR C 707 -24.34 -24.16 -21.62
C THR C 707 -23.37 -22.98 -21.60
N ALA C 708 -23.90 -21.76 -21.61
CA ALA C 708 -23.03 -20.58 -21.65
C ALA C 708 -22.47 -20.23 -20.27
N HIS C 709 -23.22 -20.54 -19.20
CA HIS C 709 -22.72 -20.25 -17.86
C HIS C 709 -21.48 -21.10 -17.54
N GLN C 710 -21.49 -22.37 -17.93
CA GLN C 710 -20.33 -23.20 -17.71
C GLN C 710 -19.17 -22.81 -18.62
N HIS C 711 -19.48 -22.29 -19.81
CA HIS C 711 -18.43 -21.97 -20.77
C HIS C 711 -17.69 -20.70 -20.39
N ILE C 712 -18.38 -19.73 -19.79
CA ILE C 712 -17.72 -18.47 -19.47
C ILE C 712 -16.79 -18.62 -18.29
N TYR C 713 -17.13 -19.50 -17.33
CA TYR C 713 -16.28 -19.70 -16.17
C TYR C 713 -15.17 -20.72 -16.42
N THR C 714 -15.37 -21.65 -17.35
CA THR C 714 -14.28 -22.52 -17.76
C THR C 714 -13.26 -21.75 -18.60
N HIS C 715 -13.71 -20.76 -19.37
CA HIS C 715 -12.79 -19.93 -20.13
C HIS C 715 -12.00 -19.00 -19.22
N MET C 716 -12.68 -18.38 -18.25
CA MET C 716 -12.00 -17.49 -17.31
C MET C 716 -11.06 -18.25 -16.39
N SER C 717 -11.36 -19.52 -16.11
CA SER C 717 -10.45 -20.34 -15.31
C SER C 717 -9.13 -20.54 -16.04
N HIS C 718 -9.19 -20.89 -17.33
CA HIS C 718 -7.98 -21.08 -18.10
C HIS C 718 -7.19 -19.79 -18.25
N PHE C 719 -7.88 -18.66 -18.36
CA PHE C 719 -7.19 -17.38 -18.49
C PHE C 719 -6.42 -17.04 -17.21
N ILE C 720 -7.00 -17.35 -16.05
CA ILE C 720 -6.32 -17.06 -14.79
C ILE C 720 -5.24 -18.10 -14.51
N LYS C 721 -5.50 -19.36 -14.88
CA LYS C 721 -4.48 -20.40 -14.69
C LYS C 721 -3.27 -20.19 -15.58
N GLN C 722 -3.42 -19.45 -16.69
CA GLN C 722 -2.26 -19.10 -17.50
C GLN C 722 -1.58 -17.84 -16.99
N CYS C 723 -2.38 -16.84 -16.62
CA CYS C 723 -1.82 -15.57 -16.14
C CYS C 723 -1.07 -15.75 -14.83
N PHE C 724 -1.45 -16.73 -14.03
CA PHE C 724 -0.79 -17.02 -12.77
C PHE C 724 0.16 -18.20 -12.85
N SER C 725 0.32 -18.80 -14.03
CA SER C 725 1.24 -19.92 -14.26
C SER C 725 0.95 -21.06 -13.27
N LEU C 726 -0.30 -21.54 -13.30
CA LEU C 726 -0.76 -22.61 -12.44
C LEU C 726 -0.91 -23.90 -13.23
N PRO C 727 -0.75 -25.06 -12.59
CA PRO C 727 -0.81 -26.32 -13.34
C PRO C 727 -2.21 -26.60 -13.87
N GLU C 728 -2.26 -27.10 -15.10
CA GLU C 728 -3.52 -27.44 -15.75
C GLU C 728 -3.81 -28.93 -15.64
N GLU D 3 92.05 -41.61 11.65
CA GLU D 3 92.97 -40.50 11.82
C GLU D 3 92.53 -39.27 11.03
N CYS D 4 91.27 -39.27 10.58
CA CYS D 4 90.72 -38.12 9.88
C CYS D 4 90.08 -37.21 10.92
N ASP D 5 90.90 -36.30 11.45
CA ASP D 5 90.44 -35.41 12.52
C ASP D 5 89.34 -34.50 12.02
N PHE D 6 88.26 -34.40 12.80
CA PHE D 6 87.10 -33.58 12.48
C PHE D 6 87.22 -32.17 13.02
N THR D 7 88.41 -31.57 12.96
CA THR D 7 88.61 -30.25 13.53
C THR D 7 87.63 -29.18 13.04
N PRO D 8 87.27 -29.10 11.74
CA PRO D 8 86.32 -28.06 11.33
C PRO D 8 84.98 -28.11 12.06
N MET D 9 84.46 -29.31 12.33
CA MET D 9 83.19 -29.42 13.04
C MET D 9 83.29 -28.99 14.50
N LEU D 10 84.51 -28.75 15.00
CA LEU D 10 84.73 -28.39 16.40
C LEU D 10 85.17 -26.95 16.58
N VAL D 11 85.49 -26.23 15.50
CA VAL D 11 86.03 -24.88 15.60
C VAL D 11 85.06 -23.89 14.97
N GLY D 12 85.14 -22.63 15.41
CA GLY D 12 84.32 -21.57 14.87
C GLY D 12 82.89 -21.60 15.36
N VAL D 13 82.12 -20.63 14.88
CA VAL D 13 80.70 -20.57 15.19
C VAL D 13 79.95 -21.58 14.32
N PRO D 14 79.14 -22.45 14.90
CA PRO D 14 78.46 -23.47 14.12
C PRO D 14 77.45 -22.86 13.17
N PRO D 15 77.12 -23.54 12.08
CA PRO D 15 76.14 -23.00 11.14
C PRO D 15 74.72 -23.31 11.59
N GLN D 16 73.80 -22.48 11.09
CA GLN D 16 72.39 -22.73 11.30
C GLN D 16 71.95 -23.93 10.47
N VAL D 17 70.79 -24.50 10.84
CA VAL D 17 70.35 -25.75 10.22
C VAL D 17 70.18 -25.58 8.72
N TYR D 18 69.67 -24.43 8.28
CA TYR D 18 69.48 -24.23 6.85
C TYR D 18 70.80 -24.05 6.10
N ASN D 19 71.87 -23.73 6.82
CA ASN D 19 73.19 -23.56 6.22
C ASN D 19 74.13 -24.69 6.65
N PHE D 20 73.63 -25.93 6.66
CA PHE D 20 74.40 -27.03 7.21
C PHE D 20 75.63 -27.32 6.36
N LYS D 21 76.72 -27.67 7.03
CA LYS D 21 77.99 -27.97 6.37
C LYS D 21 78.23 -29.48 6.33
N ARG D 22 78.90 -29.93 5.28
CA ARG D 22 79.13 -31.35 5.05
C ARG D 22 80.61 -31.63 4.90
N LEU D 23 81.06 -32.72 5.55
CA LEU D 23 82.43 -33.21 5.44
C LEU D 23 82.36 -34.61 4.85
N VAL D 24 82.91 -34.77 3.65
CA VAL D 24 82.91 -36.04 2.93
C VAL D 24 84.34 -36.57 2.86
N PHE D 25 84.51 -37.82 3.28
CA PHE D 25 85.80 -38.50 3.27
C PHE D 25 85.69 -39.78 2.46
N THR D 26 86.69 -40.04 1.61
CA THR D 26 86.67 -41.19 0.72
C THR D 26 87.67 -42.26 1.11
N ASN D 27 88.97 -41.97 1.07
CA ASN D 27 90.00 -42.97 1.35
C ASN D 27 90.53 -42.90 2.77
N CYS D 28 90.63 -41.70 3.32
CA CYS D 28 91.15 -41.49 4.67
C CYS D 28 90.40 -42.35 5.68
N ASN D 29 91.16 -42.96 6.59
CA ASN D 29 90.57 -43.81 7.62
C ASN D 29 90.00 -42.96 8.75
N TYR D 30 88.84 -43.35 9.25
CA TYR D 30 88.15 -42.60 10.30
C TYR D 30 88.23 -43.31 11.63
N ASN D 31 88.06 -42.53 12.69
CA ASN D 31 87.97 -43.08 14.05
C ASN D 31 87.01 -42.22 14.85
N LEU D 32 85.84 -42.79 15.14
CA LEU D 32 84.81 -42.16 15.97
C LEU D 32 85.12 -42.29 17.45
N THR D 33 84.10 -42.13 18.30
CA THR D 33 84.24 -42.18 19.76
C THR D 33 85.17 -41.08 20.27
N LYS D 34 86.29 -40.86 19.58
CA LYS D 34 87.08 -39.65 19.77
C LYS D 34 86.19 -38.42 19.70
N LEU D 35 85.40 -38.30 18.63
CA LEU D 35 84.46 -37.18 18.50
C LEU D 35 83.31 -37.33 19.48
N LEU D 36 82.78 -38.54 19.66
CA LEU D 36 81.68 -38.76 20.59
C LEU D 36 82.08 -38.39 22.02
N SER D 37 83.33 -38.68 22.39
CA SER D 37 83.82 -38.30 23.72
C SER D 37 83.86 -36.80 23.91
N LEU D 38 83.66 -36.00 22.86
CA LEU D 38 83.63 -34.55 22.96
C LEU D 38 82.23 -33.99 23.09
N PHE D 39 81.20 -34.83 23.13
CA PHE D 39 79.82 -34.36 23.15
C PHE D 39 78.97 -35.25 24.05
N MET D 40 78.10 -34.61 24.83
CA MET D 40 77.15 -35.34 25.67
C MET D 40 75.95 -35.71 24.80
N VAL D 41 75.89 -36.97 24.39
CA VAL D 41 74.82 -37.44 23.51
C VAL D 41 73.49 -37.41 24.25
N ASN D 42 72.71 -36.36 24.01
CA ASN D 42 71.31 -36.34 24.44
C ASN D 42 70.41 -37.10 23.49
N GLU D 43 70.95 -37.60 22.38
CA GLU D 43 70.22 -38.38 21.39
C GLU D 43 71.19 -39.02 20.41
N PHE D 44 71.13 -40.34 20.26
CA PHE D 44 72.00 -41.09 19.37
C PHE D 44 71.19 -42.07 18.54
N SER D 45 69.98 -41.67 18.14
CA SER D 45 69.06 -42.54 17.42
C SER D 45 69.65 -42.86 16.05
N CYS D 46 70.28 -44.02 15.93
CA CYS D 46 70.81 -44.52 14.68
C CYS D 46 69.76 -45.37 13.97
N ASN D 47 69.79 -45.32 12.63
CA ASN D 47 68.87 -46.10 11.83
C ASN D 47 69.52 -46.58 10.54
N GLY D 48 68.73 -46.75 9.49
CA GLY D 48 69.26 -47.20 8.22
C GLY D 48 69.59 -48.67 8.19
N ILE D 49 70.85 -49.01 8.45
CA ILE D 49 71.32 -50.39 8.34
C ILE D 49 72.17 -50.74 9.55
N SER D 50 73.02 -49.81 9.98
CA SER D 50 73.98 -50.07 11.03
C SER D 50 73.60 -49.33 12.30
N PRO D 51 73.62 -50.00 13.46
CA PRO D 51 73.38 -49.29 14.73
C PRO D 51 74.66 -48.67 15.26
N ASP D 52 75.20 -49.22 16.35
CA ASP D 52 76.51 -48.82 16.83
C ASP D 52 77.64 -49.55 16.10
N ALA D 53 77.31 -50.48 15.20
CA ALA D 53 78.31 -51.13 14.36
C ALA D 53 78.89 -50.20 13.31
N ILE D 54 78.38 -48.97 13.20
CA ILE D 54 78.96 -47.94 12.35
C ILE D 54 80.39 -47.59 12.78
N ALA D 55 80.79 -48.00 13.99
CA ALA D 55 82.15 -47.81 14.50
C ALA D 55 83.21 -48.56 13.70
N ARG D 56 82.83 -49.32 12.68
CA ARG D 56 83.75 -50.23 11.99
C ARG D 56 83.64 -50.04 10.49
N GLY D 57 82.97 -50.97 9.81
CA GLY D 57 82.80 -50.88 8.39
C GLY D 57 84.11 -51.03 7.63
N CYS D 58 84.16 -50.42 6.45
CA CYS D 58 85.35 -50.45 5.61
C CYS D 58 85.89 -49.06 5.33
N TYR D 59 85.45 -48.04 6.06
CA TYR D 59 85.94 -46.66 5.94
C TYR D 59 85.78 -46.15 4.50
N SER D 60 84.52 -46.08 4.06
CA SER D 60 84.19 -45.72 2.69
C SER D 60 83.06 -44.70 2.68
N SER D 61 83.34 -43.53 2.11
CA SER D 61 82.35 -42.47 1.89
C SER D 61 81.56 -42.16 3.16
N LEU D 62 82.30 -41.74 4.19
CA LEU D 62 81.69 -41.30 5.44
C LEU D 62 81.38 -39.82 5.34
N THR D 63 80.10 -39.49 5.20
CA THR D 63 79.65 -38.11 5.14
C THR D 63 78.98 -37.73 6.46
N VAL D 64 79.25 -36.52 6.93
CA VAL D 64 78.71 -36.05 8.19
C VAL D 64 78.26 -34.60 8.03
N ASP D 65 77.01 -34.34 8.40
CA ASP D 65 76.47 -32.98 8.45
C ASP D 65 76.45 -32.50 9.89
N TYR D 66 76.70 -31.21 10.09
CA TYR D 66 76.71 -30.63 11.43
C TYR D 66 76.12 -29.22 11.38
N PHE D 67 75.41 -28.87 12.45
CA PHE D 67 74.76 -27.57 12.57
C PHE D 67 74.41 -27.35 14.03
N ALA D 68 73.81 -26.19 14.31
CA ALA D 68 73.36 -25.85 15.65
C ALA D 68 71.86 -26.07 15.73
N TYR D 69 71.43 -26.97 16.61
CA TYR D 69 70.03 -27.36 16.68
C TYR D 69 69.59 -27.48 18.13
N PRO D 70 68.57 -26.71 18.56
CA PRO D 70 68.12 -26.79 19.95
C PRO D 70 67.31 -28.05 20.20
N LEU D 71 67.41 -28.55 21.43
CA LEU D 71 66.67 -29.75 21.81
C LEU D 71 65.18 -29.50 21.94
N SER D 72 64.76 -28.24 22.09
CA SER D 72 63.33 -27.93 22.10
C SER D 72 62.68 -28.22 20.76
N MET D 73 63.48 -28.35 19.69
CA MET D 73 62.99 -28.70 18.37
C MET D 73 63.34 -30.14 18.01
N ARG D 74 63.70 -30.96 19.00
CA ARG D 74 64.18 -32.31 18.73
C ARG D 74 63.13 -33.16 18.03
N SER D 75 61.84 -32.89 18.28
CA SER D 75 60.79 -33.68 17.68
C SER D 75 60.66 -33.45 16.17
N TYR D 76 61.23 -32.37 15.65
CA TYR D 76 61.12 -32.04 14.23
C TYR D 76 62.33 -32.50 13.42
N ILE D 77 63.30 -33.15 14.06
CA ILE D 77 64.43 -33.74 13.35
C ILE D 77 64.28 -35.25 13.20
N GLN D 78 63.29 -35.85 13.87
CA GLN D 78 63.06 -37.29 13.78
C GLN D 78 62.49 -37.66 12.41
N PRO D 79 62.57 -38.94 12.04
CA PRO D 79 62.08 -39.34 10.71
C PRO D 79 60.57 -39.15 10.57
N GLY D 80 60.17 -38.71 9.38
CA GLY D 80 58.77 -38.49 9.09
C GLY D 80 58.11 -37.38 9.89
N SER D 81 58.88 -36.56 10.59
CA SER D 81 58.31 -35.54 11.45
C SER D 81 57.86 -34.34 10.63
N ALA D 82 56.61 -33.95 10.79
CA ALA D 82 56.13 -32.72 10.18
C ALA D 82 56.67 -31.52 10.93
N GLY D 83 56.58 -30.35 10.29
CA GLY D 83 57.09 -29.12 10.84
C GLY D 83 57.87 -28.34 9.81
N ASP D 84 58.39 -27.20 10.25
CA ASP D 84 59.12 -26.29 9.37
C ASP D 84 60.60 -26.63 9.26
N ILE D 85 61.09 -27.61 10.01
CA ILE D 85 62.47 -28.05 9.87
C ILE D 85 62.60 -29.00 8.69
N SER D 86 61.71 -30.00 8.62
CA SER D 86 61.77 -30.99 7.56
C SER D 86 61.39 -30.44 6.19
N LEU D 87 60.68 -29.31 6.15
CA LEU D 87 60.24 -28.73 4.89
C LEU D 87 61.10 -27.57 4.42
N TYR D 88 61.78 -26.86 5.32
CA TYR D 88 62.53 -25.67 4.95
C TYR D 88 63.93 -25.61 5.54
N ASN D 89 64.38 -26.66 6.23
CA ASN D 89 65.70 -26.59 6.86
C ASN D 89 66.50 -27.87 6.65
N TYR D 90 66.13 -28.96 7.32
CA TYR D 90 66.87 -30.21 7.18
C TYR D 90 65.92 -31.40 7.17
N LYS D 91 66.20 -32.34 6.28
CA LYS D 91 65.44 -33.59 6.17
C LYS D 91 66.43 -34.72 5.96
N GLN D 92 66.45 -35.68 6.89
CA GLN D 92 67.43 -36.75 6.84
C GLN D 92 67.10 -37.75 5.73
N SER D 93 68.14 -38.19 5.02
CA SER D 93 67.98 -39.14 3.92
C SER D 93 68.16 -40.55 4.47
N PHE D 94 67.12 -41.37 4.32
CA PHE D 94 67.08 -42.72 4.88
C PHE D 94 67.21 -43.79 3.80
N ALA D 95 68.04 -43.54 2.80
CA ALA D 95 68.30 -44.56 1.77
C ALA D 95 69.55 -45.38 2.07
N ASN D 96 70.56 -44.77 2.67
CA ASN D 96 71.81 -45.41 3.05
C ASN D 96 71.95 -45.39 4.57
N PRO D 97 72.85 -46.22 5.12
CA PRO D 97 73.03 -46.23 6.58
C PRO D 97 73.32 -44.84 7.13
N THR D 98 72.74 -44.54 8.29
CA THR D 98 72.86 -43.20 8.86
C THR D 98 72.67 -43.26 10.36
N CYS D 99 73.25 -42.26 11.03
CA CYS D 99 73.10 -42.05 12.47
C CYS D 99 72.76 -40.60 12.72
N ARG D 100 71.72 -40.36 13.51
CA ARG D 100 71.30 -39.02 13.88
C ARG D 100 71.74 -38.74 15.31
N VAL D 101 72.59 -37.73 15.49
CA VAL D 101 73.19 -37.41 16.77
C VAL D 101 72.82 -35.98 17.15
N LEU D 102 72.32 -35.80 18.36
CA LEU D 102 72.10 -34.49 18.95
C LEU D 102 72.86 -34.42 20.26
N ALA D 103 73.53 -33.30 20.51
CA ALA D 103 74.40 -33.21 21.67
C ALA D 103 74.59 -31.78 22.09
N THR D 104 74.76 -31.58 23.40
CA THR D 104 75.13 -30.30 23.96
C THR D 104 76.65 -30.19 24.06
N ALA D 105 77.15 -28.95 23.99
CA ALA D 105 78.60 -28.81 23.94
C ALA D 105 79.15 -28.37 25.29
N PRO D 106 80.29 -28.92 25.71
CA PRO D 106 80.91 -28.48 26.97
C PRO D 106 81.53 -27.09 26.86
N ALA D 107 82.06 -26.59 27.97
CA ALA D 107 82.54 -25.22 28.03
C ALA D 107 83.78 -25.03 27.14
N ASN D 108 83.81 -23.90 26.44
CA ASN D 108 84.89 -23.47 25.55
C ASN D 108 85.53 -24.64 24.81
N LEU D 109 84.70 -25.51 24.23
CA LEU D 109 85.20 -26.59 23.40
C LEU D 109 85.57 -26.05 22.03
N THR D 110 86.41 -25.00 22.01
CA THR D 110 86.70 -24.13 20.87
C THR D 110 85.50 -23.99 19.93
N LEU D 111 84.30 -23.91 20.51
CA LEU D 111 83.05 -23.76 19.77
C LEU D 111 82.44 -22.41 20.14
N THR D 112 82.32 -21.52 19.16
CA THR D 112 81.73 -20.22 19.40
C THR D 112 80.22 -20.35 19.54
N LYS D 113 79.60 -19.29 20.08
CA LYS D 113 78.17 -19.28 20.30
C LYS D 113 77.49 -18.38 19.28
N PRO D 114 76.58 -18.89 18.46
CA PRO D 114 75.80 -18.02 17.59
C PRO D 114 74.93 -17.07 18.41
N SER D 115 74.56 -15.95 17.78
CA SER D 115 73.72 -14.97 18.47
C SER D 115 72.40 -15.60 18.90
N ALA D 116 71.86 -16.49 18.07
CA ALA D 116 70.62 -17.20 18.37
C ALA D 116 70.47 -18.31 17.34
N TYR D 117 69.44 -19.13 17.53
CA TYR D 117 69.10 -20.15 16.56
C TYR D 117 68.15 -19.58 15.50
N GLY D 118 68.14 -20.22 14.34
CA GLY D 118 67.32 -19.74 13.25
C GLY D 118 66.88 -20.81 12.27
N TYR D 119 65.60 -20.79 11.91
CA TYR D 119 65.06 -21.68 10.90
C TYR D 119 64.02 -20.92 10.09
N PHE D 120 63.81 -21.37 8.85
CA PHE D 120 62.85 -20.73 7.95
C PHE D 120 61.47 -21.34 8.16
N GLN D 121 60.49 -20.51 8.53
CA GLN D 121 59.12 -20.96 8.70
C GLN D 121 58.32 -20.94 7.40
N LYS D 122 58.74 -20.13 6.42
CA LYS D 122 58.10 -20.08 5.12
C LYS D 122 59.15 -19.93 4.03
N CYS D 123 58.90 -20.60 2.90
CA CYS D 123 59.78 -20.52 1.73
C CYS D 123 58.93 -20.93 0.53
N SER D 124 58.35 -19.93 -0.14
CA SER D 124 57.35 -20.18 -1.16
C SER D 124 57.62 -19.30 -2.38
N ARG D 125 56.97 -19.68 -3.49
CA ARG D 125 57.02 -18.93 -4.74
C ARG D 125 55.65 -18.36 -5.04
N VAL D 126 55.59 -17.06 -5.31
CA VAL D 126 54.36 -16.37 -5.67
C VAL D 126 54.42 -16.13 -7.16
N SER D 127 53.73 -16.97 -7.93
CA SER D 127 53.79 -16.95 -9.38
C SER D 127 52.38 -16.83 -9.96
N GLY D 128 52.27 -17.09 -11.25
CA GLY D 128 51.02 -16.96 -11.97
C GLY D 128 50.71 -15.51 -12.33
N GLU D 129 49.73 -15.35 -13.22
CA GLU D 129 49.26 -14.02 -13.55
C GLU D 129 48.59 -13.40 -12.33
N HIS D 130 48.79 -12.10 -12.15
CA HIS D 130 48.31 -11.34 -11.01
C HIS D 130 48.95 -11.79 -9.69
N ASN D 131 49.93 -12.70 -9.75
CA ASN D 131 50.63 -13.22 -8.57
C ASN D 131 49.64 -13.78 -7.55
N SER D 132 48.88 -14.79 -7.99
CA SER D 132 47.83 -15.38 -7.17
C SER D 132 48.17 -16.74 -6.61
N VAL D 133 48.99 -17.53 -7.30
CA VAL D 133 49.31 -18.89 -6.87
C VAL D 133 50.54 -18.85 -5.97
N GLU D 134 50.43 -19.46 -4.79
CA GLU D 134 51.54 -19.59 -3.86
C GLU D 134 51.87 -21.08 -3.74
N THR D 135 52.95 -21.49 -4.39
CA THR D 135 53.39 -22.88 -4.33
C THR D 135 54.53 -23.00 -3.33
N PRO D 136 54.31 -23.61 -2.16
CA PRO D 136 55.40 -23.74 -1.18
C PRO D 136 56.49 -24.66 -1.70
N LEU D 137 57.74 -24.26 -1.47
CA LEU D 137 58.91 -24.99 -1.94
C LEU D 137 59.48 -25.80 -0.77
N TYR D 138 59.36 -27.12 -0.86
CA TYR D 138 59.84 -28.02 0.17
C TYR D 138 61.19 -28.61 -0.22
N ILE D 139 62.04 -28.82 0.78
CA ILE D 139 63.39 -29.31 0.54
C ILE D 139 63.35 -30.82 0.30
N ASN D 140 64.38 -31.32 -0.38
CA ASN D 140 64.64 -32.73 -0.62
C ASN D 140 65.63 -33.26 0.39
N PRO D 141 65.56 -34.55 0.73
CA PRO D 141 66.46 -35.10 1.76
C PRO D 141 67.91 -35.00 1.35
N GLY D 142 68.71 -34.34 2.19
CA GLY D 142 70.12 -34.14 1.94
C GLY D 142 70.47 -32.82 1.29
N GLU D 143 69.57 -32.27 0.48
CA GLU D 143 69.85 -31.02 -0.22
C GLU D 143 69.49 -29.83 0.67
N TYR D 144 69.79 -28.63 0.18
CA TYR D 144 69.57 -27.39 0.89
C TYR D 144 68.22 -26.78 0.51
N SER D 145 67.97 -25.57 1.00
CA SER D 145 66.78 -24.82 0.68
C SER D 145 67.12 -23.67 -0.26
N ILE D 146 66.13 -23.28 -1.07
CA ILE D 146 66.34 -22.17 -1.99
C ILE D 146 66.37 -20.85 -1.24
N CYS D 147 65.71 -20.78 -0.09
CA CYS D 147 65.73 -19.58 0.74
C CYS D 147 66.97 -19.48 1.61
N ARG D 148 67.93 -20.39 1.44
CA ARG D 148 69.17 -20.35 2.20
C ARG D 148 69.97 -19.09 1.88
N SER D 149 69.88 -18.59 0.64
CA SER D 149 70.68 -17.44 0.24
C SER D 149 70.34 -16.22 1.07
N PHE D 150 69.06 -15.97 1.32
CA PHE D 150 68.67 -14.97 2.31
C PHE D 150 69.30 -15.32 3.65
N SER D 151 69.93 -14.32 4.29
CA SER D 151 70.38 -14.37 5.68
C SER D 151 70.95 -15.71 6.10
N PRO D 152 72.13 -16.11 5.61
CA PRO D 152 72.76 -17.31 6.17
C PRO D 152 73.27 -17.08 7.58
N TYR D 153 73.62 -15.84 7.93
CA TYR D 153 74.13 -15.54 9.25
C TYR D 153 73.04 -15.68 10.31
N GLY D 154 71.83 -15.25 9.98
CA GLY D 154 70.72 -15.32 10.92
C GLY D 154 69.69 -14.25 10.61
N PHE D 155 68.68 -14.21 11.46
CA PHE D 155 67.60 -13.24 11.34
C PHE D 155 67.65 -12.25 12.50
N SER D 156 67.45 -10.97 12.19
CA SER D 156 67.44 -9.95 13.23
C SER D 156 66.13 -9.92 14.00
N GLU D 157 65.09 -10.55 13.47
CA GLU D 157 63.78 -10.56 14.12
C GLU D 157 63.06 -11.83 13.74
N ASP D 158 62.26 -12.35 14.68
CA ASP D 158 61.40 -13.48 14.39
C ASP D 158 60.29 -13.01 13.45
N GLY D 159 60.16 -13.69 12.32
CA GLY D 159 59.25 -13.22 11.29
C GLY D 159 59.88 -12.28 10.30
N GLU D 160 61.18 -12.38 10.08
CA GLU D 160 61.89 -11.50 9.15
C GLU D 160 61.57 -11.93 7.72
N VAL D 161 61.07 -10.99 6.92
CA VAL D 161 60.62 -11.28 5.56
C VAL D 161 61.73 -10.97 4.58
N PHE D 162 61.86 -11.81 3.56
CA PHE D 162 62.83 -11.61 2.49
C PHE D 162 62.13 -11.79 1.14
N ARG D 163 62.64 -11.10 0.13
CA ARG D 163 61.99 -11.09 -1.17
C ARG D 163 63.04 -11.01 -2.27
N ARG D 164 62.78 -11.74 -3.35
CA ARG D 164 63.67 -11.76 -4.51
C ARG D 164 62.87 -12.16 -5.74
N GLN D 165 63.22 -11.59 -6.88
CA GLN D 165 62.60 -11.95 -8.15
C GLN D 165 63.30 -13.16 -8.73
N LEU D 166 62.55 -14.23 -8.95
CA LEU D 166 63.10 -15.45 -9.55
C LEU D 166 63.21 -15.23 -11.05
N THR D 167 64.45 -15.24 -11.56
CA THR D 167 64.70 -14.93 -12.95
C THR D 167 64.00 -15.94 -13.87
N GLN D 168 64.00 -15.62 -15.17
CA GLN D 168 63.38 -16.50 -16.15
C GLN D 168 63.96 -17.90 -16.10
N TYR D 169 65.28 -18.00 -15.89
CA TYR D 169 65.95 -19.29 -15.74
C TYR D 169 65.71 -19.92 -14.39
N GLU D 170 65.19 -19.17 -13.42
CA GLU D 170 64.76 -19.70 -12.13
C GLU D 170 63.27 -19.98 -12.06
N GLY D 171 62.58 -20.04 -13.18
CA GLY D 171 61.17 -20.40 -13.22
C GLY D 171 60.22 -19.23 -13.31
N GLY D 172 60.60 -18.07 -12.77
CA GLY D 172 59.74 -16.91 -12.78
C GLY D 172 58.97 -16.76 -11.49
N GLY D 173 58.51 -15.55 -11.25
CA GLY D 173 57.79 -15.24 -10.03
C GLY D 173 58.66 -14.58 -8.98
N ILE D 174 58.21 -14.67 -7.74
CA ILE D 174 58.88 -14.05 -6.61
C ILE D 174 59.10 -15.11 -5.54
N LEU D 175 60.34 -15.22 -5.06
CA LEU D 175 60.68 -16.09 -3.95
C LEU D 175 60.55 -15.31 -2.64
N VAL D 176 59.73 -15.81 -1.73
CA VAL D 176 59.51 -15.19 -0.43
C VAL D 176 59.94 -16.17 0.65
N GLY D 177 60.81 -15.72 1.53
CA GLY D 177 61.25 -16.53 2.65
C GLY D 177 61.13 -15.79 3.96
N VAL D 178 60.47 -16.40 4.93
CA VAL D 178 60.25 -15.78 6.25
C VAL D 178 61.08 -16.56 7.27
N GLY D 179 61.84 -15.83 8.07
CA GLY D 179 62.69 -16.45 9.07
C GLY D 179 62.03 -16.56 10.43
N ALA D 180 62.50 -17.53 11.20
CA ALA D 180 62.06 -17.74 12.57
C ALA D 180 63.30 -17.81 13.46
N LYS D 181 63.26 -17.09 14.57
CA LYS D 181 64.41 -16.93 15.45
C LYS D 181 64.10 -17.51 16.83
N LEU D 182 64.96 -18.40 17.30
CA LEU D 182 64.86 -19.00 18.62
C LEU D 182 65.97 -18.48 19.51
N ALA D 183 65.64 -18.27 20.79
CA ALA D 183 66.60 -17.71 21.73
C ALA D 183 67.78 -18.65 21.95
N MET D 184 68.87 -18.09 22.47
CA MET D 184 70.09 -18.85 22.68
C MET D 184 70.01 -19.62 23.98
N THR D 185 70.24 -20.93 23.90
CA THR D 185 70.31 -21.75 25.10
C THR D 185 71.60 -21.47 25.86
N ASP D 186 71.58 -21.71 27.17
CA ASP D 186 72.74 -21.43 27.99
C ASP D 186 73.95 -22.26 27.57
N LYS D 187 73.72 -23.46 27.05
CA LYS D 187 74.79 -24.30 26.50
C LYS D 187 74.55 -24.53 25.03
N LEU D 188 75.63 -24.62 24.27
CA LEU D 188 75.55 -24.78 22.82
C LEU D 188 75.02 -26.16 22.48
N GLU D 189 73.83 -26.21 21.88
CA GLU D 189 73.21 -27.45 21.46
C GLU D 189 73.42 -27.67 19.97
N MET D 190 73.77 -28.90 19.59
CA MET D 190 74.20 -29.21 18.24
C MET D 190 73.42 -30.41 17.72
N GLY D 191 73.69 -30.77 16.46
CA GLY D 191 73.09 -31.91 15.81
C GLY D 191 73.93 -32.43 14.66
N PHE D 192 74.09 -33.74 14.57
CA PHE D 192 74.97 -34.35 13.58
C PHE D 192 74.29 -35.53 12.90
N ILE D 193 74.46 -35.63 11.58
CA ILE D 193 73.93 -36.72 10.78
C ILE D 193 75.10 -37.37 10.06
N ILE D 194 75.28 -38.67 10.27
CA ILE D 194 76.44 -39.40 9.76
C ILE D 194 75.95 -40.50 8.83
N SER D 195 76.17 -40.34 7.54
CA SER D 195 75.76 -41.31 6.54
C SER D 195 76.98 -41.95 5.88
N VAL D 196 76.88 -43.25 5.60
CA VAL D 196 77.97 -44.04 5.03
C VAL D 196 77.45 -44.79 3.81
N GLN D 197 78.28 -44.89 2.78
CA GLN D 197 77.96 -45.62 1.57
C GLN D 197 78.98 -46.73 1.34
N TYR D 198 78.57 -47.73 0.56
CA TYR D 198 79.41 -48.86 0.20
C TYR D 198 79.92 -48.69 -1.23
N GLY D 199 80.59 -49.72 -1.75
CA GLY D 199 81.13 -49.64 -3.09
C GLY D 199 81.33 -51.02 -3.69
N THR D 200 81.49 -51.03 -5.01
CA THR D 200 81.70 -52.26 -5.77
C THR D 200 83.17 -52.57 -6.00
N ASP D 201 84.08 -51.66 -5.62
CA ASP D 201 85.49 -51.85 -5.90
C ASP D 201 86.18 -52.18 -4.59
N THR D 202 86.64 -51.19 -3.82
CA THR D 202 87.31 -51.44 -2.56
C THR D 202 86.70 -50.57 -1.47
N ASN D 203 86.79 -51.05 -0.23
CA ASN D 203 86.26 -50.34 0.93
C ASN D 203 84.79 -50.00 0.79
C1 NAG E . 12.13 -9.77 35.82
C2 NAG E . 13.43 -9.29 36.45
C3 NAG E . 14.33 -10.46 36.79
C4 NAG E . 13.59 -11.34 37.78
C5 NAG E . 12.35 -11.89 37.09
C6 NAG E . 11.51 -12.79 37.99
C7 NAG E . 14.37 -7.09 36.01
C8 NAG E . 13.90 -6.74 37.39
N2 NAG E . 14.12 -8.33 35.60
O3 NAG E . 15.55 -9.99 37.33
O4 NAG E . 14.41 -12.35 38.34
O5 NAG E . 11.50 -10.80 36.68
O6 NAG E . 10.40 -13.33 37.28
O7 NAG E . 14.97 -6.28 35.30
C1 NAG E . 14.77 -11.88 39.67
C2 NAG E . 15.90 -12.76 40.24
C3 NAG E . 16.45 -12.17 41.56
C4 NAG E . 16.74 -10.69 41.44
C5 NAG E . 15.49 -9.97 40.91
C6 NAG E . 15.68 -8.48 40.73
C7 NAG E . 16.22 -15.19 40.42
C8 NAG E . 15.56 -16.51 40.68
N2 NAG E . 15.43 -14.12 40.45
O3 NAG E . 17.65 -12.84 41.90
O4 NAG E . 17.09 -10.14 42.70
O5 NAG E . 15.18 -10.51 39.63
O6 NAG E . 16.71 -8.19 39.80
O7 NAG E . 17.42 -15.10 40.20
C1 NAG F . 60.19 1.13 12.10
C2 NAG F . 61.05 0.21 12.96
C3 NAG F . 62.49 0.74 13.05
C4 NAG F . 63.05 1.00 11.65
C5 NAG F . 62.08 1.87 10.84
C6 NAG F . 62.51 2.03 9.40
C7 NAG F . 59.86 -1.04 14.71
C8 NAG F . 59.35 -1.02 16.13
N2 NAG F . 60.49 0.06 14.30
O3 NAG F . 63.31 -0.20 13.73
O4 NAG F . 64.28 1.70 11.78
O5 NAG F . 60.78 1.26 10.82
O6 NAG F . 61.77 3.07 8.77
O7 NAG F . 59.71 -2.02 13.99
C1 NAG F . 65.37 1.02 11.11
C2 NAG F . 66.44 2.06 10.78
C3 NAG F . 67.65 1.39 10.13
C4 NAG F . 68.15 0.24 10.98
C5 NAG F . 67.02 -0.73 11.29
C6 NAG F . 67.41 -1.83 12.24
C7 NAG F . 65.38 4.24 10.40
C8 NAG F . 64.89 5.22 9.37
N2 NAG F . 65.91 3.11 9.93
O3 NAG F . 68.68 2.35 9.93
O4 NAG F . 69.19 -0.46 10.31
O5 NAG F . 65.94 -0.01 11.92
O6 NAG F . 67.27 -1.43 13.59
O7 NAG F . 65.30 4.47 11.61
C1 NAG G . 45.02 -6.03 -10.32
C2 NAG G . 44.15 -6.95 -11.09
C3 NAG G . 44.56 -6.91 -12.57
C4 NAG G . 45.11 -5.55 -13.02
C5 NAG G . 45.34 -4.47 -11.96
C6 NAG G . 44.78 -3.13 -12.35
C7 NAG G . 43.27 -9.17 -10.44
C8 NAG G . 43.62 -10.49 -9.80
N2 NAG G . 44.28 -8.30 -10.55
O3 NAG G . 43.45 -7.26 -13.40
O4 NAG G . 46.37 -5.75 -13.63
O5 NAG G . 44.76 -4.77 -10.68
O6 NAG G . 45.34 -2.11 -11.52
O7 NAG G . 42.14 -8.92 -10.81
C1 NAG G . 46.38 -5.65 -15.06
C2 NAG G . 47.49 -4.70 -15.50
C3 NAG G . 47.63 -4.70 -17.02
C4 NAG G . 47.75 -6.12 -17.56
C5 NAG G . 46.59 -6.95 -17.06
C6 NAG G . 46.67 -8.40 -17.48
C7 NAG G . 48.25 -2.60 -14.48
C8 NAG G . 47.85 -1.22 -14.04
N2 NAG G . 47.28 -3.36 -15.00
O3 NAG G . 48.75 -3.91 -17.40
O4 NAG G . 47.72 -6.10 -18.98
O5 NAG G . 46.56 -6.93 -15.63
O6 NAG G . 45.86 -8.66 -18.62
O7 NAG G . 49.40 -3.01 -14.36
C1 NAG H . -53.70 -27.97 12.91
C2 NAG H . -54.49 -27.20 13.94
C3 NAG H . -55.91 -26.97 13.41
C4 NAG H . -55.95 -26.56 11.94
C5 NAG H . -54.83 -27.14 11.07
C6 NAG H . -54.57 -26.34 9.82
C7 NAG H . -54.92 -27.32 16.35
C8 NAG H . -54.87 -28.19 17.57
N2 NAG H . -54.52 -27.90 15.21
O3 NAG H . -56.54 -25.96 14.20
O4 NAG H . -57.12 -27.13 11.36
O5 NAG H . -53.58 -27.22 11.78
O6 NAG H . -53.21 -26.42 9.43
O7 NAG H . -55.29 -26.15 16.40
C1 NAG H . -58.21 -26.24 11.19
C2 NAG H . -59.06 -26.85 10.07
C3 NAG H . -60.38 -26.09 9.92
C4 NAG H . -61.08 -25.94 11.26
C5 NAG H . -60.12 -25.29 12.24
C6 NAG H . -60.69 -25.10 13.62
C7 NAG H . -58.70 -27.53 7.73
C8 NAG H . -57.81 -27.40 6.53
N2 NAG H . -58.32 -26.86 8.82
O3 NAG H . -61.23 -26.79 9.01
O4 NAG H . -62.25 -25.15 11.13
O5 NAG H . -58.97 -26.13 12.38
O6 NAG H . -59.90 -24.22 14.39
O7 NAG H . -59.72 -28.21 7.71
C1 NAG I . -47.91 9.25 -26.93
C2 NAG I . -49.30 9.84 -26.83
C3 NAG I . -49.71 10.41 -28.18
C4 NAG I . -48.69 11.42 -28.67
C5 NAG I . -47.24 10.92 -28.53
C6 NAG I . -46.24 12.05 -28.57
C7 NAG I . -50.82 8.93 -25.15
C8 NAG I . -51.80 7.84 -24.82
N2 NAG I . -50.26 8.87 -26.37
O3 NAG I . -50.97 11.04 -28.02
O4 NAG I . -48.92 11.67 -30.05
O5 NAG I . -47.01 10.25 -27.28
O6 NAG I . -44.91 11.58 -28.42
O7 NAG I . -50.55 9.82 -24.36
C1 NAG I . -49.28 13.04 -30.27
C2 NAG I . -48.54 13.53 -31.51
C3 NAG I . -48.96 14.97 -31.83
C4 NAG I . -50.47 15.08 -31.94
C5 NAG I . -51.15 14.49 -30.70
C6 NAG I . -52.65 14.40 -30.84
C7 NAG I . -46.34 12.54 -31.97
C8 NAG I . -44.87 12.60 -31.70
N2 NAG I . -47.10 13.44 -31.35
O3 NAG I . -48.36 15.35 -33.07
O4 NAG I . -50.83 16.46 -32.03
O5 NAG I . -50.68 13.15 -30.48
O6 NAG I . -53.04 13.66 -31.99
O7 NAG I . -46.82 11.70 -32.74
C1 NAG J . -29.14 19.46 -8.00
C2 NAG J . -29.04 20.72 -7.16
C3 NAG J . -28.81 21.93 -8.06
C4 NAG J . -27.59 21.72 -8.95
C5 NAG J . -27.72 20.40 -9.70
C6 NAG J . -26.48 20.04 -10.49
C7 NAG J . -30.27 20.70 -5.03
C8 NAG J . -31.57 20.94 -4.35
N2 NAG J . -30.24 20.91 -6.35
O3 NAG J . -28.61 23.09 -7.25
O4 NAG J . -27.47 22.77 -9.88
O5 NAG J . -27.95 19.32 -8.79
O6 NAG J . -26.81 19.49 -11.76
O7 NAG J . -29.26 20.36 -4.41
C1 NAG J . -26.43 23.69 -9.49
C2 NAG J . -25.73 24.21 -10.75
C3 NAG J . -24.67 25.24 -10.38
C4 NAG J . -25.27 26.34 -9.52
C5 NAG J . -25.98 25.73 -8.30
C6 NAG J . -26.71 26.76 -7.46
C7 NAG J . -25.44 22.85 -12.78
C8 NAG J . -24.71 21.69 -13.39
N2 NAG J . -25.13 23.12 -11.50
O3 NAG J . -24.11 25.81 -11.55
O4 NAG J . -24.26 27.24 -9.08
O5 NAG J . -26.97 24.79 -8.75
O6 NAG J . -26.68 26.42 -6.08
O7 NAG J . -26.26 23.52 -13.39
C1 NAG K . 61.65 -5.73 29.43
C2 NAG K . 62.73 -5.52 30.48
C3 NAG K . 63.12 -4.04 30.53
C4 NAG K . 63.51 -3.55 29.14
C5 NAG K . 62.40 -3.86 28.13
C6 NAG K . 62.79 -3.53 26.71
C7 NAG K . 62.67 -7.15 32.31
C8 NAG K . 62.15 -7.47 33.68
N2 NAG K . 62.31 -5.97 31.79
O3 NAG K . 64.21 -3.85 31.42
O4 NAG K . 63.73 -2.14 29.16
O5 NAG K . 62.09 -5.26 28.16
O6 NAG K . 63.81 -2.55 26.66
O7 NAG K . 63.41 -7.93 31.69
C1 NAG L . 17.31 10.69 38.23
C2 NAG L . 15.81 10.82 38.57
C3 NAG L . 15.17 12.03 37.88
C4 NAG L . 16.01 13.29 38.09
C5 NAG L . 17.42 13.03 37.62
C6 NAG L . 18.35 14.19 37.84
C7 NAG L . 14.01 9.16 38.81
C8 NAG L . 13.42 7.88 38.27
N2 NAG L . 15.11 9.60 38.19
O3 NAG L . 13.86 12.24 38.39
O4 NAG L . 15.47 14.39 37.37
O5 NAG L . 17.95 11.95 38.38
O6 NAG L . 19.71 13.76 37.85
O7 NAG L . 13.52 9.74 39.77
C1 GOL M . 35.14 11.05 0.48
O1 GOL M . 34.12 11.95 0.79
C2 GOL M . 36.32 11.38 1.40
O2 GOL M . 36.79 10.25 2.06
C3 GOL M . 37.36 12.01 0.46
O3 GOL M . 36.80 13.17 -0.05
C1 NAG N . -46.39 -36.36 -3.96
C2 NAG N . -44.94 -36.75 -4.25
C3 NAG N . -44.54 -37.96 -3.42
C4 NAG N . -44.80 -37.69 -1.95
C5 NAG N . -46.26 -37.29 -1.74
C6 NAG N . -46.58 -36.91 -0.31
C7 NAG N . -44.48 -36.08 -6.57
C8 NAG N . -44.32 -36.55 -7.99
N2 NAG N . -44.75 -37.02 -5.68
O3 NAG N . -43.15 -38.23 -3.62
O4 NAG N . -44.53 -38.86 -1.18
O5 NAG N . -46.56 -36.14 -2.55
O6 NAG N . -45.40 -36.63 0.43
O7 NAG N . -44.37 -34.89 -6.27
C1 NAG O . -52.68 -20.68 -26.34
C2 NAG O . -54.20 -20.88 -26.30
C3 NAG O . -54.56 -22.34 -26.56
C4 NAG O . -53.92 -22.81 -27.85
C5 NAG O . -52.42 -22.55 -27.84
C6 NAG O . -51.75 -22.88 -29.16
C7 NAG O . -56.01 -19.98 -24.90
C8 NAG O . -56.42 -19.57 -23.52
N2 NAG O . -54.75 -20.43 -25.03
O3 NAG O . -55.97 -22.49 -26.62
O4 NAG O . -54.15 -24.21 -28.02
O5 NAG O . -52.17 -21.16 -27.59
O6 NAG O . -50.74 -21.93 -29.49
O7 NAG O . -56.78 -19.92 -25.85
C1 NAG P . -64.93 1.90 -25.81
C2 NAG P . -66.10 1.61 -26.75
C3 NAG P . -65.60 1.00 -28.06
C4 NAG P . -64.52 1.88 -28.68
C5 NAG P . -63.41 2.14 -27.68
C6 NAG P . -62.35 3.08 -28.18
C7 NAG P . -68.19 1.15 -25.54
C8 NAG P . -69.06 0.09 -24.93
N2 NAG P . -67.06 0.72 -26.11
O3 NAG P . -66.69 0.85 -28.95
O4 NAG P . -63.98 1.26 -29.84
O5 NAG P . -63.96 2.72 -26.48
O6 NAG P . -62.85 3.94 -29.19
O7 NAG P . -68.50 2.34 -25.51
#